data_3L7K
#
_entry.id   3L7K
#
_cell.length_a   222.040
_cell.length_b   222.040
_cell.length_c   100.910
_cell.angle_alpha   90.00
_cell.angle_beta   90.00
_cell.angle_gamma   90.00
#
_symmetry.space_group_name_H-M   'P 41 21 2'
#
loop_
_entity.id
_entity.type
_entity.pdbx_description
1 polymer 'Teichoic acid biosynthesis protein F'
2 non-polymer 'SULFATE ION'
3 non-polymer 'CHLORIDE ION'
4 non-polymer '{[-(BIS-CARBOXYMETHYL-AMINO)-ETHYL]-CARBOXYMETHYL-AMINO}-ACETIC ACID'
5 non-polymer "[CYTIDINE-5'-PHOSPHATE] GLYCERYLPHOSPHORIC ACID ESTER"
6 non-polymer 1,2-ETHANEDIOL
7 water water
#
_entity_poly.entity_id   1
_entity_poly.type   'polypeptide(L)'
_entity_poly.pdbx_seq_one_letter_code
;MNKLTIIVTYYNAEEYITGCLESIKQQRTQDFNLIIVNDGSTDQSKKLMDEAIKDYDKNIRFIDLDENSGHAHARNIALE
EVETPYFMFLDADDELASYAITFYLEKFNNTDGLIAPIHSFTTQRPQFVDLDRVRVEYFNAKENINSFLRKQSACNIIFR
TAIVRAHHIRFNENLNTYVDWSFVLEYMKYVNKFVRIFNFPFYFRGEVYDPFETLTLSEQNFDILFKDYVNSFYDAIKRA
TNPKVREFIVTKMGNKIANEFEPTRYDINERYQTHKDTLVELSKFLHVHLVKNQKLINKIETILLMNNETDKAFKVNQFR
KTLRHVKNIVLRRKNKERSLYDLTDKEDNVKPKTIVFESFGGKNYSDSPKYIYEYMQKYYPNYRYIWSFKNPDKNVVPGS
AEKVKRNSAEYYQAYSEASHWVSNARTPLYLNKKENQTYIQTWNGTPLKRLANDMKVVRMPGTTTPKYKRNFNRETSRWD
YLISPNRYSTEIFRSAFWMDEERILEIGYPRNDVLVNRANDQEYLDEIRTHLNLPSDKKVIMYAPTWRDDEFVSKGKYLF
ELKIDLDNLYKELGDDYVILLRMHYLISNALDLSGYENFAIDVSNYNDVSELFLISDCLITDYSSVMFDYGILKRPQFFF
AYDIDKYDKGLRGFYMNYMEDLPGPIYTEPYGLAKELKNLDKVQQQYQEKIDAFYDRFCSVDNGKASQYIGDLIHKDIKE
QLEHHHHHH
;
_entity_poly.pdbx_strand_id   A,B,C,D
#
# COMPACT_ATOMS: atom_id res chain seq x y z
N PHE A 314 -7.67 -15.25 3.65
CA PHE A 314 -6.90 -14.33 2.80
C PHE A 314 -5.53 -14.92 2.42
N LYS A 315 -5.46 -15.51 1.24
CA LYS A 315 -4.32 -16.32 0.83
C LYS A 315 -3.17 -15.50 0.24
N VAL A 316 -1.93 -15.94 0.47
CA VAL A 316 -0.74 -15.17 0.04
C VAL A 316 -0.61 -15.07 -1.48
N ASN A 317 -1.17 -16.02 -2.21
CA ASN A 317 -1.08 -15.95 -3.66
C ASN A 317 -2.05 -14.94 -4.27
N GLN A 318 -3.30 -14.93 -3.79
CA GLN A 318 -4.27 -13.92 -4.23
C GLN A 318 -3.81 -12.52 -3.86
N PHE A 319 -3.16 -12.38 -2.72
CA PHE A 319 -2.68 -11.08 -2.28
C PHE A 319 -1.61 -10.51 -3.19
N ARG A 320 -0.74 -11.36 -3.73
CA ARG A 320 0.27 -10.89 -4.64
C ARG A 320 -0.33 -10.49 -5.98
N LYS A 321 -1.27 -11.30 -6.48
CA LYS A 321 -1.92 -11.01 -7.75
C LYS A 321 -2.76 -9.76 -7.58
N THR A 322 -3.18 -9.52 -6.35
CA THR A 322 -4.03 -8.39 -6.04
C THR A 322 -3.25 -7.09 -6.09
N LEU A 323 -2.16 -7.05 -5.35
CA LEU A 323 -1.35 -5.84 -5.30
C LEU A 323 -0.82 -5.55 -6.68
N ARG A 324 -0.45 -6.59 -7.41
CA ARG A 324 0.09 -6.40 -8.75
C ARG A 324 -0.91 -5.62 -9.59
N HIS A 325 -2.15 -6.06 -9.52
CA HIS A 325 -3.21 -5.45 -10.31
C HIS A 325 -3.50 -3.99 -9.96
N VAL A 326 -3.52 -3.68 -8.67
CA VAL A 326 -3.73 -2.33 -8.17
C VAL A 326 -2.71 -1.42 -8.80
N LYS A 327 -1.46 -1.89 -8.84
CA LYS A 327 -0.38 -1.15 -9.47
C LYS A 327 -0.61 -0.97 -10.96
N ASN A 328 -1.07 -2.01 -11.62
CA ASN A 328 -1.38 -1.86 -13.02
C ASN A 328 -2.54 -0.90 -13.27
N ILE A 329 -3.64 -1.07 -12.55
CA ILE A 329 -4.78 -0.16 -12.68
C ILE A 329 -4.43 1.31 -12.45
N VAL A 330 -3.71 1.60 -11.36
CA VAL A 330 -3.42 2.97 -10.96
C VAL A 330 -2.39 3.62 -11.88
N LEU A 331 -1.43 2.82 -12.35
CA LEU A 331 -0.34 3.33 -13.16
C LEU A 331 -0.68 3.30 -14.65
N ARG A 332 -1.89 2.85 -14.98
CA ARG A 332 -2.38 2.82 -16.34
C ARG A 332 -1.54 1.92 -17.25
N ARG A 333 -1.04 0.82 -16.68
CA ARG A 333 -0.24 -0.16 -17.42
C ARG A 333 -1.09 -0.96 -18.42
N LYS A 334 -0.47 -1.38 -19.52
CA LYS A 334 -1.21 -2.09 -20.56
C LYS A 334 -1.57 -3.49 -20.07
N ASN A 335 -0.80 -3.98 -19.10
CA ASN A 335 -1.01 -5.35 -18.62
C ASN A 335 -2.17 -5.50 -17.67
N LYS A 336 -2.79 -4.39 -17.26
CA LYS A 336 -3.96 -4.48 -16.40
C LYS A 336 -4.90 -5.59 -16.86
N GLU A 337 -4.91 -5.85 -18.17
CA GLU A 337 -5.77 -6.88 -18.74
C GLU A 337 -5.36 -8.25 -18.23
N ARG A 338 -4.05 -8.43 -18.14
CA ARG A 338 -3.42 -9.65 -17.64
C ARG A 338 -3.66 -9.83 -16.15
N SER A 339 -3.33 -8.79 -15.40
CA SER A 339 -3.39 -8.83 -13.94
C SER A 339 -4.80 -9.09 -13.47
N LEU A 340 -5.76 -8.54 -14.19
CA LEU A 340 -7.16 -8.82 -13.90
C LEU A 340 -7.44 -10.31 -14.11
N TYR A 341 -7.12 -10.78 -15.30
CA TYR A 341 -7.33 -12.18 -15.66
C TYR A 341 -6.72 -13.14 -14.63
N ASP A 342 -5.54 -12.82 -14.13
CA ASP A 342 -4.85 -13.70 -13.19
C ASP A 342 -5.64 -13.84 -11.89
N LEU A 343 -6.31 -12.76 -11.50
CA LEU A 343 -7.12 -12.73 -10.29
C LEU A 343 -8.38 -13.58 -10.40
N THR A 344 -9.21 -13.27 -11.39
CA THR A 344 -10.54 -13.85 -11.50
C THR A 344 -10.56 -15.28 -12.01
N ASP A 345 -9.47 -15.69 -12.66
CA ASP A 345 -9.37 -17.03 -13.24
C ASP A 345 -9.61 -18.10 -12.20
N LYS A 346 -10.36 -19.13 -12.57
CA LYS A 346 -10.72 -20.23 -11.68
C LYS A 346 -11.41 -21.28 -12.53
N GLU A 347 -11.43 -22.53 -12.09
CA GLU A 347 -12.03 -23.61 -12.88
C GLU A 347 -13.42 -23.31 -13.46
N ASP A 348 -14.25 -22.62 -12.68
CA ASP A 348 -15.67 -22.45 -13.01
C ASP A 348 -15.97 -21.71 -14.30
N ASN A 349 -14.97 -21.03 -14.84
CA ASN A 349 -15.17 -20.25 -16.06
C ASN A 349 -15.16 -21.12 -17.31
N VAL A 350 -14.79 -22.40 -17.14
CA VAL A 350 -14.50 -23.26 -18.28
C VAL A 350 -15.74 -23.87 -18.88
N LYS A 351 -16.18 -23.33 -20.01
CA LYS A 351 -17.27 -23.90 -20.77
C LYS A 351 -16.70 -25.02 -21.64
N PRO A 352 -17.18 -26.27 -21.45
CA PRO A 352 -16.54 -27.42 -22.11
C PRO A 352 -16.69 -27.41 -23.63
N LYS A 353 -17.55 -26.57 -24.17
CA LYS A 353 -17.69 -26.52 -25.61
C LYS A 353 -17.03 -25.29 -26.23
N THR A 354 -15.98 -24.78 -25.59
CA THR A 354 -15.16 -23.69 -26.16
C THR A 354 -13.75 -24.15 -26.53
N ILE A 355 -13.34 -23.82 -27.74
CA ILE A 355 -12.01 -24.18 -28.21
C ILE A 355 -11.23 -22.98 -28.78
N VAL A 356 -10.05 -22.70 -28.25
CA VAL A 356 -9.22 -21.65 -28.81
C VAL A 356 -8.16 -22.21 -29.71
N PHE A 357 -7.88 -21.50 -30.80
CA PHE A 357 -6.85 -21.87 -31.75
C PHE A 357 -5.89 -20.71 -31.86
N GLU A 358 -4.61 -20.99 -31.92
CA GLU A 358 -3.63 -19.95 -32.20
C GLU A 358 -2.58 -20.62 -33.03
N SER A 359 -2.12 -19.93 -34.06
CA SER A 359 -1.14 -20.53 -34.92
C SER A 359 0.09 -19.66 -34.96
N PHE A 360 1.26 -20.27 -34.82
CA PHE A 360 2.52 -19.53 -34.79
C PHE A 360 2.48 -18.26 -33.93
N GLY A 361 1.89 -18.37 -32.74
CA GLY A 361 1.84 -17.26 -31.81
C GLY A 361 0.96 -16.13 -32.29
N GLY A 362 -0.02 -16.46 -33.12
CA GLY A 362 -1.05 -15.54 -33.55
C GLY A 362 -0.73 -14.63 -34.71
N LYS A 363 0.16 -15.05 -35.60
CA LYS A 363 0.46 -14.22 -36.75
C LYS A 363 -0.44 -14.60 -37.89
N ASN A 364 -0.86 -15.86 -37.91
CA ASN A 364 -1.53 -16.40 -39.07
C ASN A 364 -2.79 -17.09 -38.72
N TYR A 365 -3.57 -17.38 -39.76
CA TYR A 365 -4.53 -18.47 -39.71
C TYR A 365 -3.96 -19.51 -40.67
N SER A 366 -3.23 -20.47 -40.12
CA SER A 366 -2.47 -21.38 -40.96
C SER A 366 -2.18 -22.71 -40.29
N ASP A 367 -1.31 -23.49 -40.91
CA ASP A 367 -0.77 -24.70 -40.31
C ASP A 367 -1.81 -25.65 -39.73
N SER A 368 -1.34 -26.47 -38.78
CA SER A 368 -2.09 -27.62 -38.29
C SER A 368 -3.34 -27.26 -37.48
N PRO A 369 -3.31 -26.10 -36.79
CA PRO A 369 -4.57 -25.74 -36.12
C PRO A 369 -5.65 -25.37 -37.13
N LYS A 370 -5.26 -24.83 -38.28
CA LYS A 370 -6.23 -24.46 -39.31
C LYS A 370 -6.97 -25.70 -39.79
N TYR A 371 -6.25 -26.80 -39.93
CA TYR A 371 -6.87 -28.03 -40.41
C TYR A 371 -7.62 -28.80 -39.31
N ILE A 372 -7.09 -28.77 -38.09
CA ILE A 372 -7.79 -29.35 -36.97
C ILE A 372 -9.03 -28.51 -36.77
N TYR A 373 -9.02 -27.32 -37.36
CA TYR A 373 -10.17 -26.43 -37.26
C TYR A 373 -11.14 -26.67 -38.39
N GLU A 374 -10.66 -26.53 -39.62
CA GLU A 374 -11.53 -26.71 -40.77
C GLU A 374 -12.27 -28.05 -40.74
N TYR A 375 -11.66 -29.06 -40.13
CA TYR A 375 -12.30 -30.36 -39.94
C TYR A 375 -13.44 -30.25 -38.94
N MET A 376 -13.19 -29.63 -37.81
CA MET A 376 -14.24 -29.52 -36.81
C MET A 376 -15.37 -28.60 -37.24
N GLN A 377 -15.06 -27.54 -37.97
CA GLN A 377 -16.12 -26.70 -38.52
C GLN A 377 -17.11 -27.47 -39.39
N LYS A 378 -16.63 -28.53 -40.03
CA LYS A 378 -17.48 -29.35 -40.90
C LYS A 378 -18.33 -30.34 -40.11
N TYR A 379 -17.70 -31.05 -39.16
CA TYR A 379 -18.34 -32.17 -38.46
C TYR A 379 -18.83 -31.84 -37.04
N TYR A 380 -18.52 -30.64 -36.56
CA TYR A 380 -18.88 -30.29 -35.19
C TYR A 380 -19.19 -28.81 -35.00
N PRO A 381 -20.09 -28.24 -35.83
CA PRO A 381 -20.37 -26.80 -35.83
C PRO A 381 -21.03 -26.39 -34.53
N ASN A 382 -21.34 -27.39 -33.69
CA ASN A 382 -22.03 -27.17 -32.43
C ASN A 382 -21.27 -26.19 -31.51
N TYR A 383 -19.96 -26.34 -31.47
CA TYR A 383 -19.13 -25.67 -30.46
C TYR A 383 -18.83 -24.18 -30.71
N ARG A 384 -18.36 -23.51 -29.67
CA ARG A 384 -17.84 -22.16 -29.82
C ARG A 384 -16.38 -22.26 -30.27
N TYR A 385 -16.07 -21.73 -31.45
CA TYR A 385 -14.69 -21.70 -31.92
C TYR A 385 -14.07 -20.30 -31.82
N ILE A 386 -12.90 -20.23 -31.19
CA ILE A 386 -12.20 -18.96 -31.05
C ILE A 386 -10.81 -19.00 -31.67
N TRP A 387 -10.46 -18.00 -32.48
CA TRP A 387 -9.08 -17.84 -32.96
C TRP A 387 -8.38 -16.64 -32.33
N SER A 388 -7.11 -16.83 -31.99
CA SER A 388 -6.31 -15.79 -31.39
C SER A 388 -5.32 -15.24 -32.41
N PHE A 389 -5.20 -13.92 -32.49
CA PHE A 389 -4.36 -13.28 -33.48
C PHE A 389 -3.65 -12.08 -32.89
N LYS A 390 -2.55 -11.68 -33.50
CA LYS A 390 -1.92 -10.41 -33.17
C LYS A 390 -2.76 -9.29 -33.72
N ASN A 391 -3.21 -9.46 -34.97
CA ASN A 391 -3.98 -8.45 -35.66
C ASN A 391 -5.19 -9.10 -36.30
N PRO A 392 -6.27 -9.27 -35.53
CA PRO A 392 -7.41 -10.04 -36.00
C PRO A 392 -8.09 -9.42 -37.24
N ASP A 393 -8.04 -8.11 -37.37
CA ASP A 393 -8.74 -7.45 -38.45
C ASP A 393 -8.01 -7.66 -39.78
N LYS A 394 -6.89 -8.37 -39.72
CA LYS A 394 -6.09 -8.68 -40.91
C LYS A 394 -6.03 -10.18 -41.17
N ASN A 395 -6.99 -10.93 -40.63
CA ASN A 395 -7.02 -12.36 -40.80
C ASN A 395 -8.39 -12.92 -41.15
N VAL A 396 -8.47 -13.58 -42.30
CA VAL A 396 -9.71 -14.15 -42.80
C VAL A 396 -9.89 -15.55 -42.24
N VAL A 397 -10.98 -15.77 -41.51
CA VAL A 397 -11.25 -17.10 -40.95
C VAL A 397 -12.58 -17.71 -41.43
N PRO A 398 -12.51 -18.80 -42.22
CA PRO A 398 -13.71 -19.53 -42.67
C PRO A 398 -14.51 -20.10 -41.51
N GLY A 399 -15.81 -19.83 -41.46
CA GLY A 399 -16.67 -20.47 -40.48
C GLY A 399 -17.22 -19.62 -39.34
N SER A 400 -17.65 -20.31 -38.29
CA SER A 400 -18.37 -19.66 -37.21
C SER A 400 -17.45 -18.95 -36.24
N ALA A 401 -16.19 -19.36 -36.23
CA ALA A 401 -15.24 -18.92 -35.20
C ALA A 401 -15.15 -17.41 -35.06
N GLU A 402 -15.06 -16.93 -33.82
CA GLU A 402 -14.82 -15.51 -33.59
C GLU A 402 -13.34 -15.27 -33.31
N LYS A 403 -12.87 -14.06 -33.56
CA LYS A 403 -11.45 -13.75 -33.44
C LYS A 403 -11.15 -12.88 -32.21
N VAL A 404 -9.96 -13.02 -31.62
CA VAL A 404 -9.56 -12.19 -30.48
C VAL A 404 -8.16 -11.62 -30.58
N LYS A 405 -7.98 -10.35 -30.25
CA LYS A 405 -6.65 -9.74 -30.28
C LYS A 405 -5.80 -10.19 -29.06
N ARG A 406 -4.56 -10.57 -29.33
CA ARG A 406 -3.70 -11.09 -28.29
C ARG A 406 -3.57 -10.05 -27.18
N ASN A 407 -3.61 -10.49 -25.93
CA ASN A 407 -3.37 -9.58 -24.81
C ASN A 407 -4.46 -8.56 -24.57
N SER A 408 -5.66 -8.87 -25.04
CA SER A 408 -6.84 -8.04 -24.77
C SER A 408 -7.78 -8.75 -23.79
N ALA A 409 -8.88 -8.11 -23.47
CA ALA A 409 -9.82 -8.71 -22.55
C ALA A 409 -10.29 -10.06 -23.08
N GLU A 410 -10.84 -10.05 -24.29
CA GLU A 410 -11.45 -11.23 -24.89
C GLU A 410 -10.46 -12.36 -25.09
N TYR A 411 -9.17 -12.01 -25.09
CA TYR A 411 -8.10 -12.98 -25.28
C TYR A 411 -7.98 -13.78 -24.03
N TYR A 412 -7.89 -13.08 -22.91
CA TYR A 412 -7.77 -13.79 -21.65
C TYR A 412 -9.07 -14.52 -21.34
N GLN A 413 -10.18 -13.94 -21.77
CA GLN A 413 -11.48 -14.59 -21.65
C GLN A 413 -11.42 -15.96 -22.33
N ALA A 414 -11.27 -15.93 -23.66
CA ALA A 414 -11.19 -17.15 -24.45
C ALA A 414 -10.32 -18.13 -23.71
N TYR A 415 -9.10 -17.73 -23.42
CA TYR A 415 -8.17 -18.67 -22.83
C TYR A 415 -8.56 -19.17 -21.45
N SER A 416 -9.24 -18.34 -20.67
CA SER A 416 -9.73 -18.74 -19.37
C SER A 416 -10.86 -19.75 -19.50
N GLU A 417 -11.75 -19.50 -20.46
CA GLU A 417 -12.99 -20.25 -20.60
C GLU A 417 -12.85 -21.59 -21.35
N ALA A 418 -11.97 -21.63 -22.33
CA ALA A 418 -11.89 -22.80 -23.22
C ALA A 418 -11.50 -24.11 -22.53
N SER A 419 -12.10 -25.19 -22.98
CA SER A 419 -11.84 -26.51 -22.46
C SER A 419 -10.73 -27.18 -23.25
N HIS A 420 -10.38 -26.59 -24.39
CA HIS A 420 -9.33 -27.11 -25.25
C HIS A 420 -8.52 -26.01 -25.92
N TRP A 421 -7.20 -26.06 -25.72
CA TRP A 421 -6.24 -25.19 -26.40
C TRP A 421 -5.60 -25.95 -27.55
N VAL A 422 -5.79 -25.47 -28.77
CA VAL A 422 -5.11 -26.07 -29.92
C VAL A 422 -4.11 -25.08 -30.49
N SER A 423 -2.83 -25.47 -30.49
CA SER A 423 -1.77 -24.56 -30.87
C SER A 423 -0.57 -25.32 -31.42
N ASN A 424 0.27 -24.65 -32.19
CA ASN A 424 1.41 -25.31 -32.81
C ASN A 424 2.74 -24.64 -32.47
N ALA A 425 2.77 -23.95 -31.34
CA ALA A 425 3.95 -23.24 -30.89
C ALA A 425 3.75 -22.99 -29.42
N ARG A 426 4.83 -22.62 -28.73
CA ARG A 426 4.71 -22.37 -27.31
C ARG A 426 3.67 -21.31 -27.13
N THR A 427 2.67 -21.57 -26.28
CA THR A 427 1.79 -20.48 -25.85
C THR A 427 2.36 -19.88 -24.54
N PRO A 428 2.12 -18.58 -24.30
CA PRO A 428 2.76 -17.87 -23.18
C PRO A 428 2.51 -18.51 -21.82
N LEU A 429 3.36 -18.19 -20.86
CA LEU A 429 3.28 -18.77 -19.53
C LEU A 429 2.34 -18.00 -18.57
N TYR A 430 2.17 -16.70 -18.79
CA TYR A 430 1.27 -15.95 -17.95
C TYR A 430 -0.18 -16.39 -18.15
N LEU A 431 -0.44 -17.17 -19.21
CA LEU A 431 -1.73 -17.79 -19.40
C LEU A 431 -1.86 -19.02 -18.51
N ASN A 432 -2.99 -19.17 -17.83
CA ASN A 432 -3.13 -20.25 -16.86
C ASN A 432 -3.78 -21.49 -17.46
N LYS A 433 -3.02 -22.58 -17.54
CA LYS A 433 -3.56 -23.85 -18.02
C LYS A 433 -4.01 -24.76 -16.86
N LYS A 434 -5.28 -24.62 -16.46
CA LYS A 434 -5.80 -25.32 -15.29
C LYS A 434 -5.83 -26.84 -15.50
N GLU A 435 -6.01 -27.59 -14.40
CA GLU A 435 -6.05 -29.07 -14.41
C GLU A 435 -7.29 -29.56 -15.10
N ASN A 436 -7.92 -28.63 -15.80
CA ASN A 436 -9.32 -28.69 -16.12
C ASN A 436 -9.48 -28.56 -17.64
N GLN A 437 -8.48 -27.95 -18.27
CA GLN A 437 -8.46 -27.71 -19.70
C GLN A 437 -7.45 -28.64 -20.36
N THR A 438 -7.81 -29.18 -21.52
CA THR A 438 -6.86 -29.94 -22.33
C THR A 438 -6.14 -29.03 -23.33
N TYR A 439 -4.81 -29.01 -23.26
CA TYR A 439 -3.97 -28.22 -24.16
C TYR A 439 -3.26 -29.15 -25.14
N ILE A 440 -3.69 -29.14 -26.40
CA ILE A 440 -3.14 -30.01 -27.44
C ILE A 440 -2.04 -29.31 -28.24
N GLN A 441 -0.83 -29.87 -28.24
CA GLN A 441 0.31 -29.25 -28.93
C GLN A 441 0.66 -30.00 -30.20
N THR A 442 0.49 -29.35 -31.36
CA THR A 442 0.79 -30.02 -32.64
C THR A 442 2.27 -29.88 -32.93
N TRP A 443 2.85 -28.84 -32.34
CA TRP A 443 4.18 -28.35 -32.72
C TRP A 443 4.17 -28.13 -34.22
N ASN A 444 5.33 -27.87 -34.79
CA ASN A 444 5.37 -27.35 -36.15
C ASN A 444 6.29 -28.05 -37.13
N GLY A 445 6.84 -29.19 -36.74
CA GLY A 445 7.60 -29.98 -37.71
C GLY A 445 8.65 -30.93 -37.18
N THR A 446 8.98 -31.92 -38.02
CA THR A 446 10.03 -32.90 -37.75
C THR A 446 11.34 -32.16 -37.65
N PRO A 447 12.08 -32.34 -36.56
CA PRO A 447 13.25 -31.49 -36.31
C PRO A 447 14.47 -31.92 -37.11
N LEU A 448 15.26 -30.96 -37.56
CA LEU A 448 16.58 -31.24 -38.13
C LEU A 448 17.60 -30.51 -37.27
N LYS A 449 17.30 -29.27 -36.91
CA LYS A 449 18.15 -28.61 -35.94
C LYS A 449 17.70 -28.99 -34.53
N ARG A 450 18.68 -29.28 -33.67
CA ARG A 450 18.37 -29.70 -32.31
C ARG A 450 17.77 -28.54 -31.52
N LEU A 451 16.78 -28.86 -30.70
CA LEU A 451 15.99 -27.82 -30.03
C LEU A 451 15.63 -28.11 -28.59
N ALA A 452 15.34 -27.05 -27.83
CA ALA A 452 14.88 -27.17 -26.46
C ALA A 452 15.96 -27.77 -25.59
N ASN A 453 15.69 -28.90 -24.94
CA ASN A 453 16.64 -29.47 -23.99
C ASN A 453 17.93 -29.89 -24.68
N ASP A 454 17.78 -30.41 -25.89
CA ASP A 454 18.89 -30.98 -26.61
C ASP A 454 19.86 -29.94 -27.11
N MET A 455 19.64 -28.66 -26.82
CA MET A 455 20.57 -27.65 -27.28
C MET A 455 21.78 -27.64 -26.35
N LYS A 456 22.84 -26.93 -26.76
CA LYS A 456 24.07 -26.87 -25.97
C LYS A 456 24.28 -25.47 -25.37
N VAL A 457 24.35 -24.46 -26.23
CA VAL A 457 24.39 -23.09 -25.76
C VAL A 457 23.37 -22.22 -26.47
N VAL A 458 22.87 -21.21 -25.76
CA VAL A 458 21.84 -20.33 -26.29
C VAL A 458 22.08 -18.90 -25.80
N ARG A 459 22.96 -18.17 -26.50
CA ARG A 459 23.32 -16.82 -26.08
C ARG A 459 22.24 -15.80 -26.40
N MET A 460 21.01 -16.27 -26.59
CA MET A 460 19.87 -15.42 -26.88
C MET A 460 19.70 -14.34 -25.81
N PRO A 461 19.76 -13.07 -26.22
CA PRO A 461 19.92 -11.90 -25.34
C PRO A 461 18.95 -11.85 -24.16
N GLY A 462 19.47 -11.57 -22.97
CA GLY A 462 18.65 -11.30 -21.81
C GLY A 462 18.38 -12.51 -20.93
N THR A 463 18.69 -13.69 -21.45
CA THR A 463 18.46 -14.95 -20.73
C THR A 463 19.68 -15.86 -20.85
N THR A 464 19.76 -16.84 -19.95
CA THR A 464 20.85 -17.82 -19.93
C THR A 464 20.34 -19.18 -20.39
N THR A 465 21.23 -20.05 -20.90
CA THR A 465 20.84 -21.40 -21.27
C THR A 465 20.02 -22.11 -20.17
N PRO A 466 20.55 -22.13 -18.91
CA PRO A 466 19.83 -22.70 -17.78
C PRO A 466 18.40 -22.15 -17.66
N LYS A 467 18.23 -20.85 -17.85
CA LYS A 467 16.92 -20.20 -17.68
C LYS A 467 15.98 -20.39 -18.87
N TYR A 468 16.52 -20.37 -20.09
CA TYR A 468 15.69 -20.55 -21.28
C TYR A 468 15.18 -21.97 -21.39
N LYS A 469 15.96 -22.93 -20.92
CA LYS A 469 15.49 -24.31 -20.82
C LYS A 469 14.44 -24.45 -19.71
N ARG A 470 14.67 -23.80 -18.58
CA ARG A 470 13.70 -23.81 -17.49
C ARG A 470 12.32 -23.42 -18.00
N ASN A 471 12.23 -22.30 -18.70
CA ASN A 471 10.93 -21.81 -19.17
C ASN A 471 10.35 -22.72 -20.23
N PHE A 472 11.21 -23.25 -21.09
CA PHE A 472 10.74 -24.16 -22.12
C PHE A 472 10.18 -25.44 -21.51
N ASN A 473 10.89 -25.98 -20.53
CA ASN A 473 10.41 -27.15 -19.80
C ASN A 473 9.06 -26.83 -19.17
N ARG A 474 8.94 -25.63 -18.60
CA ARG A 474 7.70 -25.18 -17.98
C ARG A 474 6.52 -25.23 -18.95
N GLU A 475 6.78 -24.95 -20.22
CA GLU A 475 5.76 -24.96 -21.25
C GLU A 475 5.41 -26.40 -21.61
N THR A 476 6.41 -27.18 -21.98
CA THR A 476 6.13 -28.55 -22.35
C THR A 476 5.41 -29.30 -21.23
N SER A 477 5.70 -28.96 -19.98
CA SER A 477 5.09 -29.66 -18.87
C SER A 477 3.56 -29.62 -18.97
N ARG A 478 3.03 -28.55 -19.57
CA ARG A 478 1.58 -28.35 -19.67
C ARG A 478 0.95 -28.94 -20.93
N TRP A 479 1.76 -29.48 -21.84
CA TRP A 479 1.23 -30.08 -23.04
C TRP A 479 0.59 -31.42 -22.71
N ASP A 480 -0.75 -31.45 -22.67
CA ASP A 480 -1.51 -32.66 -22.39
C ASP A 480 -1.35 -33.67 -23.52
N TYR A 481 -1.27 -33.15 -24.74
CA TYR A 481 -0.96 -33.96 -25.92
C TYR A 481 0.09 -33.26 -26.77
N LEU A 482 0.97 -34.02 -27.40
CA LEU A 482 1.97 -33.51 -28.33
C LEU A 482 2.00 -34.39 -29.57
N ILE A 483 1.73 -33.82 -30.74
CA ILE A 483 1.68 -34.60 -31.97
C ILE A 483 3.07 -34.92 -32.48
N SER A 484 3.20 -35.99 -33.24
CA SER A 484 4.50 -36.37 -33.77
C SER A 484 4.35 -37.07 -35.11
N PRO A 485 5.16 -36.67 -36.09
CA PRO A 485 5.06 -37.11 -37.47
C PRO A 485 5.75 -38.45 -37.72
N ASN A 486 6.49 -38.96 -36.74
CA ASN A 486 7.27 -40.19 -36.94
C ASN A 486 8.02 -40.68 -35.70
N ARG A 487 8.54 -41.90 -35.78
CA ARG A 487 9.21 -42.52 -34.64
C ARG A 487 10.47 -41.77 -34.25
N TYR A 488 11.04 -41.05 -35.21
CA TYR A 488 12.28 -40.31 -35.02
C TYR A 488 12.05 -39.01 -34.31
N SER A 489 10.93 -38.37 -34.63
CA SER A 489 10.52 -37.18 -33.94
C SER A 489 10.07 -37.57 -32.54
N THR A 490 9.36 -38.68 -32.45
CA THR A 490 8.90 -39.14 -31.14
C THR A 490 10.07 -39.36 -30.21
N GLU A 491 11.09 -40.05 -30.68
CA GLU A 491 12.26 -40.31 -29.84
C GLU A 491 12.93 -39.00 -29.42
N ILE A 492 12.95 -38.03 -30.33
CA ILE A 492 13.56 -36.72 -30.07
C ILE A 492 12.75 -35.90 -29.07
N PHE A 493 11.44 -35.82 -29.28
CA PHE A 493 10.59 -35.02 -28.41
C PHE A 493 10.67 -35.53 -26.99
N ARG A 494 10.71 -36.85 -26.86
CA ARG A 494 10.79 -37.50 -25.57
C ARG A 494 11.91 -36.89 -24.73
N SER A 495 13.04 -36.58 -25.36
CA SER A 495 14.16 -35.99 -24.66
C SER A 495 14.21 -34.47 -24.77
N ALA A 496 13.98 -33.95 -25.96
CA ALA A 496 14.13 -32.53 -26.23
C ALA A 496 13.07 -31.72 -25.52
N PHE A 497 11.90 -32.33 -25.33
CA PHE A 497 10.76 -31.62 -24.80
C PHE A 497 10.35 -32.12 -23.41
N TRP A 498 11.23 -32.87 -22.75
CA TRP A 498 10.87 -33.45 -21.45
C TRP A 498 9.48 -34.09 -21.52
N MET A 499 9.23 -34.96 -22.49
CA MET A 499 7.89 -35.51 -22.72
C MET A 499 7.75 -36.99 -22.33
N ASP A 500 6.57 -37.37 -21.88
CA ASP A 500 6.29 -38.77 -21.61
C ASP A 500 5.74 -39.41 -22.87
N GLU A 501 6.26 -40.57 -23.25
CA GLU A 501 5.78 -41.22 -24.46
C GLU A 501 4.25 -41.37 -24.41
N GLU A 502 3.72 -41.46 -23.20
CA GLU A 502 2.29 -41.66 -22.99
C GLU A 502 1.47 -40.51 -23.59
N ARG A 503 2.04 -39.32 -23.62
CA ARG A 503 1.33 -38.12 -24.07
C ARG A 503 1.47 -37.82 -25.55
N ILE A 504 2.42 -38.49 -26.22
CA ILE A 504 2.65 -38.27 -27.65
C ILE A 504 1.65 -39.02 -28.55
N LEU A 505 1.08 -38.30 -29.49
CA LEU A 505 0.26 -38.90 -30.54
C LEU A 505 1.08 -38.99 -31.82
N GLU A 506 1.29 -40.20 -32.32
CA GLU A 506 2.01 -40.37 -33.57
C GLU A 506 1.02 -40.49 -34.71
N ILE A 507 0.56 -39.36 -35.23
CA ILE A 507 -0.50 -39.39 -36.21
C ILE A 507 -0.14 -38.68 -37.51
N GLY A 508 0.98 -37.96 -37.51
CA GLY A 508 1.37 -37.13 -38.64
C GLY A 508 0.76 -35.73 -38.53
N TYR A 509 1.15 -34.85 -39.44
CA TYR A 509 0.73 -33.45 -39.34
C TYR A 509 -0.60 -33.14 -40.02
N PRO A 510 -1.50 -32.50 -39.28
CA PRO A 510 -2.78 -32.15 -39.88
C PRO A 510 -2.60 -31.21 -41.07
N ARG A 511 -1.54 -30.40 -41.03
CA ARG A 511 -1.24 -29.50 -42.13
C ARG A 511 -0.84 -30.31 -43.34
N ASN A 512 -0.30 -31.50 -43.07
CA ASN A 512 0.15 -32.42 -44.11
C ASN A 512 -0.99 -33.27 -44.64
N ASP A 513 -2.14 -33.19 -44.00
CA ASP A 513 -3.30 -33.97 -44.45
C ASP A 513 -3.48 -33.83 -45.96
N VAL A 514 -3.54 -32.58 -46.42
CA VAL A 514 -3.65 -32.29 -47.85
C VAL A 514 -2.63 -33.07 -48.70
N LEU A 515 -1.40 -33.22 -48.21
CA LEU A 515 -0.33 -33.82 -49.00
C LEU A 515 -0.63 -35.28 -49.37
N VAL A 516 -1.48 -35.92 -48.58
CA VAL A 516 -1.96 -37.25 -48.92
C VAL A 516 -3.28 -37.22 -49.71
N ASN A 517 -4.31 -36.59 -49.13
CA ASN A 517 -5.67 -36.57 -49.70
C ASN A 517 -5.89 -35.86 -51.05
N ARG A 518 -5.25 -34.71 -51.23
CA ARG A 518 -5.59 -33.83 -52.35
C ARG A 518 -4.48 -33.68 -53.39
N ALA A 519 -3.44 -34.51 -53.29
CA ALA A 519 -2.26 -34.36 -54.14
C ALA A 519 -2.52 -34.61 -55.61
N ASN A 520 -3.60 -35.33 -55.92
CA ASN A 520 -3.94 -35.69 -57.30
C ASN A 520 -5.30 -35.12 -57.70
N ASP A 521 -5.81 -34.21 -56.87
CA ASP A 521 -7.06 -33.50 -57.10
C ASP A 521 -6.78 -32.40 -58.12
N GLN A 522 -6.85 -32.75 -59.40
CA GLN A 522 -6.34 -31.84 -60.42
C GLN A 522 -7.03 -30.49 -60.46
N GLU A 523 -8.24 -30.40 -59.94
CA GLU A 523 -8.96 -29.13 -59.93
C GLU A 523 -8.40 -28.21 -58.85
N TYR A 524 -8.17 -28.78 -57.68
CA TYR A 524 -7.58 -28.05 -56.57
C TYR A 524 -6.19 -27.58 -56.94
N LEU A 525 -5.38 -28.49 -57.50
CA LEU A 525 -4.07 -28.10 -58.00
C LEU A 525 -4.20 -26.90 -58.94
N ASP A 526 -5.27 -26.88 -59.73
CA ASP A 526 -5.51 -25.84 -60.73
C ASP A 526 -5.92 -24.50 -60.17
N GLU A 527 -6.64 -24.49 -59.04
CA GLU A 527 -7.00 -23.23 -58.38
C GLU A 527 -5.74 -22.59 -57.85
N ILE A 528 -5.00 -23.35 -57.05
CA ILE A 528 -3.77 -22.86 -56.45
C ILE A 528 -2.87 -22.28 -57.52
N ARG A 529 -2.72 -23.00 -58.63
CA ARG A 529 -1.83 -22.54 -59.68
C ARG A 529 -2.25 -21.17 -60.21
N THR A 530 -3.56 -20.98 -60.37
CA THR A 530 -4.03 -19.74 -60.99
C THR A 530 -4.26 -18.64 -59.96
N HIS A 531 -4.39 -19.02 -58.69
CA HIS A 531 -4.41 -18.07 -57.61
C HIS A 531 -3.05 -17.39 -57.60
N LEU A 532 -2.05 -18.13 -58.06
CA LEU A 532 -0.66 -17.66 -58.09
C LEU A 532 -0.24 -17.09 -59.43
N ASN A 533 -1.09 -17.31 -60.44
CA ASN A 533 -0.95 -16.67 -61.74
C ASN A 533 0.18 -17.23 -62.57
N LEU A 534 0.31 -18.55 -62.54
CA LEU A 534 1.43 -19.21 -63.19
C LEU A 534 1.17 -19.58 -64.65
N PRO A 535 2.22 -19.55 -65.47
CA PRO A 535 2.18 -20.11 -66.81
C PRO A 535 1.58 -21.51 -66.82
N SER A 536 0.75 -21.80 -67.80
CA SER A 536 -0.01 -23.05 -67.83
C SER A 536 0.80 -24.23 -68.32
N ASP A 537 1.94 -23.96 -68.93
CA ASP A 537 2.71 -24.97 -69.64
C ASP A 537 3.97 -25.39 -68.90
N LYS A 538 4.31 -24.63 -67.86
CA LYS A 538 5.60 -24.72 -67.17
C LYS A 538 5.55 -25.49 -65.86
N LYS A 539 6.58 -26.30 -65.62
CA LYS A 539 6.71 -27.03 -64.37
C LYS A 539 7.17 -26.10 -63.23
N VAL A 540 7.18 -26.60 -62.00
CA VAL A 540 7.39 -25.70 -60.90
C VAL A 540 8.48 -26.16 -59.91
N ILE A 541 9.47 -25.29 -59.70
CA ILE A 541 10.50 -25.52 -58.69
C ILE A 541 10.20 -24.57 -57.53
N MET A 542 10.34 -25.08 -56.31
CA MET A 542 10.18 -24.24 -55.14
C MET A 542 11.48 -24.15 -54.36
N TYR A 543 11.92 -22.93 -54.09
CA TYR A 543 13.17 -22.74 -53.39
C TYR A 543 12.89 -22.13 -52.04
N ALA A 544 13.15 -22.86 -50.95
CA ALA A 544 12.87 -22.31 -49.62
C ALA A 544 14.09 -22.45 -48.72
N PRO A 545 15.00 -21.48 -48.81
CA PRO A 545 16.21 -21.43 -48.01
C PRO A 545 15.89 -20.94 -46.62
N THR A 546 16.45 -21.57 -45.59
CA THR A 546 16.31 -21.04 -44.25
C THR A 546 17.08 -19.73 -44.08
N TRP A 547 16.93 -19.15 -42.88
CA TRP A 547 17.50 -17.84 -42.60
C TRP A 547 18.96 -17.91 -42.21
N ARG A 548 19.65 -16.80 -42.45
CA ARG A 548 21.06 -16.66 -42.16
C ARG A 548 21.37 -15.22 -41.74
N ASP A 549 21.68 -15.04 -40.46
CA ASP A 549 22.09 -13.76 -39.91
C ASP A 549 23.31 -13.25 -40.68
N ASP A 550 24.25 -14.17 -40.90
CA ASP A 550 25.42 -13.96 -41.74
C ASP A 550 25.17 -12.98 -42.91
N GLU A 551 24.08 -13.20 -43.64
CA GLU A 551 23.88 -12.56 -44.95
C GLU A 551 23.09 -11.24 -44.90
N PHE A 552 22.80 -10.77 -43.70
CA PHE A 552 22.03 -9.54 -43.56
C PHE A 552 22.94 -8.31 -43.54
N VAL A 553 22.88 -7.51 -44.60
CA VAL A 553 23.73 -6.33 -44.70
C VAL A 553 22.99 -5.10 -45.28
N SER A 554 23.46 -3.91 -44.91
CA SER A 554 22.94 -2.63 -45.43
C SER A 554 21.53 -2.25 -44.93
N LYS A 555 21.20 -2.64 -43.70
CA LYS A 555 19.85 -2.45 -43.15
C LYS A 555 18.80 -3.29 -43.89
N GLY A 556 19.20 -3.85 -45.03
CA GLY A 556 18.28 -4.64 -45.85
C GLY A 556 17.61 -3.81 -46.94
N LYS A 557 18.40 -3.06 -47.71
CA LYS A 557 17.90 -2.27 -48.83
C LYS A 557 18.19 -2.91 -50.19
N TYR A 558 19.38 -3.49 -50.32
CA TYR A 558 19.72 -4.27 -51.51
C TYR A 558 20.66 -5.43 -51.16
N LEU A 559 20.23 -6.63 -51.51
CA LEU A 559 21.04 -7.82 -51.26
C LEU A 559 21.75 -8.27 -52.52
N PHE A 560 22.84 -9.01 -52.35
CA PHE A 560 23.49 -9.62 -53.50
C PHE A 560 22.52 -10.67 -54.02
N GLU A 561 22.13 -10.53 -55.27
CA GLU A 561 21.27 -11.51 -55.90
C GLU A 561 21.56 -12.90 -55.34
N LEU A 562 20.57 -13.45 -54.63
CA LEU A 562 20.61 -14.82 -54.10
C LEU A 562 21.75 -15.69 -54.67
N LYS A 563 22.48 -16.35 -53.78
CA LYS A 563 23.61 -17.18 -54.18
C LYS A 563 23.21 -18.28 -55.15
N ILE A 564 21.91 -18.39 -55.46
CA ILE A 564 21.41 -19.40 -56.42
C ILE A 564 21.59 -18.96 -57.88
N ASP A 565 21.82 -17.66 -58.06
CA ASP A 565 21.96 -17.07 -59.38
C ASP A 565 20.66 -17.18 -60.20
N LEU A 566 19.75 -16.24 -60.01
CA LEU A 566 18.49 -16.22 -60.78
C LEU A 566 18.74 -15.98 -62.26
N ASP A 567 19.69 -15.10 -62.56
CA ASP A 567 20.01 -14.77 -63.93
C ASP A 567 20.28 -16.08 -64.68
N ASN A 568 21.11 -16.93 -64.08
CA ASN A 568 21.41 -18.23 -64.68
C ASN A 568 20.17 -19.09 -64.77
N LEU A 569 19.54 -19.35 -63.63
CA LEU A 569 18.30 -20.11 -63.59
C LEU A 569 17.33 -19.66 -64.69
N TYR A 570 17.25 -18.35 -64.95
CA TYR A 570 16.46 -17.82 -66.06
C TYR A 570 16.96 -18.38 -67.41
N LYS A 571 18.23 -18.12 -67.73
CA LYS A 571 18.89 -18.63 -68.92
C LYS A 571 18.62 -20.11 -69.20
N GLU A 572 18.81 -20.94 -68.17
CA GLU A 572 18.88 -22.40 -68.30
C GLU A 572 17.54 -23.12 -68.18
N LEU A 573 16.63 -22.56 -67.40
CA LEU A 573 15.36 -23.23 -67.15
C LEU A 573 14.16 -22.36 -67.49
N GLY A 574 14.40 -21.11 -67.84
CA GLY A 574 13.33 -20.14 -68.01
C GLY A 574 12.26 -20.53 -69.01
N ASP A 575 12.47 -21.63 -69.71
CA ASP A 575 11.53 -22.01 -70.76
C ASP A 575 10.66 -23.17 -70.37
N ASP A 576 11.17 -24.07 -69.54
CA ASP A 576 10.39 -25.21 -69.09
C ASP A 576 9.78 -24.92 -67.72
N TYR A 577 10.50 -24.15 -66.92
CA TYR A 577 10.18 -23.96 -65.51
C TYR A 577 9.75 -22.57 -65.09
N VAL A 578 9.14 -22.52 -63.92
CA VAL A 578 8.99 -21.29 -63.19
C VAL A 578 9.37 -21.58 -61.73
N ILE A 579 10.13 -20.70 -61.09
CA ILE A 579 10.63 -21.01 -59.74
C ILE A 579 9.93 -20.19 -58.65
N LEU A 580 9.52 -20.86 -57.57
CA LEU A 580 8.87 -20.16 -56.45
C LEU A 580 9.81 -19.83 -55.29
N LEU A 581 9.97 -18.55 -55.00
CA LEU A 581 10.88 -18.16 -53.95
C LEU A 581 10.14 -17.96 -52.64
N ARG A 582 10.38 -18.86 -51.68
CA ARG A 582 9.83 -18.73 -50.34
C ARG A 582 10.95 -18.38 -49.38
N MET A 583 11.13 -17.07 -49.20
CA MET A 583 12.21 -16.52 -48.41
C MET A 583 11.71 -16.12 -47.05
N HIS A 584 12.63 -15.81 -46.15
CA HIS A 584 12.27 -15.18 -44.89
C HIS A 584 11.65 -13.81 -45.19
N TYR A 585 10.69 -13.39 -44.38
CA TYR A 585 9.91 -12.19 -44.69
C TYR A 585 10.78 -10.93 -44.88
N LEU A 586 12.00 -10.97 -44.36
CA LEU A 586 12.92 -9.83 -44.44
C LEU A 586 13.72 -9.76 -45.74
N ILE A 587 13.92 -10.92 -46.37
CA ILE A 587 14.56 -10.97 -47.67
C ILE A 587 13.49 -10.68 -48.72
N SER A 588 12.24 -10.96 -48.38
CA SER A 588 11.15 -10.78 -49.34
C SER A 588 10.99 -9.32 -49.72
N ASN A 589 10.77 -8.45 -48.74
CA ASN A 589 10.62 -7.03 -49.06
C ASN A 589 11.94 -6.31 -49.24
N ALA A 590 12.90 -6.99 -49.85
CA ALA A 590 14.25 -6.47 -50.09
C ALA A 590 14.80 -7.05 -51.40
N LEU A 591 14.02 -7.96 -51.97
CA LEU A 591 14.35 -8.73 -53.17
C LEU A 591 13.62 -8.14 -54.36
N ASP A 592 14.36 -7.50 -55.26
CA ASP A 592 13.75 -6.93 -56.45
C ASP A 592 13.79 -7.91 -57.60
N LEU A 593 12.61 -8.31 -58.08
CA LEU A 593 12.48 -9.35 -59.08
C LEU A 593 12.07 -8.80 -60.46
N SER A 594 12.72 -7.73 -60.90
CA SER A 594 12.38 -7.11 -62.17
C SER A 594 13.04 -7.80 -63.36
N GLY A 595 12.23 -8.21 -64.32
CA GLY A 595 12.78 -8.87 -65.48
C GLY A 595 13.00 -10.31 -65.14
N TYR A 596 12.21 -10.78 -64.18
CA TYR A 596 12.14 -12.19 -63.81
C TYR A 596 10.66 -12.52 -63.74
N GLU A 597 9.85 -11.53 -64.12
CA GLU A 597 8.40 -11.67 -64.12
C GLU A 597 7.99 -12.87 -64.94
N ASN A 598 7.21 -13.74 -64.32
CA ASN A 598 6.74 -14.97 -64.96
C ASN A 598 7.82 -16.03 -64.98
N PHE A 599 8.93 -15.74 -64.31
CA PHE A 599 9.95 -16.74 -64.08
C PHE A 599 10.12 -17.01 -62.61
N ALA A 600 10.62 -16.01 -61.89
CA ALA A 600 10.71 -16.08 -60.44
C ALA A 600 9.52 -15.38 -59.79
N ILE A 601 8.63 -16.15 -59.19
CA ILE A 601 7.46 -15.60 -58.52
C ILE A 601 7.71 -15.52 -57.01
N ASP A 602 7.55 -14.33 -56.41
CA ASP A 602 7.76 -14.27 -54.97
C ASP A 602 6.57 -14.81 -54.23
N VAL A 603 6.82 -15.73 -53.31
CA VAL A 603 5.75 -16.53 -52.75
C VAL A 603 5.86 -16.57 -51.23
N SER A 604 6.68 -15.65 -50.69
CA SER A 604 7.04 -15.65 -49.27
C SER A 604 5.89 -15.42 -48.29
N ASN A 605 4.89 -14.65 -48.70
CA ASN A 605 3.78 -14.33 -47.81
C ASN A 605 2.55 -15.18 -48.02
N TYR A 606 2.62 -16.08 -49.01
CA TYR A 606 1.51 -16.98 -49.29
C TYR A 606 1.15 -17.72 -48.01
N ASN A 607 -0.10 -17.62 -47.58
CA ASN A 607 -0.48 -18.06 -46.24
C ASN A 607 -0.22 -19.53 -45.93
N ASP A 608 -0.66 -20.40 -46.82
CA ASP A 608 -0.59 -21.85 -46.61
C ASP A 608 0.50 -22.56 -47.44
N VAL A 609 1.54 -23.04 -46.78
CA VAL A 609 2.66 -23.63 -47.48
C VAL A 609 2.36 -25.01 -48.08
N SER A 610 1.51 -25.77 -47.41
CA SER A 610 1.17 -27.12 -47.89
C SER A 610 0.73 -27.09 -49.34
N GLU A 611 -0.01 -26.04 -49.69
CA GLU A 611 -0.46 -25.83 -51.05
C GLU A 611 0.68 -25.56 -52.01
N LEU A 612 1.68 -24.79 -51.59
CA LEU A 612 2.81 -24.57 -52.47
C LEU A 612 3.51 -25.89 -52.83
N PHE A 613 3.57 -26.83 -51.88
CA PHE A 613 4.18 -28.15 -52.13
C PHE A 613 3.40 -28.96 -53.15
N LEU A 614 2.07 -28.91 -53.04
CA LEU A 614 1.21 -29.69 -53.92
C LEU A 614 1.43 -29.37 -55.38
N ILE A 615 1.88 -28.16 -55.68
CA ILE A 615 2.00 -27.76 -57.08
C ILE A 615 3.47 -27.67 -57.47
N SER A 616 4.36 -28.15 -56.60
CA SER A 616 5.79 -28.16 -56.88
C SER A 616 6.30 -29.50 -57.36
N ASP A 617 7.06 -29.45 -58.45
CA ASP A 617 7.59 -30.65 -59.09
C ASP A 617 8.90 -31.03 -58.42
N CYS A 618 9.51 -30.08 -57.75
CA CYS A 618 10.62 -30.40 -56.88
C CYS A 618 10.88 -29.25 -55.92
N LEU A 619 11.49 -29.57 -54.78
CA LEU A 619 11.84 -28.55 -53.79
C LEU A 619 13.36 -28.40 -53.71
N ILE A 620 13.86 -27.18 -53.85
CA ILE A 620 15.22 -26.86 -53.44
C ILE A 620 15.24 -26.21 -52.06
N THR A 621 15.81 -26.88 -51.06
CA THR A 621 16.01 -26.28 -49.75
C THR A 621 17.46 -26.50 -49.28
N ASP A 622 17.76 -26.16 -48.04
CA ASP A 622 19.05 -26.55 -47.47
C ASP A 622 18.91 -27.31 -46.15
N TYR A 623 18.91 -26.56 -45.05
CA TYR A 623 18.71 -27.15 -43.74
C TYR A 623 17.36 -26.75 -43.21
N SER A 624 16.30 -27.42 -43.64
CA SER A 624 14.97 -27.04 -43.20
C SER A 624 14.06 -28.20 -42.88
N SER A 625 13.18 -27.99 -41.91
CA SER A 625 12.22 -29.00 -41.50
C SER A 625 11.13 -29.23 -42.54
N VAL A 626 11.23 -28.56 -43.68
CA VAL A 626 10.22 -28.70 -44.71
C VAL A 626 10.48 -29.93 -45.55
N MET A 627 11.73 -30.28 -45.75
CA MET A 627 12.07 -31.42 -46.58
C MET A 627 11.33 -32.65 -46.07
N PHE A 628 11.10 -32.68 -44.75
CA PHE A 628 10.39 -33.78 -44.12
C PHE A 628 8.91 -33.76 -44.47
N ASP A 629 8.41 -32.61 -44.89
CA ASP A 629 7.01 -32.47 -45.26
C ASP A 629 6.86 -32.85 -46.72
N TYR A 630 7.57 -32.10 -47.56
CA TYR A 630 7.59 -32.33 -48.99
C TYR A 630 7.83 -33.82 -49.30
N GLY A 631 8.41 -34.53 -48.33
CA GLY A 631 8.77 -35.92 -48.50
C GLY A 631 7.61 -36.84 -48.83
N ILE A 632 6.43 -36.45 -48.37
CA ILE A 632 5.23 -37.23 -48.55
C ILE A 632 4.87 -37.39 -50.03
N LEU A 633 5.26 -36.43 -50.87
CA LEU A 633 4.90 -36.48 -52.28
C LEU A 633 5.89 -37.27 -53.13
N LYS A 634 6.95 -37.79 -52.51
CA LYS A 634 7.96 -38.61 -53.18
C LYS A 634 8.53 -37.94 -54.43
N ARG A 635 8.62 -36.61 -54.39
CA ARG A 635 9.19 -35.83 -55.49
C ARG A 635 10.68 -35.62 -55.22
N PRO A 636 11.44 -35.12 -56.22
CA PRO A 636 12.88 -34.94 -56.05
C PRO A 636 13.25 -33.68 -55.25
N GLN A 637 14.13 -33.81 -54.26
CA GLN A 637 14.62 -32.63 -53.54
C GLN A 637 16.07 -32.34 -53.91
N PHE A 638 16.50 -31.11 -53.65
CA PHE A 638 17.84 -30.63 -53.96
C PHE A 638 18.30 -29.75 -52.85
N PHE A 639 19.46 -30.06 -52.29
CA PHE A 639 19.90 -29.31 -51.15
C PHE A 639 21.10 -28.48 -51.51
N PHE A 640 20.83 -27.20 -51.71
CA PHE A 640 21.86 -26.24 -52.10
C PHE A 640 22.44 -25.62 -50.84
N ALA A 641 23.46 -26.27 -50.28
CA ALA A 641 24.11 -25.82 -49.07
C ALA A 641 25.38 -25.01 -49.38
N TYR A 642 25.23 -23.88 -50.05
CA TYR A 642 26.38 -23.05 -50.43
C TYR A 642 27.27 -22.67 -49.24
N ASP A 643 26.66 -22.49 -48.08
CA ASP A 643 27.44 -22.08 -46.90
C ASP A 643 27.74 -23.22 -45.94
N ILE A 644 27.67 -24.45 -46.44
CA ILE A 644 27.87 -25.64 -45.63
C ILE A 644 29.23 -25.68 -44.93
N ASP A 645 30.25 -25.10 -45.57
CA ASP A 645 31.58 -25.12 -45.01
C ASP A 645 31.59 -24.44 -43.64
N LYS A 646 30.73 -23.44 -43.46
CA LYS A 646 30.57 -22.79 -42.16
C LYS A 646 30.16 -23.81 -41.10
N TYR A 647 28.93 -24.30 -41.23
CA TYR A 647 28.26 -25.17 -40.26
C TYR A 647 29.06 -26.36 -39.71
N ASP A 648 30.08 -26.09 -38.90
CA ASP A 648 30.70 -27.10 -38.02
C ASP A 648 31.51 -28.20 -38.72
N LYS A 649 31.68 -28.09 -40.03
CA LYS A 649 32.54 -29.00 -40.78
C LYS A 649 31.99 -30.45 -40.85
N GLY A 650 30.86 -30.69 -40.21
CA GLY A 650 30.21 -32.00 -40.19
C GLY A 650 29.48 -32.17 -38.89
N LEU A 651 28.37 -31.45 -38.72
CA LEU A 651 27.81 -31.19 -37.40
C LEU A 651 26.86 -32.23 -36.83
N ARG A 652 27.08 -32.49 -35.54
CA ARG A 652 26.18 -33.30 -34.73
C ARG A 652 25.07 -32.39 -34.24
N GLY A 653 25.14 -31.13 -34.66
CA GLY A 653 24.08 -30.18 -34.37
C GLY A 653 22.84 -30.56 -35.14
N PHE A 654 22.90 -31.72 -35.80
CA PHE A 654 21.78 -32.26 -36.55
C PHE A 654 21.43 -33.63 -35.99
N TYR A 655 20.15 -33.87 -35.81
CA TYR A 655 19.68 -35.14 -35.28
C TYR A 655 19.95 -36.27 -36.25
N MET A 656 20.12 -35.92 -37.51
CA MET A 656 20.32 -36.92 -38.54
C MET A 656 21.65 -36.73 -39.24
N ASN A 657 21.98 -37.68 -40.11
CA ASN A 657 23.18 -37.56 -40.92
C ASN A 657 22.90 -36.85 -42.23
N TYR A 658 23.22 -35.56 -42.27
CA TYR A 658 22.98 -34.73 -43.43
C TYR A 658 23.71 -35.27 -44.65
N MET A 659 24.99 -35.60 -44.43
CA MET A 659 25.83 -36.12 -45.49
C MET A 659 25.23 -37.36 -46.16
N GLU A 660 24.75 -38.31 -45.37
CA GLU A 660 24.19 -39.54 -45.93
C GLU A 660 22.70 -39.41 -46.26
N ASP A 661 21.86 -39.96 -45.41
CA ASP A 661 20.44 -40.12 -45.72
C ASP A 661 19.59 -38.83 -45.86
N LEU A 662 19.53 -38.30 -47.08
CA LEU A 662 18.46 -37.37 -47.49
C LEU A 662 18.24 -37.50 -48.99
N PRO A 663 17.06 -37.10 -49.46
CA PRO A 663 16.45 -37.61 -50.70
C PRO A 663 17.02 -37.05 -51.99
N GLY A 664 18.00 -36.17 -51.90
CA GLY A 664 18.50 -35.49 -53.07
C GLY A 664 19.98 -35.23 -52.93
N PRO A 665 20.57 -34.60 -53.94
CA PRO A 665 21.99 -34.28 -53.98
C PRO A 665 22.27 -33.10 -53.07
N ILE A 666 23.49 -32.99 -52.55
CA ILE A 666 23.90 -31.74 -51.94
C ILE A 666 24.72 -30.96 -52.94
N TYR A 667 24.30 -29.74 -53.26
CA TYR A 667 25.13 -28.90 -54.12
C TYR A 667 25.67 -27.74 -53.30
N THR A 668 26.88 -27.29 -53.58
CA THR A 668 27.43 -26.12 -52.88
C THR A 668 27.48 -24.93 -53.82
N GLU A 669 27.37 -25.22 -55.11
CA GLU A 669 27.37 -24.22 -56.15
C GLU A 669 26.11 -24.43 -57.01
N PRO A 670 25.55 -23.35 -57.59
CA PRO A 670 24.22 -23.40 -58.23
C PRO A 670 24.23 -23.97 -59.63
N TYR A 671 25.37 -23.95 -60.29
CA TYR A 671 25.47 -24.32 -61.69
C TYR A 671 25.33 -25.81 -61.94
N GLY A 672 25.97 -26.63 -61.12
CA GLY A 672 25.76 -28.07 -61.20
C GLY A 672 24.29 -28.39 -61.01
N LEU A 673 23.65 -27.69 -60.06
CA LEU A 673 22.23 -27.87 -59.74
C LEU A 673 21.34 -27.54 -60.95
N ALA A 674 21.45 -26.29 -61.42
CA ALA A 674 20.71 -25.80 -62.59
C ALA A 674 20.74 -26.72 -63.82
N LYS A 675 21.84 -27.39 -64.09
CA LYS A 675 21.89 -28.28 -65.26
C LYS A 675 21.09 -29.55 -65.00
N GLU A 676 21.20 -30.06 -63.79
CA GLU A 676 20.53 -31.29 -63.38
C GLU A 676 19.02 -31.05 -63.26
N LEU A 677 18.65 -29.78 -63.11
CA LEU A 677 17.28 -29.39 -62.85
C LEU A 677 16.44 -29.39 -64.12
N LYS A 678 17.09 -29.53 -65.27
CA LYS A 678 16.41 -29.60 -66.56
C LYS A 678 15.60 -30.89 -66.62
N ASN A 679 16.33 -31.98 -66.75
CA ASN A 679 15.72 -33.29 -66.81
C ASN A 679 15.36 -33.82 -65.43
N LEU A 680 14.22 -33.37 -64.91
CA LEU A 680 13.73 -33.83 -63.60
C LEU A 680 13.58 -35.34 -63.56
N ASP A 681 13.05 -35.90 -64.65
CA ASP A 681 12.78 -37.33 -64.71
C ASP A 681 14.05 -38.13 -64.51
N LYS A 682 15.18 -37.58 -64.95
CA LYS A 682 16.45 -38.27 -64.75
C LYS A 682 16.88 -38.15 -63.30
N VAL A 683 16.39 -37.12 -62.62
CA VAL A 683 16.72 -36.97 -61.21
C VAL A 683 15.88 -37.88 -60.33
N GLN A 684 14.61 -38.05 -60.70
CA GLN A 684 13.70 -38.97 -60.00
C GLN A 684 14.18 -40.42 -60.05
N GLN A 685 14.84 -40.80 -61.14
CA GLN A 685 15.40 -42.14 -61.28
C GLN A 685 16.61 -42.34 -60.38
N GLN A 686 17.62 -41.50 -60.57
CA GLN A 686 18.87 -41.61 -59.85
C GLN A 686 18.63 -41.71 -58.35
N TYR A 687 17.52 -41.13 -57.90
CA TYR A 687 17.27 -40.94 -56.48
C TYR A 687 16.05 -41.62 -55.93
N GLN A 688 15.29 -42.27 -56.81
CA GLN A 688 14.15 -43.04 -56.36
C GLN A 688 14.58 -43.87 -55.15
N GLU A 689 15.85 -44.25 -55.12
CA GLU A 689 16.42 -45.04 -54.03
C GLU A 689 16.40 -44.32 -52.68
N LYS A 690 17.13 -43.21 -52.62
CA LYS A 690 17.25 -42.41 -51.40
C LYS A 690 15.91 -41.78 -51.01
N ILE A 691 15.12 -41.41 -52.02
CA ILE A 691 13.81 -40.81 -51.81
C ILE A 691 12.86 -41.76 -51.12
N ASP A 692 12.76 -42.97 -51.64
CA ASP A 692 11.92 -43.99 -51.03
C ASP A 692 12.35 -44.22 -49.58
N ALA A 693 13.64 -44.45 -49.36
CA ALA A 693 14.16 -44.69 -48.02
C ALA A 693 13.85 -43.52 -47.08
N PHE A 694 13.92 -42.30 -47.61
CA PHE A 694 13.61 -41.08 -46.87
C PHE A 694 12.12 -40.97 -46.59
N TYR A 695 11.30 -41.51 -47.49
CA TYR A 695 9.87 -41.55 -47.26
C TYR A 695 9.56 -42.54 -46.15
N ASP A 696 10.19 -43.70 -46.21
CA ASP A 696 9.95 -44.76 -45.24
C ASP A 696 10.16 -44.24 -43.81
N ARG A 697 11.27 -43.53 -43.63
CA ARG A 697 11.73 -43.15 -42.30
C ARG A 697 10.95 -42.00 -41.67
N PHE A 698 10.53 -41.03 -42.48
CA PHE A 698 9.99 -39.81 -41.91
C PHE A 698 8.53 -39.54 -42.24
N CYS A 699 8.05 -40.10 -43.34
CA CYS A 699 6.78 -39.67 -43.89
C CYS A 699 5.72 -40.75 -43.90
N SER A 700 6.08 -41.92 -43.37
CA SER A 700 5.22 -43.10 -43.45
C SER A 700 4.03 -43.03 -42.51
N VAL A 701 4.12 -42.23 -41.44
CA VAL A 701 3.05 -42.16 -40.46
C VAL A 701 1.87 -41.39 -41.02
N ASP A 702 2.17 -40.29 -41.71
CA ASP A 702 1.14 -39.42 -42.29
C ASP A 702 0.22 -40.14 -43.26
N ASN A 703 -1.07 -40.16 -42.92
CA ASN A 703 -2.10 -40.81 -43.73
C ASN A 703 -3.29 -39.88 -44.01
N GLY A 704 -3.09 -38.59 -43.74
CA GLY A 704 -4.09 -37.58 -43.99
C GLY A 704 -5.31 -37.66 -43.09
N LYS A 705 -5.23 -38.40 -42.00
CA LYS A 705 -6.35 -38.45 -41.06
C LYS A 705 -6.10 -37.62 -39.79
N ALA A 706 -4.98 -36.91 -39.74
CA ALA A 706 -4.59 -36.17 -38.56
C ALA A 706 -5.64 -35.16 -38.07
N SER A 707 -6.17 -34.33 -38.97
CA SER A 707 -7.17 -33.34 -38.55
C SER A 707 -8.35 -34.09 -37.97
N GLN A 708 -8.75 -35.16 -38.65
CA GLN A 708 -9.81 -36.01 -38.14
C GLN A 708 -9.51 -36.52 -36.73
N TYR A 709 -8.35 -37.15 -36.53
CA TYR A 709 -7.99 -37.70 -35.21
C TYR A 709 -8.09 -36.66 -34.07
N ILE A 710 -7.47 -35.50 -34.25
CA ILE A 710 -7.54 -34.44 -33.22
C ILE A 710 -8.96 -33.93 -33.01
N GLY A 711 -9.62 -33.46 -34.05
CA GLY A 711 -11.00 -33.01 -33.92
C GLY A 711 -11.87 -34.02 -33.20
N ASP A 712 -11.70 -35.31 -33.52
CA ASP A 712 -12.44 -36.39 -32.86
C ASP A 712 -12.03 -36.52 -31.40
N LEU A 713 -10.72 -36.45 -31.14
CA LEU A 713 -10.23 -36.47 -29.75
C LEU A 713 -10.93 -35.39 -28.96
N ILE A 714 -10.77 -34.15 -29.43
CA ILE A 714 -11.42 -33.00 -28.83
C ILE A 714 -12.92 -33.23 -28.65
N HIS A 715 -13.52 -33.99 -29.56
CA HIS A 715 -14.95 -34.35 -29.44
C HIS A 715 -15.17 -35.42 -28.37
N LYS A 716 -14.42 -36.52 -28.47
CA LYS A 716 -14.45 -37.59 -27.47
C LYS A 716 -14.25 -36.97 -26.09
N ASP A 717 -13.47 -35.90 -26.02
CA ASP A 717 -13.12 -35.23 -24.77
C ASP A 717 -14.27 -34.41 -24.18
N ILE A 718 -14.88 -33.55 -24.99
CA ILE A 718 -15.90 -32.64 -24.47
C ILE A 718 -17.30 -33.23 -24.53
N LYS A 719 -17.35 -34.55 -24.49
CA LYS A 719 -18.61 -35.28 -24.37
C LYS A 719 -18.61 -35.88 -22.97
N GLU A 720 -17.49 -36.48 -22.59
CA GLU A 720 -17.30 -36.87 -21.21
C GLU A 720 -17.53 -35.64 -20.34
N GLN A 721 -16.79 -34.58 -20.61
CA GLN A 721 -16.83 -33.36 -19.79
C GLN A 721 -18.23 -32.78 -19.61
N LEU A 722 -19.14 -33.15 -20.51
CA LEU A 722 -20.53 -32.69 -20.43
C LEU A 722 -21.36 -33.49 -19.41
N GLU A 723 -20.90 -33.50 -18.16
CA GLU A 723 -21.57 -34.18 -17.04
C GLU A 723 -21.03 -33.71 -15.70
N ALA B 313 -0.31 15.34 -10.60
CA ALA B 313 0.95 15.57 -9.89
C ALA B 313 1.42 14.28 -9.24
N PHE B 314 0.77 13.17 -9.62
CA PHE B 314 1.00 11.87 -9.01
C PHE B 314 2.47 11.49 -9.01
N LYS B 315 3.03 11.24 -7.83
CA LYS B 315 4.40 10.74 -7.78
C LYS B 315 4.41 9.22 -7.99
N VAL B 316 4.70 8.81 -9.22
CA VAL B 316 4.66 7.40 -9.60
C VAL B 316 5.67 6.54 -8.81
N ASN B 317 6.93 6.97 -8.73
CA ASN B 317 7.93 6.20 -8.00
C ASN B 317 7.54 5.92 -6.54
N GLN B 318 7.20 6.97 -5.81
CA GLN B 318 6.72 6.80 -4.44
C GLN B 318 5.60 5.77 -4.31
N PHE B 319 4.64 5.82 -5.23
CA PHE B 319 3.57 4.83 -5.23
C PHE B 319 4.13 3.43 -5.32
N ARG B 320 5.05 3.21 -6.26
CA ARG B 320 5.66 1.89 -6.41
C ARG B 320 6.33 1.39 -5.14
N LYS B 321 7.09 2.26 -4.48
CA LYS B 321 7.74 1.91 -3.22
C LYS B 321 6.73 1.63 -2.13
N THR B 322 5.65 2.39 -2.11
CA THR B 322 4.60 2.18 -1.12
C THR B 322 3.94 0.81 -1.27
N LEU B 323 3.65 0.41 -2.50
CA LEU B 323 3.12 -0.92 -2.76
C LEU B 323 4.13 -1.99 -2.39
N ARG B 324 5.37 -1.82 -2.85
CA ARG B 324 6.38 -2.80 -2.53
C ARG B 324 6.41 -2.97 -1.03
N HIS B 325 6.51 -1.88 -0.30
CA HIS B 325 6.64 -1.99 1.14
C HIS B 325 5.43 -2.63 1.79
N VAL B 326 4.23 -2.29 1.34
CA VAL B 326 3.05 -2.92 1.91
C VAL B 326 3.10 -4.43 1.67
N LYS B 327 3.48 -4.82 0.44
CA LYS B 327 3.65 -6.22 0.08
C LYS B 327 4.55 -6.91 1.09
N ASN B 328 5.76 -6.38 1.26
CA ASN B 328 6.69 -6.97 2.21
C ASN B 328 6.09 -7.09 3.61
N ILE B 329 5.59 -5.97 4.13
CA ILE B 329 5.12 -5.93 5.53
C ILE B 329 4.01 -6.96 5.80
N VAL B 330 3.03 -7.02 4.91
CA VAL B 330 1.90 -7.92 5.09
C VAL B 330 2.35 -9.36 4.93
N LEU B 331 3.26 -9.59 3.98
CA LEU B 331 3.74 -10.94 3.67
C LEU B 331 4.73 -11.45 4.68
N ARG B 332 5.04 -10.60 5.66
CA ARG B 332 6.02 -10.91 6.71
C ARG B 332 7.45 -11.12 6.15
N ARG B 333 7.72 -10.50 5.00
CA ARG B 333 9.01 -10.63 4.34
C ARG B 333 10.14 -9.98 5.14
N LYS B 334 11.31 -10.62 5.17
CA LYS B 334 12.44 -10.13 5.96
C LYS B 334 12.89 -8.77 5.44
N ASN B 335 12.57 -8.47 4.20
CA ASN B 335 13.01 -7.22 3.57
C ASN B 335 12.21 -5.98 3.92
N LYS B 336 11.21 -6.14 4.78
CA LYS B 336 10.39 -5.01 5.21
C LYS B 336 11.29 -3.84 5.63
N GLU B 337 12.44 -4.16 6.22
CA GLU B 337 13.32 -3.12 6.71
C GLU B 337 13.94 -2.36 5.56
N ARG B 338 14.21 -3.08 4.47
CA ARG B 338 14.75 -2.49 3.25
C ARG B 338 13.76 -1.55 2.55
N SER B 339 12.54 -2.05 2.32
CA SER B 339 11.48 -1.31 1.61
C SER B 339 10.89 -0.15 2.37
N LEU B 340 10.98 -0.20 3.71
CA LEU B 340 10.66 0.95 4.54
C LEU B 340 11.72 2.01 4.34
N TYR B 341 12.99 1.60 4.41
CA TYR B 341 14.13 2.50 4.17
C TYR B 341 13.89 3.28 2.88
N ASP B 342 13.76 2.56 1.78
CA ASP B 342 13.62 3.14 0.46
C ASP B 342 12.42 4.11 0.38
N LEU B 343 11.37 3.81 1.14
CA LEU B 343 10.14 4.61 1.12
C LEU B 343 10.35 5.99 1.71
N THR B 344 11.19 6.04 2.74
CA THR B 344 11.33 7.21 3.59
C THR B 344 12.67 7.89 3.44
N ASP B 345 13.60 7.23 2.75
CA ASP B 345 14.94 7.77 2.64
C ASP B 345 14.91 9.15 1.99
N LYS B 346 14.91 10.20 2.81
CA LYS B 346 14.92 11.55 2.28
C LYS B 346 16.31 12.14 2.40
N GLU B 347 16.64 13.04 1.49
CA GLU B 347 17.95 13.68 1.47
C GLU B 347 18.27 14.44 2.76
N ASP B 348 17.29 14.56 3.65
CA ASP B 348 17.46 15.32 4.89
C ASP B 348 18.03 14.50 6.03
N ASN B 349 17.84 13.19 6.00
CA ASN B 349 18.26 12.35 7.11
C ASN B 349 19.75 12.48 7.35
N VAL B 350 20.46 12.98 6.35
CA VAL B 350 21.91 13.04 6.42
C VAL B 350 22.39 13.98 7.50
N LYS B 351 23.27 13.47 8.36
CA LYS B 351 23.90 14.23 9.42
C LYS B 351 25.40 14.28 9.17
N PRO B 352 25.90 15.44 8.74
CA PRO B 352 27.30 15.67 8.37
C PRO B 352 28.39 14.99 9.21
N LYS B 353 28.13 14.75 10.50
CA LYS B 353 29.17 14.22 11.40
C LYS B 353 29.23 12.68 11.40
N THR B 354 28.42 12.05 10.56
CA THR B 354 28.31 10.60 10.57
C THR B 354 29.02 9.94 9.41
N ILE B 355 29.81 8.91 9.74
CA ILE B 355 30.56 8.17 8.76
C ILE B 355 30.40 6.66 9.00
N VAL B 356 29.88 5.95 7.99
CA VAL B 356 29.78 4.49 8.04
C VAL B 356 30.97 3.84 7.39
N PHE B 357 31.44 2.75 7.99
CA PHE B 357 32.52 1.96 7.39
C PHE B 357 32.06 0.52 7.22
N GLU B 358 32.59 -0.15 6.22
CA GLU B 358 32.34 -1.56 6.00
C GLU B 358 33.49 -2.04 5.19
N SER B 359 34.01 -3.22 5.50
CA SER B 359 35.05 -3.80 4.67
C SER B 359 34.64 -5.19 4.26
N PHE B 360 34.93 -5.52 3.02
CA PHE B 360 34.52 -6.79 2.43
C PHE B 360 33.11 -7.20 2.77
N GLY B 361 32.15 -6.35 2.46
CA GLY B 361 30.74 -6.64 2.67
C GLY B 361 30.40 -7.05 4.08
N GLY B 362 31.07 -6.41 5.04
CA GLY B 362 30.78 -6.59 6.45
C GLY B 362 31.13 -7.94 7.07
N LYS B 363 32.16 -8.60 6.55
CA LYS B 363 32.63 -9.85 7.13
C LYS B 363 33.67 -9.58 8.20
N ASN B 364 34.41 -8.49 8.01
CA ASN B 364 35.54 -8.21 8.84
C ASN B 364 35.52 -6.84 9.47
N TYR B 365 36.40 -6.65 10.42
CA TYR B 365 36.88 -5.33 10.74
C TYR B 365 38.31 -5.39 10.27
N SER B 366 38.58 -4.89 9.06
CA SER B 366 39.90 -5.08 8.46
C SER B 366 40.20 -4.15 7.29
N ASP B 367 41.32 -4.38 6.63
CA ASP B 367 41.67 -3.68 5.39
C ASP B 367 41.67 -2.16 5.54
N SER B 368 41.66 -1.46 4.42
CA SER B 368 41.77 0.01 4.42
C SER B 368 40.67 0.75 5.19
N PRO B 369 39.43 0.27 5.13
CA PRO B 369 38.46 0.99 5.97
C PRO B 369 38.90 1.03 7.42
N LYS B 370 39.45 -0.07 7.91
CA LYS B 370 40.01 -0.10 9.25
C LYS B 370 41.02 1.04 9.48
N TYR B 371 42.08 1.08 8.67
CA TYR B 371 43.15 2.06 8.85
C TYR B 371 42.74 3.50 8.59
N ILE B 372 41.69 3.68 7.82
CA ILE B 372 41.13 5.02 7.62
C ILE B 372 40.45 5.40 8.94
N TYR B 373 39.72 4.44 9.50
CA TYR B 373 39.00 4.61 10.76
C TYR B 373 39.94 4.89 11.92
N GLU B 374 40.90 4.00 12.13
CA GLU B 374 41.82 4.13 13.25
C GLU B 374 42.56 5.49 13.24
N TYR B 375 42.79 6.03 12.05
CA TYR B 375 43.38 7.36 11.92
C TYR B 375 42.41 8.42 12.37
N MET B 376 41.20 8.40 11.80
CA MET B 376 40.21 9.41 12.14
C MET B 376 39.75 9.35 13.59
N GLN B 377 40.11 8.28 14.29
CA GLN B 377 39.83 8.15 15.71
C GLN B 377 40.84 8.94 16.58
N LYS B 378 42.09 8.94 16.14
CA LYS B 378 43.13 9.65 16.86
C LYS B 378 43.00 11.17 16.70
N TYR B 379 42.54 11.63 15.55
CA TYR B 379 42.54 13.08 15.22
C TYR B 379 41.17 13.75 15.13
N TYR B 380 40.10 12.96 15.07
CA TYR B 380 38.76 13.51 14.90
C TYR B 380 37.72 12.79 15.74
N PRO B 381 37.97 12.67 17.05
CA PRO B 381 37.01 11.84 17.80
C PRO B 381 35.60 12.45 17.81
N ASN B 382 35.49 13.70 17.38
CA ASN B 382 34.22 14.42 17.36
C ASN B 382 33.06 13.67 16.68
N TYR B 383 33.36 13.04 15.55
CA TYR B 383 32.35 12.48 14.65
C TYR B 383 31.71 11.18 15.11
N ARG B 384 30.59 10.83 14.47
CA ARG B 384 29.91 9.56 14.75
C ARG B 384 30.40 8.46 13.83
N TYR B 385 30.89 7.39 14.41
CA TYR B 385 31.40 6.33 13.57
C TYR B 385 30.50 5.10 13.65
N ILE B 386 30.19 4.51 12.50
CA ILE B 386 29.37 3.30 12.49
C ILE B 386 30.03 2.24 11.64
N TRP B 387 30.13 1.02 12.16
CA TRP B 387 30.62 -0.08 11.35
C TRP B 387 29.51 -1.08 11.00
N SER B 388 29.46 -1.46 9.73
CA SER B 388 28.52 -2.45 9.27
C SER B 388 29.12 -3.84 9.23
N PHE B 389 28.43 -4.82 9.82
CA PHE B 389 28.92 -6.18 9.84
C PHE B 389 27.84 -7.19 9.45
N LYS B 390 28.23 -8.42 9.17
CA LYS B 390 27.22 -9.45 8.98
C LYS B 390 26.78 -9.90 10.35
N ASN B 391 27.76 -10.20 11.19
CA ASN B 391 27.56 -10.65 12.57
C ASN B 391 28.40 -9.80 13.53
N PRO B 392 27.88 -8.62 13.92
CA PRO B 392 28.60 -7.67 14.77
C PRO B 392 29.07 -8.25 16.12
N ASP B 393 28.31 -9.19 16.67
CA ASP B 393 28.67 -9.78 17.94
C ASP B 393 30.00 -10.54 17.87
N LYS B 394 30.41 -10.87 16.65
CA LYS B 394 31.64 -11.66 16.44
C LYS B 394 32.81 -10.82 15.94
N ASN B 395 32.67 -9.50 16.00
CA ASN B 395 33.72 -8.59 15.57
C ASN B 395 34.01 -7.56 16.65
N VAL B 396 35.24 -7.06 16.69
CA VAL B 396 35.62 -6.10 17.72
C VAL B 396 36.22 -4.83 17.15
N VAL B 397 35.68 -3.69 17.54
CA VAL B 397 36.14 -2.42 17.00
C VAL B 397 36.66 -1.49 18.10
N PRO B 398 37.95 -1.16 18.06
CA PRO B 398 38.52 -0.16 18.97
C PRO B 398 37.80 1.15 18.76
N GLY B 399 37.62 1.95 19.80
CA GLY B 399 37.11 3.30 19.62
C GLY B 399 35.62 3.53 19.85
N SER B 400 35.17 4.73 19.47
CA SER B 400 33.82 5.18 19.74
C SER B 400 32.74 4.51 18.89
N ALA B 401 33.15 4.00 17.73
CA ALA B 401 32.23 3.51 16.70
C ALA B 401 31.10 2.65 17.24
N GLU B 402 29.94 2.73 16.61
CA GLU B 402 28.86 1.80 16.92
C GLU B 402 28.74 0.77 15.82
N LYS B 403 28.30 -0.43 16.17
CA LYS B 403 28.18 -1.50 15.20
C LYS B 403 26.73 -1.75 14.81
N VAL B 404 26.48 -1.98 13.53
CA VAL B 404 25.14 -2.33 13.07
C VAL B 404 25.22 -3.66 12.33
N LYS B 405 24.14 -4.42 12.35
CA LYS B 405 24.07 -5.67 11.60
C LYS B 405 23.47 -5.38 10.23
N ARG B 406 23.82 -6.16 9.22
CA ARG B 406 23.35 -5.88 7.87
C ARG B 406 21.88 -6.20 7.66
N ASN B 407 21.20 -5.32 6.93
CA ASN B 407 19.77 -5.46 6.67
C ASN B 407 18.92 -5.25 7.90
N SER B 408 19.53 -4.68 8.94
CA SER B 408 18.86 -4.41 10.20
C SER B 408 18.45 -2.95 10.26
N ALA B 409 17.27 -2.67 10.80
CA ALA B 409 16.77 -1.30 10.82
C ALA B 409 17.84 -0.23 11.16
N GLU B 410 18.85 -0.59 11.95
CA GLU B 410 19.97 0.32 12.24
C GLU B 410 20.91 0.51 11.03
N TYR B 411 21.19 -0.56 10.32
CA TYR B 411 22.02 -0.54 9.12
C TYR B 411 21.54 0.50 8.13
N TYR B 412 20.24 0.45 7.79
CA TYR B 412 19.69 1.36 6.81
C TYR B 412 19.65 2.78 7.35
N GLN B 413 19.44 2.92 8.65
CA GLN B 413 19.55 4.22 9.26
C GLN B 413 20.93 4.75 8.97
N ALA B 414 21.93 3.91 9.24
CA ALA B 414 23.30 4.36 9.23
C ALA B 414 23.65 4.89 7.87
N TYR B 415 23.21 4.20 6.83
CA TYR B 415 23.52 4.65 5.48
C TYR B 415 22.62 5.79 5.04
N SER B 416 21.41 5.83 5.57
CA SER B 416 20.51 6.94 5.35
C SER B 416 21.11 8.24 5.87
N GLU B 417 21.61 8.21 7.09
CA GLU B 417 22.16 9.39 7.79
C GLU B 417 23.58 9.77 7.38
N ALA B 418 24.42 8.79 7.14
CA ALA B 418 25.82 9.06 6.88
C ALA B 418 26.04 10.04 5.73
N SER B 419 27.00 10.93 5.93
CA SER B 419 27.41 11.89 4.92
C SER B 419 28.55 11.34 4.09
N HIS B 420 29.14 10.25 4.57
CA HIS B 420 30.25 9.59 3.93
C HIS B 420 30.12 8.09 4.09
N TRP B 421 30.40 7.38 3.00
CA TRP B 421 30.45 5.94 3.00
C TRP B 421 31.88 5.54 2.75
N VAL B 422 32.46 4.75 3.63
CA VAL B 422 33.76 4.21 3.33
C VAL B 422 33.68 2.70 3.19
N SER B 423 34.13 2.20 2.05
CA SER B 423 34.19 0.76 1.82
C SER B 423 35.31 0.39 0.87
N ASN B 424 35.66 -0.90 0.88
CA ASN B 424 36.67 -1.43 -0.02
C ASN B 424 36.09 -2.45 -0.96
N ALA B 425 34.76 -2.55 -0.97
CA ALA B 425 34.12 -3.47 -1.90
C ALA B 425 32.88 -2.82 -2.42
N ARG B 426 32.03 -3.62 -3.04
CA ARG B 426 30.80 -3.08 -3.59
C ARG B 426 29.76 -2.98 -2.49
N THR B 427 29.10 -1.83 -2.42
CA THR B 427 27.93 -1.70 -1.54
C THR B 427 26.64 -1.96 -2.32
N PRO B 428 25.68 -2.67 -1.71
CA PRO B 428 24.45 -3.11 -2.37
C PRO B 428 23.78 -2.00 -3.15
N LEU B 429 23.23 -2.33 -4.32
CA LEU B 429 22.53 -1.31 -5.09
C LEU B 429 21.17 -0.94 -4.45
N TYR B 430 20.64 -1.78 -3.57
CA TYR B 430 19.44 -1.36 -2.84
C TYR B 430 19.66 -0.10 -2.01
N LEU B 431 20.85 0.08 -1.42
CA LEU B 431 21.17 1.30 -0.70
C LEU B 431 21.20 2.52 -1.61
N ASN B 432 20.58 3.61 -1.18
CA ASN B 432 20.50 4.81 -2.00
C ASN B 432 21.62 5.80 -1.71
N LYS B 433 22.54 5.99 -2.65
CA LYS B 433 23.57 7.00 -2.44
C LYS B 433 23.12 8.37 -2.93
N LYS B 434 22.53 9.15 -2.02
CA LYS B 434 21.98 10.47 -2.35
C LYS B 434 23.08 11.40 -2.85
N GLU B 435 22.74 12.41 -3.65
CA GLU B 435 23.76 13.29 -4.23
C GLU B 435 24.27 14.21 -3.14
N ASN B 436 23.95 13.78 -1.93
CA ASN B 436 24.08 14.51 -0.69
C ASN B 436 25.18 13.84 0.14
N GLN B 437 25.50 12.61 -0.25
CA GLN B 437 26.47 11.79 0.46
C GLN B 437 27.71 11.55 -0.42
N THR B 438 28.87 11.44 0.23
CA THR B 438 30.12 11.17 -0.49
C THR B 438 30.54 9.71 -0.25
N TYR B 439 30.70 8.95 -1.33
CA TYR B 439 31.02 7.53 -1.21
C TYR B 439 32.46 7.24 -1.65
N ILE B 440 33.31 6.89 -0.69
CA ILE B 440 34.73 6.67 -0.95
C ILE B 440 35.09 5.18 -1.13
N GLN B 441 35.54 4.81 -2.31
CA GLN B 441 35.82 3.42 -2.61
C GLN B 441 37.30 3.24 -2.58
N THR B 442 37.78 2.46 -1.63
CA THR B 442 39.22 2.25 -1.52
C THR B 442 39.60 1.10 -2.41
N TRP B 443 38.60 0.32 -2.81
CA TRP B 443 38.83 -0.96 -3.47
C TRP B 443 39.81 -1.81 -2.66
N ASN B 444 40.33 -2.87 -3.24
CA ASN B 444 41.05 -3.80 -2.42
C ASN B 444 42.29 -4.36 -3.04
N GLY B 445 42.73 -3.77 -4.15
CA GLY B 445 44.07 -4.07 -4.62
C GLY B 445 44.40 -3.89 -6.09
N THR B 446 45.66 -3.55 -6.34
CA THR B 446 46.27 -3.64 -7.67
C THR B 446 45.84 -4.94 -8.36
N PRO B 447 45.11 -4.84 -9.47
CA PRO B 447 44.50 -6.02 -10.09
C PRO B 447 45.49 -6.75 -10.96
N LEU B 448 45.61 -8.06 -10.79
CA LEU B 448 46.36 -8.86 -11.74
C LEU B 448 45.38 -9.43 -12.76
N LYS B 449 44.30 -10.05 -12.29
CA LYS B 449 43.33 -10.62 -13.21
C LYS B 449 42.37 -9.54 -13.69
N ARG B 450 41.93 -9.64 -14.94
CA ARG B 450 41.03 -8.64 -15.47
C ARG B 450 39.66 -8.72 -14.79
N LEU B 451 39.13 -7.55 -14.45
CA LEU B 451 37.89 -7.42 -13.68
C LEU B 451 36.85 -6.46 -14.26
N ALA B 452 35.60 -6.69 -13.89
CA ALA B 452 34.49 -5.84 -14.30
C ALA B 452 34.49 -5.65 -15.81
N ASN B 453 34.29 -4.42 -16.28
CA ASN B 453 34.18 -4.15 -17.72
C ASN B 453 35.16 -4.90 -18.63
N ASP B 454 36.41 -5.01 -18.20
CA ASP B 454 37.45 -5.64 -19.01
C ASP B 454 37.32 -7.15 -19.10
N MET B 455 36.45 -7.75 -18.30
CA MET B 455 36.24 -9.20 -18.35
C MET B 455 35.70 -9.59 -19.71
N LYS B 456 36.13 -10.75 -20.22
CA LYS B 456 35.63 -11.20 -21.51
C LYS B 456 34.23 -11.82 -21.40
N VAL B 457 34.10 -12.86 -20.58
CA VAL B 457 32.81 -13.49 -20.42
C VAL B 457 32.63 -14.12 -19.03
N VAL B 458 31.43 -13.98 -18.47
CA VAL B 458 31.12 -14.41 -17.11
C VAL B 458 29.90 -15.31 -17.08
N ARG B 459 30.13 -16.62 -17.10
CA ARG B 459 29.07 -17.61 -17.13
C ARG B 459 28.46 -17.84 -15.74
N MET B 460 28.75 -16.93 -14.82
CA MET B 460 28.28 -17.02 -13.44
C MET B 460 26.77 -16.83 -13.33
N PRO B 461 26.06 -17.94 -13.08
CA PRO B 461 24.61 -18.18 -13.13
C PRO B 461 23.69 -17.03 -12.69
N GLY B 462 22.41 -17.20 -12.98
CA GLY B 462 21.39 -16.21 -12.67
C GLY B 462 21.48 -14.99 -13.55
N THR B 463 22.69 -14.69 -14.00
CA THR B 463 22.97 -13.46 -14.69
C THR B 463 23.96 -13.63 -15.84
N THR B 464 23.69 -12.94 -16.95
CA THR B 464 24.53 -12.97 -18.14
C THR B 464 25.62 -11.91 -18.06
N THR B 465 26.58 -11.98 -18.98
CA THR B 465 27.73 -11.07 -18.95
C THR B 465 27.32 -9.61 -19.10
N PRO B 466 26.44 -9.31 -20.06
CA PRO B 466 25.89 -7.96 -20.12
C PRO B 466 25.26 -7.48 -18.81
N LYS B 467 24.33 -8.23 -18.22
CA LYS B 467 23.68 -7.78 -16.98
C LYS B 467 24.63 -7.73 -15.77
N TYR B 468 25.64 -8.59 -15.73
CA TYR B 468 26.63 -8.51 -14.66
C TYR B 468 27.48 -7.25 -14.74
N LYS B 469 27.91 -6.92 -15.96
CA LYS B 469 28.68 -5.71 -16.18
C LYS B 469 27.80 -4.49 -15.98
N ARG B 470 26.55 -4.59 -16.40
CA ARG B 470 25.66 -3.46 -16.31
C ARG B 470 25.50 -3.03 -14.87
N ASN B 471 25.51 -4.01 -13.97
CA ASN B 471 25.30 -3.73 -12.55
C ASN B 471 26.58 -3.23 -11.89
N PHE B 472 27.71 -3.79 -12.30
CA PHE B 472 28.96 -3.30 -11.78
C PHE B 472 29.06 -1.82 -12.14
N ASN B 473 28.62 -1.45 -13.34
CA ASN B 473 28.68 -0.06 -13.76
C ASN B 473 27.79 0.81 -12.90
N ARG B 474 26.56 0.34 -12.67
CA ARG B 474 25.60 1.07 -11.87
C ARG B 474 26.27 1.44 -10.56
N GLU B 475 27.01 0.49 -10.01
CA GLU B 475 27.75 0.72 -8.77
C GLU B 475 28.86 1.77 -8.92
N THR B 476 29.83 1.55 -9.80
CA THR B 476 30.97 2.45 -9.88
C THR B 476 30.59 3.92 -10.17
N SER B 477 29.40 4.13 -10.71
CA SER B 477 28.93 5.48 -10.98
C SER B 477 28.64 6.24 -9.67
N ARG B 478 28.41 5.50 -8.60
CA ARG B 478 28.19 6.06 -7.25
C ARG B 478 29.49 6.27 -6.46
N TRP B 479 30.63 5.85 -7.03
CA TRP B 479 31.90 6.08 -6.38
C TRP B 479 32.32 7.53 -6.59
N ASP B 480 32.28 8.32 -5.52
CA ASP B 480 32.63 9.72 -5.61
C ASP B 480 34.13 9.90 -5.71
N TYR B 481 34.87 9.12 -4.91
CA TYR B 481 36.32 8.92 -5.08
C TYR B 481 36.65 7.44 -5.10
N LEU B 482 37.69 7.08 -5.84
CA LEU B 482 38.20 5.72 -5.92
C LEU B 482 39.70 5.75 -5.75
N ILE B 483 40.20 4.96 -4.82
CA ILE B 483 41.64 4.92 -4.52
C ILE B 483 42.47 4.06 -5.49
N SER B 484 43.68 4.52 -5.82
CA SER B 484 44.55 3.76 -6.71
C SER B 484 45.98 3.67 -6.20
N PRO B 485 46.58 2.47 -6.29
CA PRO B 485 47.92 2.10 -5.85
C PRO B 485 49.08 2.65 -6.69
N ASN B 486 48.83 2.89 -7.97
CA ASN B 486 49.90 3.10 -8.93
C ASN B 486 49.35 3.49 -10.30
N ARG B 487 50.22 3.93 -11.19
CA ARG B 487 49.80 4.34 -12.52
C ARG B 487 49.16 3.18 -13.29
N TYR B 488 49.74 1.99 -13.16
CA TYR B 488 49.21 0.79 -13.79
C TYR B 488 47.75 0.59 -13.42
N SER B 489 47.44 0.70 -12.14
CA SER B 489 46.10 0.45 -11.65
C SER B 489 45.11 1.50 -12.10
N THR B 490 45.59 2.74 -12.18
CA THR B 490 44.77 3.86 -12.60
C THR B 490 44.28 3.74 -14.04
N GLU B 491 45.19 3.40 -14.94
CA GLU B 491 44.86 3.16 -16.34
C GLU B 491 43.79 2.07 -16.42
N ILE B 492 43.97 1.03 -15.60
CA ILE B 492 43.04 -0.09 -15.56
C ILE B 492 41.69 0.31 -15.00
N PHE B 493 41.67 1.03 -13.89
CA PHE B 493 40.39 1.40 -13.29
C PHE B 493 39.59 2.29 -14.22
N ARG B 494 40.27 3.21 -14.90
CA ARG B 494 39.59 4.13 -15.80
C ARG B 494 38.69 3.37 -16.78
N SER B 495 39.18 2.23 -17.27
CA SER B 495 38.40 1.36 -18.17
C SER B 495 37.56 0.30 -17.46
N ALA B 496 38.20 -0.58 -16.71
CA ALA B 496 37.49 -1.67 -16.06
C ALA B 496 36.32 -1.18 -15.22
N PHE B 497 36.44 -0.01 -14.62
CA PHE B 497 35.39 0.48 -13.74
C PHE B 497 34.69 1.70 -14.31
N TRP B 498 34.81 1.93 -15.60
CA TRP B 498 34.11 3.05 -16.20
C TRP B 498 34.37 4.34 -15.44
N MET B 499 35.62 4.62 -15.07
CA MET B 499 35.89 5.75 -14.16
C MET B 499 36.34 7.06 -14.80
N ASP B 500 35.85 8.16 -14.25
CA ASP B 500 36.41 9.47 -14.56
C ASP B 500 37.71 9.57 -13.78
N GLU B 501 38.81 9.82 -14.49
CA GLU B 501 40.11 9.87 -13.84
C GLU B 501 40.15 10.98 -12.78
N GLU B 502 39.29 11.97 -12.94
CA GLU B 502 39.23 13.10 -12.02
C GLU B 502 38.89 12.61 -10.61
N ARG B 503 38.32 11.41 -10.55
CA ARG B 503 37.80 10.83 -9.32
C ARG B 503 38.77 9.83 -8.68
N ILE B 504 39.83 9.50 -9.39
CA ILE B 504 40.85 8.61 -8.85
C ILE B 504 41.83 9.34 -7.95
N LEU B 505 42.01 8.82 -6.74
CA LEU B 505 42.98 9.38 -5.81
C LEU B 505 44.17 8.45 -5.74
N GLU B 506 45.23 8.75 -6.48
CA GLU B 506 46.43 7.91 -6.44
C GLU B 506 47.28 8.17 -5.23
N ILE B 507 47.00 7.49 -4.13
CA ILE B 507 47.72 7.72 -2.90
C ILE B 507 48.25 6.46 -2.26
N GLY B 508 47.87 5.31 -2.82
CA GLY B 508 48.25 4.04 -2.25
C GLY B 508 47.23 3.57 -1.21
N TYR B 509 47.31 2.31 -0.82
CA TYR B 509 46.30 1.75 0.08
C TYR B 509 46.57 2.09 1.53
N PRO B 510 45.56 2.59 2.25
CA PRO B 510 45.78 2.81 3.67
C PRO B 510 46.13 1.50 4.35
N ARG B 511 45.71 0.39 3.78
CA ARG B 511 46.02 -0.89 4.39
C ARG B 511 47.50 -1.21 4.30
N ASN B 512 48.21 -0.47 3.47
CA ASN B 512 49.62 -0.73 3.26
C ASN B 512 50.50 0.31 3.91
N ASP B 513 49.92 1.17 4.73
CA ASP B 513 50.71 2.16 5.44
C ASP B 513 51.70 1.51 6.38
N VAL B 514 51.21 0.59 7.20
CA VAL B 514 52.06 -0.17 8.10
C VAL B 514 53.24 -0.82 7.38
N LEU B 515 53.14 -0.97 6.06
CA LEU B 515 54.24 -1.56 5.30
C LEU B 515 55.32 -0.52 5.08
N VAL B 516 55.06 0.70 5.53
CA VAL B 516 56.01 1.76 5.30
C VAL B 516 56.41 2.39 6.63
N ASN B 517 55.43 2.56 7.52
CA ASN B 517 55.68 3.23 8.79
C ASN B 517 56.23 2.32 9.88
N ARG B 518 56.08 1.01 9.69
CA ARG B 518 56.30 0.07 10.80
C ARG B 518 57.10 -1.20 10.45
N ALA B 519 57.80 -1.21 9.32
CA ALA B 519 58.59 -2.39 8.99
C ALA B 519 59.74 -2.56 9.99
N ASN B 520 60.18 -1.44 10.57
CA ASN B 520 61.33 -1.41 11.46
C ASN B 520 60.98 -1.46 12.94
N ASP B 521 59.70 -1.31 13.26
CA ASP B 521 59.27 -1.32 14.66
C ASP B 521 59.43 -2.71 15.26
N GLN B 522 60.55 -2.95 15.93
CA GLN B 522 60.85 -4.27 16.46
C GLN B 522 59.86 -4.74 17.54
N GLU B 523 59.30 -3.81 18.30
CA GLU B 523 58.33 -4.19 19.32
C GLU B 523 57.02 -4.60 18.68
N TYR B 524 56.70 -3.98 17.55
CA TYR B 524 55.48 -4.29 16.81
C TYR B 524 55.64 -5.68 16.18
N LEU B 525 56.77 -5.89 15.53
CA LEU B 525 57.01 -7.18 14.93
C LEU B 525 56.74 -8.25 16.00
N ASP B 526 57.35 -8.08 17.16
CA ASP B 526 57.24 -9.08 18.23
C ASP B 526 55.81 -9.36 18.67
N GLU B 527 55.03 -8.31 18.90
CA GLU B 527 53.62 -8.50 19.24
C GLU B 527 52.96 -9.46 18.25
N ILE B 528 53.16 -9.22 16.95
CA ILE B 528 52.54 -10.02 15.90
C ILE B 528 53.06 -11.46 15.96
N ARG B 529 54.34 -11.61 16.29
CA ARG B 529 54.97 -12.94 16.29
C ARG B 529 54.58 -13.74 17.53
N THR B 530 54.39 -13.07 18.65
CA THR B 530 54.04 -13.77 19.88
C THR B 530 52.51 -13.88 19.98
N HIS B 531 51.81 -13.16 19.10
CA HIS B 531 50.36 -13.30 18.99
C HIS B 531 50.06 -14.59 18.24
N LEU B 532 51.01 -15.04 17.44
CA LEU B 532 50.83 -16.25 16.64
C LEU B 532 51.67 -17.42 17.17
N ASN B 533 52.08 -17.33 18.43
CA ASN B 533 52.91 -18.37 19.05
C ASN B 533 54.03 -18.90 18.14
N LEU B 534 54.83 -18.00 17.59
CA LEU B 534 55.87 -18.41 16.69
C LEU B 534 57.14 -18.76 17.46
N PRO B 535 57.76 -19.89 17.12
CA PRO B 535 59.10 -20.18 17.65
C PRO B 535 59.98 -18.95 17.49
N SER B 536 61.15 -18.96 18.11
CA SER B 536 61.91 -17.75 18.27
C SER B 536 62.88 -17.40 17.15
N ASP B 537 63.89 -18.25 16.94
CA ASP B 537 64.92 -17.95 15.95
C ASP B 537 64.64 -18.61 14.61
N LYS B 538 63.36 -18.78 14.30
CA LYS B 538 62.97 -19.34 13.00
C LYS B 538 62.55 -18.25 12.01
N LYS B 539 63.11 -18.32 10.80
CA LYS B 539 62.71 -17.44 9.71
C LYS B 539 61.30 -17.81 9.25
N VAL B 540 60.60 -16.90 8.59
CA VAL B 540 59.18 -17.08 8.36
C VAL B 540 58.74 -16.97 6.89
N ILE B 541 58.29 -18.09 6.32
CA ILE B 541 57.79 -18.16 4.96
C ILE B 541 56.28 -18.06 5.01
N MET B 542 55.68 -17.22 4.16
CA MET B 542 54.21 -17.15 4.09
C MET B 542 53.63 -17.62 2.75
N TYR B 543 52.68 -18.54 2.80
CA TYR B 543 52.11 -19.09 1.58
C TYR B 543 50.65 -18.60 1.38
N ALA B 544 50.36 -17.99 0.24
CA ALA B 544 49.01 -17.44 -0.01
C ALA B 544 48.54 -17.67 -1.44
N PRO B 545 48.07 -18.89 -1.76
CA PRO B 545 47.58 -19.24 -3.10
C PRO B 545 46.13 -18.80 -3.31
N THR B 546 45.78 -18.27 -4.49
CA THR B 546 44.39 -17.93 -4.76
C THR B 546 43.50 -19.17 -4.76
N TRP B 547 42.21 -18.97 -5.02
CA TRP B 547 41.25 -20.07 -4.94
C TRP B 547 41.09 -20.78 -6.26
N ARG B 548 41.38 -22.08 -6.26
CA ARG B 548 41.10 -22.94 -7.38
C ARG B 548 39.81 -23.67 -7.09
N ASP B 549 38.90 -23.68 -8.05
CA ASP B 549 37.63 -24.38 -7.91
C ASP B 549 37.83 -25.83 -8.31
N ASP B 550 38.78 -26.03 -9.23
CA ASP B 550 39.15 -27.35 -9.70
C ASP B 550 39.57 -28.26 -8.54
N GLU B 551 40.40 -27.74 -7.65
CA GLU B 551 41.02 -28.54 -6.60
C GLU B 551 40.07 -29.01 -5.51
N PHE B 552 38.77 -28.92 -5.75
CA PHE B 552 37.79 -29.28 -4.72
C PHE B 552 37.08 -30.59 -5.02
N VAL B 553 37.21 -31.56 -4.11
CA VAL B 553 36.60 -32.87 -4.29
C VAL B 553 36.16 -33.51 -2.98
N SER B 554 35.16 -34.39 -3.06
CA SER B 554 34.68 -35.17 -1.93
C SER B 554 34.16 -34.35 -0.75
N LYS B 555 33.21 -33.45 -1.03
CA LYS B 555 32.65 -32.55 -0.02
C LYS B 555 33.72 -31.70 0.69
N GLY B 556 34.96 -31.79 0.21
CA GLY B 556 36.08 -31.07 0.79
C GLY B 556 36.58 -31.71 2.07
N LEU B 559 41.41 -33.51 1.82
CA LEU B 559 42.04 -33.09 0.57
C LEU B 559 43.35 -33.82 0.33
N PHE B 560 43.75 -33.89 -0.94
CA PHE B 560 45.11 -34.31 -1.28
C PHE B 560 46.06 -33.24 -0.74
N GLU B 561 46.86 -33.63 0.24
CA GLU B 561 47.87 -32.74 0.83
C GLU B 561 48.28 -31.65 -0.14
N LEU B 562 48.14 -30.39 0.26
CA LEU B 562 48.54 -29.22 -0.55
C LEU B 562 49.65 -29.55 -1.55
N LYS B 563 49.50 -29.12 -2.79
CA LYS B 563 50.44 -29.53 -3.84
C LYS B 563 51.88 -29.15 -3.54
N ILE B 564 52.05 -28.17 -2.65
CA ILE B 564 53.37 -27.66 -2.26
C ILE B 564 54.18 -28.64 -1.43
N ASP B 565 53.52 -29.74 -1.05
CA ASP B 565 54.10 -30.77 -0.18
C ASP B 565 54.65 -30.19 1.11
N LEU B 566 53.85 -30.19 2.18
CA LEU B 566 54.34 -29.76 3.48
C LEU B 566 55.35 -30.75 4.00
N ASP B 567 55.13 -32.02 3.71
CA ASP B 567 55.98 -33.06 4.24
C ASP B 567 57.39 -32.91 3.74
N ASN B 568 57.53 -32.52 2.48
CA ASN B 568 58.85 -32.19 1.94
C ASN B 568 59.35 -30.87 2.52
N LEU B 569 58.46 -29.91 2.69
CA LEU B 569 58.83 -28.62 3.26
C LEU B 569 59.38 -28.74 4.70
N TYR B 570 58.76 -29.61 5.50
CA TYR B 570 59.23 -29.95 6.84
C TYR B 570 60.64 -30.50 6.77
N LYS B 571 60.83 -31.54 5.96
CA LYS B 571 62.12 -32.21 5.90
C LYS B 571 63.25 -31.28 5.46
N GLU B 572 63.00 -30.41 4.49
CA GLU B 572 64.04 -29.50 4.00
C GLU B 572 64.20 -28.21 4.83
N LEU B 573 63.15 -27.79 5.51
CA LEU B 573 63.15 -26.50 6.19
C LEU B 573 62.80 -26.57 7.67
N GLY B 574 62.35 -27.73 8.13
CA GLY B 574 61.89 -27.89 9.50
C GLY B 574 62.62 -27.10 10.58
N ASP B 575 63.95 -27.12 10.51
CA ASP B 575 64.78 -26.51 11.54
C ASP B 575 64.73 -24.99 11.50
N ASP B 576 64.99 -24.43 10.33
CA ASP B 576 65.25 -23.00 10.21
C ASP B 576 64.06 -22.12 9.86
N TYR B 577 63.00 -22.70 9.36
CA TYR B 577 61.86 -21.92 8.90
C TYR B 577 60.56 -22.36 9.57
N VAL B 578 59.65 -21.41 9.73
CA VAL B 578 58.27 -21.74 10.04
C VAL B 578 57.45 -21.21 8.88
N ILE B 579 56.41 -21.93 8.46
CA ILE B 579 55.63 -21.48 7.29
C ILE B 579 54.16 -21.18 7.62
N LEU B 580 53.74 -19.96 7.30
CA LEU B 580 52.37 -19.50 7.53
C LEU B 580 51.49 -19.79 6.32
N LEU B 581 50.48 -20.63 6.51
CA LEU B 581 49.53 -20.93 5.45
C LEU B 581 48.32 -19.99 5.48
N ARG B 582 48.22 -19.09 4.50
CA ARG B 582 47.01 -18.26 4.35
C ARG B 582 46.07 -18.79 3.25
N MET B 583 45.24 -19.75 3.64
CA MET B 583 44.38 -20.44 2.69
C MET B 583 43.01 -19.80 2.63
N HIS B 584 42.21 -20.26 1.68
CA HIS B 584 40.80 -19.86 1.57
C HIS B 584 39.99 -20.58 2.63
N TYR B 585 38.97 -19.92 3.15
CA TYR B 585 38.26 -20.40 4.33
C TYR B 585 37.81 -21.87 4.25
N LEU B 586 37.57 -22.36 3.03
CA LEU B 586 37.08 -23.73 2.84
C LEU B 586 38.18 -24.80 2.89
N ILE B 587 39.38 -24.46 2.40
CA ILE B 587 40.53 -25.34 2.53
C ILE B 587 40.96 -25.35 4.00
N SER B 588 40.89 -24.19 4.63
CA SER B 588 41.41 -23.99 5.98
C SER B 588 40.83 -24.91 7.04
N ASN B 589 39.52 -25.14 7.01
CA ASN B 589 38.91 -26.07 7.95
C ASN B 589 38.75 -27.46 7.34
N ALA B 590 39.55 -27.71 6.32
CA ALA B 590 39.70 -29.04 5.74
C ALA B 590 41.17 -29.47 5.86
N LEU B 591 41.98 -28.55 6.38
CA LEU B 591 43.43 -28.75 6.48
C LEU B 591 43.79 -29.37 7.80
N ASP B 592 44.23 -30.63 7.76
CA ASP B 592 44.69 -31.29 8.97
C ASP B 592 46.20 -31.12 9.09
N LEU B 593 46.65 -30.50 10.19
CA LEU B 593 48.07 -30.23 10.39
C LEU B 593 48.70 -31.11 11.49
N SER B 594 48.09 -32.26 11.74
CA SER B 594 48.67 -33.20 12.69
C SER B 594 50.10 -33.50 12.31
N GLY B 595 51.04 -32.99 13.09
CA GLY B 595 52.43 -33.34 12.88
C GLY B 595 53.19 -32.33 12.03
N TYR B 596 52.75 -31.07 12.08
CA TYR B 596 53.51 -29.98 11.49
C TYR B 596 53.52 -28.83 12.46
N GLU B 597 53.09 -29.11 13.69
CA GLU B 597 53.07 -28.12 14.77
C GLU B 597 54.44 -27.47 14.93
N ASN B 598 54.43 -26.15 15.12
CA ASN B 598 55.66 -25.36 15.19
C ASN B 598 56.40 -25.30 13.87
N PHE B 599 55.75 -25.80 12.83
CA PHE B 599 56.28 -25.62 11.50
C PHE B 599 55.27 -24.92 10.60
N ALA B 600 54.12 -25.55 10.44
CA ALA B 600 53.03 -25.03 9.61
C ALA B 600 51.94 -24.43 10.46
N ILE B 601 51.91 -23.10 10.54
CA ILE B 601 50.86 -22.41 11.28
C ILE B 601 49.74 -21.99 10.34
N ASP B 602 48.55 -22.57 10.49
CA ASP B 602 47.41 -22.04 9.79
C ASP B 602 47.15 -20.63 10.29
N VAL B 603 47.12 -19.69 9.36
CA VAL B 603 47.01 -18.30 9.73
C VAL B 603 45.86 -17.71 8.92
N SER B 604 44.98 -18.59 8.44
CA SER B 604 43.92 -18.23 7.50
C SER B 604 42.93 -17.18 7.99
N ASN B 605 42.59 -17.21 9.29
CA ASN B 605 41.59 -16.30 9.83
C ASN B 605 42.25 -15.18 10.61
N TYR B 606 43.50 -14.88 10.29
CA TYR B 606 44.19 -13.83 11.00
C TYR B 606 43.60 -12.47 10.57
N ASN B 607 43.11 -11.71 11.54
CA ASN B 607 42.28 -10.53 11.29
C ASN B 607 42.90 -9.42 10.46
N ASP B 608 44.21 -9.43 10.29
CA ASP B 608 44.91 -8.36 9.56
C ASP B 608 46.08 -8.88 8.74
N VAL B 609 45.94 -8.95 7.42
CA VAL B 609 46.94 -9.60 6.60
C VAL B 609 48.25 -8.81 6.52
N SER B 610 48.18 -7.49 6.50
CA SER B 610 49.39 -6.70 6.33
C SER B 610 50.36 -6.92 7.47
N GLU B 611 49.85 -7.28 8.64
CA GLU B 611 50.73 -7.62 9.75
C GLU B 611 51.53 -8.85 9.39
N LEU B 612 50.82 -9.89 8.99
CA LEU B 612 51.43 -11.08 8.41
C LEU B 612 52.53 -10.77 7.38
N PHE B 613 52.33 -9.75 6.54
CA PHE B 613 53.40 -9.34 5.61
C PHE B 613 54.64 -8.86 6.36
N LEU B 614 54.43 -8.01 7.35
CA LEU B 614 55.56 -7.42 8.06
C LEU B 614 56.55 -8.42 8.68
N ILE B 615 56.05 -9.57 9.15
CA ILE B 615 56.86 -10.55 9.84
C ILE B 615 57.24 -11.68 8.91
N SER B 616 57.02 -11.50 7.63
CA SER B 616 57.40 -12.54 6.66
C SER B 616 58.68 -12.18 5.93
N ASP B 617 59.61 -13.13 5.91
CA ASP B 617 60.89 -12.94 5.27
C ASP B 617 60.76 -13.11 3.77
N CYS B 618 59.75 -13.84 3.35
CA CYS B 618 59.43 -13.97 1.94
C CYS B 618 58.03 -14.54 1.80
N LEU B 619 57.46 -14.39 0.61
CA LEU B 619 56.10 -14.86 0.31
C LEU B 619 56.08 -15.76 -0.93
N ILE B 620 55.39 -16.88 -0.83
CA ILE B 620 55.10 -17.71 -1.98
C ILE B 620 53.64 -17.49 -2.35
N THR B 621 53.37 -16.90 -3.51
CA THR B 621 51.97 -16.82 -3.96
C THR B 621 51.81 -17.45 -5.34
N ASP B 622 50.86 -16.96 -6.14
CA ASP B 622 50.81 -17.37 -7.55
C ASP B 622 50.11 -16.33 -8.43
N TYR B 623 48.80 -16.44 -8.56
CA TYR B 623 48.08 -15.44 -9.30
C TYR B 623 47.26 -14.53 -8.38
N SER B 624 47.93 -13.83 -7.47
CA SER B 624 47.20 -13.03 -6.51
C SER B 624 47.64 -11.59 -6.49
N SER B 625 46.70 -10.74 -6.16
CA SER B 625 46.95 -9.32 -6.01
C SER B 625 47.88 -9.05 -4.83
N VAL B 626 48.03 -10.03 -3.93
CA VAL B 626 48.83 -9.79 -2.74
C VAL B 626 50.30 -9.47 -3.06
N MET B 627 50.84 -10.09 -4.11
CA MET B 627 52.21 -9.80 -4.49
C MET B 627 52.45 -8.30 -4.60
N PHE B 628 51.49 -7.58 -5.14
CA PHE B 628 51.67 -6.15 -5.32
C PHE B 628 51.81 -5.42 -4.00
N ASP B 629 51.31 -6.01 -2.92
CA ASP B 629 51.30 -5.31 -1.65
C ASP B 629 52.55 -5.67 -0.86
N TYR B 630 52.92 -6.94 -0.88
CA TYR B 630 54.13 -7.42 -0.23
C TYR B 630 55.37 -6.82 -0.88
N GLY B 631 55.15 -6.13 -1.99
CA GLY B 631 56.23 -5.58 -2.79
C GLY B 631 56.85 -4.36 -2.16
N ILE B 632 56.06 -3.66 -1.38
CA ILE B 632 56.51 -2.44 -0.70
C ILE B 632 57.68 -2.74 0.24
N LEU B 633 57.85 -4.02 0.58
CA LEU B 633 58.90 -4.43 1.51
C LEU B 633 60.18 -4.88 0.79
N LYS B 634 60.14 -5.02 -0.53
CA LYS B 634 61.30 -5.45 -1.32
C LYS B 634 61.95 -6.76 -0.84
N ARG B 635 61.12 -7.69 -0.36
CA ARG B 635 61.59 -9.03 0.05
C ARG B 635 61.42 -10.02 -1.12
N PRO B 636 62.04 -11.22 -1.01
CA PRO B 636 61.95 -12.16 -2.14
C PRO B 636 60.55 -12.72 -2.26
N GLN B 637 60.14 -13.04 -3.48
CA GLN B 637 58.85 -13.67 -3.72
C GLN B 637 59.01 -14.84 -4.65
N PHE B 638 58.24 -15.89 -4.40
CA PHE B 638 58.23 -17.07 -5.26
C PHE B 638 56.81 -17.36 -5.71
N PHE B 639 56.65 -17.71 -6.97
CA PHE B 639 55.33 -17.94 -7.53
C PHE B 639 55.14 -19.39 -7.93
N PHE B 640 54.69 -20.19 -6.98
CA PHE B 640 54.44 -21.61 -7.19
C PHE B 640 53.17 -21.81 -8.02
N ALA B 641 53.29 -21.67 -9.34
CA ALA B 641 52.14 -21.68 -10.24
C ALA B 641 51.92 -23.04 -10.89
N TYR B 642 51.98 -24.10 -10.10
CA TYR B 642 51.93 -25.48 -10.62
C TYR B 642 50.91 -25.69 -11.72
N ASP B 643 49.75 -25.08 -11.57
CA ASP B 643 48.67 -25.29 -12.52
C ASP B 643 48.70 -24.34 -13.71
N ILE B 644 49.86 -23.75 -13.99
CA ILE B 644 49.93 -22.73 -15.05
C ILE B 644 49.55 -23.29 -16.44
N ASP B 645 49.63 -24.61 -16.61
CA ASP B 645 49.19 -25.26 -17.84
C ASP B 645 47.76 -24.89 -18.16
N LYS B 646 46.87 -25.25 -17.24
CA LYS B 646 45.44 -25.05 -17.41
C LYS B 646 45.08 -23.60 -17.69
N TYR B 647 45.90 -22.69 -17.20
CA TYR B 647 45.66 -21.25 -17.30
C TYR B 647 46.11 -20.63 -18.63
N ASP B 648 45.55 -21.10 -19.74
CA ASP B 648 45.67 -20.46 -21.07
C ASP B 648 46.90 -20.83 -21.89
N LYS B 649 47.83 -21.58 -21.30
CA LYS B 649 49.14 -21.86 -21.90
C LYS B 649 50.03 -20.61 -21.91
N GLY B 650 49.95 -19.82 -22.99
CA GLY B 650 50.58 -18.50 -23.04
C GLY B 650 49.48 -17.46 -22.95
N LEU B 651 49.40 -16.78 -21.80
CA LEU B 651 48.16 -16.09 -21.43
C LEU B 651 48.11 -14.58 -21.56
N ARG B 652 46.89 -14.08 -21.61
CA ARG B 652 46.61 -12.66 -21.68
C ARG B 652 45.49 -12.36 -20.70
N GLY B 653 45.14 -13.36 -19.90
CA GLY B 653 44.09 -13.20 -18.90
C GLY B 653 44.47 -12.22 -17.80
N PHE B 654 45.74 -11.82 -17.77
CA PHE B 654 46.27 -10.92 -16.75
C PHE B 654 46.63 -9.62 -17.39
N TYR B 655 46.67 -8.56 -16.60
CA TYR B 655 46.95 -7.24 -17.14
C TYR B 655 48.42 -7.12 -17.51
N MET B 656 49.29 -7.55 -16.60
CA MET B 656 50.71 -7.55 -16.90
C MET B 656 51.21 -8.89 -17.45
N ASN B 657 52.45 -8.90 -17.95
CA ASN B 657 53.04 -10.10 -18.49
C ASN B 657 53.53 -10.98 -17.36
N TYR B 658 52.71 -11.93 -16.96
CA TYR B 658 53.01 -12.75 -15.79
C TYR B 658 54.31 -13.53 -15.95
N MET B 659 54.80 -13.61 -17.18
CA MET B 659 55.91 -14.49 -17.46
C MET B 659 57.24 -13.75 -17.35
N GLU B 660 57.18 -12.43 -17.42
CA GLU B 660 58.38 -11.63 -17.61
C GLU B 660 58.73 -10.77 -16.41
N ASP B 661 57.83 -9.87 -16.04
CA ASP B 661 58.17 -8.80 -15.12
C ASP B 661 57.53 -8.88 -13.71
N LEU B 662 57.62 -10.05 -13.09
CA LEU B 662 57.29 -10.18 -11.67
C LEU B 662 58.57 -10.33 -10.83
N PRO B 663 58.44 -10.26 -9.49
CA PRO B 663 59.62 -10.13 -8.62
C PRO B 663 60.36 -11.42 -8.32
N GLY B 664 60.06 -12.51 -9.02
CA GLY B 664 60.69 -13.76 -8.69
C GLY B 664 60.62 -14.89 -9.70
N PRO B 665 61.03 -16.08 -9.26
CA PRO B 665 61.06 -17.29 -10.06
C PRO B 665 59.66 -17.87 -10.15
N ILE B 666 59.31 -18.42 -11.30
CA ILE B 666 58.10 -19.20 -11.40
C ILE B 666 58.45 -20.68 -11.24
N TYR B 667 57.91 -21.31 -10.21
CA TYR B 667 58.10 -22.76 -10.05
C TYR B 667 56.78 -23.50 -10.33
N THR B 668 56.86 -24.53 -11.17
CA THR B 668 55.70 -25.38 -11.44
C THR B 668 55.73 -26.64 -10.60
N GLU B 669 56.87 -26.94 -10.02
CA GLU B 669 56.98 -27.99 -9.02
C GLU B 669 57.58 -27.41 -7.73
N PRO B 670 57.22 -27.97 -6.56
CA PRO B 670 57.55 -27.39 -5.26
C PRO B 670 58.83 -27.95 -4.66
N TYR B 671 59.74 -28.44 -5.49
CA TYR B 671 60.98 -29.00 -5.00
C TYR B 671 62.14 -28.13 -5.39
N GLY B 672 62.03 -27.48 -6.54
CA GLY B 672 62.94 -26.41 -6.87
C GLY B 672 62.73 -25.30 -5.85
N LEU B 673 61.46 -25.01 -5.56
CA LEU B 673 61.08 -24.00 -4.58
C LEU B 673 61.71 -24.31 -3.20
N ALA B 674 61.55 -25.55 -2.73
CA ALA B 674 62.10 -25.92 -1.44
C ALA B 674 63.59 -25.65 -1.35
N LYS B 675 64.36 -26.14 -2.32
CA LYS B 675 65.83 -26.06 -2.26
C LYS B 675 66.36 -24.64 -2.41
N GLU B 676 65.51 -23.76 -2.89
CA GLU B 676 65.85 -22.38 -3.14
C GLU B 676 65.59 -21.56 -1.89
N LEU B 677 64.52 -21.95 -1.20
CA LEU B 677 64.08 -21.29 0.02
C LEU B 677 65.12 -21.51 1.09
N LYS B 678 65.98 -22.49 0.85
CA LYS B 678 67.05 -22.84 1.76
C LYS B 678 67.90 -21.61 2.02
N ASN B 679 68.41 -21.02 0.94
CA ASN B 679 69.26 -19.85 1.01
C ASN B 679 68.50 -18.59 0.61
N LEU B 680 67.97 -17.86 1.60
CA LEU B 680 67.22 -16.62 1.33
C LEU B 680 68.09 -15.43 0.90
N ASP B 681 69.34 -15.42 1.36
CA ASP B 681 70.31 -14.39 0.97
C ASP B 681 70.58 -14.41 -0.53
N LYS B 682 70.67 -15.60 -1.09
CA LYS B 682 71.00 -15.79 -2.51
C LYS B 682 69.87 -15.26 -3.40
N VAL B 683 68.62 -15.59 -3.08
CA VAL B 683 67.50 -15.12 -3.87
C VAL B 683 67.50 -13.61 -3.90
N GLN B 684 67.43 -13.02 -2.71
CA GLN B 684 67.51 -11.56 -2.59
C GLN B 684 68.55 -10.96 -3.54
N GLN B 685 69.77 -11.47 -3.51
CA GLN B 685 70.81 -11.00 -4.42
C GLN B 685 70.37 -11.22 -5.86
N GLN B 686 70.05 -12.46 -6.19
CA GLN B 686 69.75 -12.84 -7.55
C GLN B 686 68.72 -11.93 -8.21
N TYR B 687 67.57 -11.76 -7.56
CA TYR B 687 66.46 -11.00 -8.17
C TYR B 687 66.38 -9.55 -7.74
N GLN B 688 67.31 -9.09 -6.91
CA GLN B 688 67.30 -7.70 -6.45
C GLN B 688 66.90 -6.74 -7.57
N GLU B 689 67.33 -7.06 -8.79
CA GLU B 689 67.02 -6.25 -9.97
C GLU B 689 65.53 -6.30 -10.29
N LYS B 690 65.03 -7.50 -10.54
CA LYS B 690 63.61 -7.72 -10.85
C LYS B 690 62.73 -7.20 -9.72
N ILE B 691 63.23 -7.32 -8.50
CA ILE B 691 62.52 -6.90 -7.30
C ILE B 691 62.42 -5.40 -7.25
N ASP B 692 63.42 -4.71 -7.78
CA ASP B 692 63.39 -3.26 -7.77
C ASP B 692 62.57 -2.70 -8.92
N ALA B 693 62.65 -3.33 -10.08
CA ALA B 693 61.86 -2.89 -11.23
C ALA B 693 60.38 -3.15 -10.98
N PHE B 694 60.11 -4.01 -9.99
CA PHE B 694 58.74 -4.29 -9.56
C PHE B 694 58.29 -3.16 -8.63
N TYR B 695 59.15 -2.82 -7.66
CA TYR B 695 58.84 -1.77 -6.69
C TYR B 695 58.64 -0.44 -7.37
N ASP B 696 59.53 -0.10 -8.29
CA ASP B 696 59.45 1.18 -9.01
C ASP B 696 58.11 1.32 -9.71
N ARG B 697 57.60 0.21 -10.23
CA ARG B 697 56.41 0.25 -11.06
C ARG B 697 55.11 0.25 -10.23
N PHE B 698 55.03 -0.62 -9.23
CA PHE B 698 53.76 -0.81 -8.54
C PHE B 698 53.66 -0.20 -7.15
N CYS B 699 54.79 0.05 -6.49
CA CYS B 699 54.74 0.41 -5.07
C CYS B 699 55.42 1.74 -4.71
N SER B 700 55.74 2.53 -5.74
CA SER B 700 56.43 3.80 -5.57
C SER B 700 55.52 4.91 -5.05
N VAL B 701 54.24 4.58 -4.91
CA VAL B 701 53.24 5.54 -4.47
C VAL B 701 53.04 5.42 -2.97
N ASP B 702 52.91 4.19 -2.50
CA ASP B 702 52.67 3.96 -1.08
C ASP B 702 53.74 4.61 -0.21
N ASN B 703 53.39 5.77 0.34
CA ASN B 703 54.26 6.48 1.27
C ASN B 703 53.76 6.36 2.71
N GLY B 704 52.66 5.63 2.89
CA GLY B 704 52.17 5.34 4.22
C GLY B 704 51.50 6.51 4.93
N LYS B 705 51.04 7.49 4.16
CA LYS B 705 50.24 8.56 4.71
C LYS B 705 48.86 8.50 4.07
N ALA B 706 48.55 7.33 3.51
CA ALA B 706 47.30 7.10 2.82
C ALA B 706 46.14 7.17 3.79
N SER B 707 46.25 6.43 4.89
CA SER B 707 45.24 6.46 5.95
C SER B 707 44.88 7.91 6.31
N GLN B 708 45.89 8.76 6.38
CA GLN B 708 45.71 10.16 6.74
C GLN B 708 45.01 10.94 5.64
N TYR B 709 45.51 10.81 4.41
CA TYR B 709 44.96 11.59 3.30
C TYR B 709 43.45 11.47 3.17
N ILE B 710 42.92 10.25 3.34
CA ILE B 710 41.49 9.97 3.21
C ILE B 710 40.69 10.57 4.36
N GLY B 711 41.16 10.38 5.59
CA GLY B 711 40.45 10.90 6.75
C GLY B 711 40.45 12.41 6.77
N ASP B 712 41.46 13.00 6.15
CA ASP B 712 41.58 14.45 6.10
C ASP B 712 40.68 15.03 5.02
N LEU B 713 40.45 14.25 3.96
CA LEU B 713 39.45 14.61 2.98
C LEU B 713 38.08 14.51 3.62
N ILE B 714 37.85 13.47 4.41
CA ILE B 714 36.55 13.31 5.04
C ILE B 714 36.31 14.47 5.97
N HIS B 715 37.34 14.85 6.72
CA HIS B 715 37.25 15.97 7.65
C HIS B 715 37.00 17.29 6.92
N LYS B 716 37.92 17.65 6.04
CA LYS B 716 37.71 18.77 5.14
C LYS B 716 36.28 18.72 4.58
N ASP B 717 35.89 17.58 4.03
CA ASP B 717 34.56 17.40 3.42
C ASP B 717 33.40 17.77 4.35
N ILE B 718 33.41 17.32 5.61
CA ILE B 718 32.29 17.61 6.52
C ILE B 718 32.36 19.01 7.15
N LYS B 719 33.51 19.68 7.07
CA LYS B 719 33.54 21.10 7.41
C LYS B 719 32.68 21.87 6.42
N GLU B 720 33.02 21.84 5.13
CA GLU B 720 32.26 22.57 4.13
C GLU B 720 30.75 22.35 4.30
N GLN B 721 30.37 21.21 4.85
CA GLN B 721 28.95 20.93 5.07
C GLN B 721 28.36 21.87 6.11
N LEU B 722 29.12 22.09 7.19
CA LEU B 722 28.68 22.88 8.34
C LEU B 722 28.74 24.41 8.12
N GLU B 723 27.90 24.91 7.22
CA GLU B 723 27.76 26.34 6.93
C GLU B 723 26.55 26.60 6.03
N ALA C 313 -2.91 -16.83 5.15
CA ALA C 313 -1.98 -16.72 6.27
C ALA C 313 -2.33 -15.53 7.17
N PHE C 314 -3.08 -14.58 6.63
CA PHE C 314 -3.34 -13.33 7.36
C PHE C 314 -4.82 -13.05 7.69
N LYS C 315 -5.08 -12.85 8.98
CA LYS C 315 -6.43 -12.59 9.47
C LYS C 315 -6.80 -11.11 9.36
N VAL C 316 -8.10 -10.85 9.26
CA VAL C 316 -8.59 -9.54 8.88
C VAL C 316 -8.27 -8.43 9.86
N ASN C 317 -8.26 -8.73 11.16
CA ASN C 317 -8.05 -7.68 12.17
C ASN C 317 -6.60 -7.26 12.30
N GLN C 318 -5.68 -8.23 12.26
CA GLN C 318 -4.25 -7.95 12.29
C GLN C 318 -3.79 -7.21 11.04
N PHE C 319 -4.51 -7.37 9.94
CA PHE C 319 -4.19 -6.64 8.73
C PHE C 319 -4.45 -5.15 8.94
N ARG C 320 -5.59 -4.85 9.56
CA ARG C 320 -6.00 -3.48 9.83
C ARG C 320 -4.99 -2.77 10.70
N LYS C 321 -4.54 -3.45 11.74
CA LYS C 321 -3.54 -2.92 12.65
C LYS C 321 -2.23 -2.72 11.90
N THR C 322 -1.78 -3.77 11.21
CA THR C 322 -0.58 -3.70 10.39
C THR C 322 -0.56 -2.42 9.56
N LEU C 323 -1.63 -2.18 8.81
CA LEU C 323 -1.71 -0.99 7.98
C LEU C 323 -1.73 0.32 8.77
N ARG C 324 -2.34 0.30 9.97
CA ARG C 324 -2.33 1.51 10.78
C ARG C 324 -0.89 1.83 11.13
N HIS C 325 -0.18 0.84 11.65
CA HIS C 325 1.18 1.02 12.08
C HIS C 325 2.11 1.48 10.95
N VAL C 326 1.84 1.03 9.73
CA VAL C 326 2.62 1.50 8.59
C VAL C 326 2.46 3.01 8.46
N LYS C 327 1.21 3.47 8.55
CA LYS C 327 0.90 4.88 8.43
C LYS C 327 1.57 5.73 9.51
N ASN C 328 1.62 5.19 10.73
CA ASN C 328 2.26 5.91 11.83
C ASN C 328 3.78 6.03 11.68
N ILE C 329 4.42 4.95 11.21
CA ILE C 329 5.87 4.95 11.06
C ILE C 329 6.33 5.85 9.93
N VAL C 330 5.74 5.72 8.75
CA VAL C 330 6.17 6.49 7.61
C VAL C 330 5.90 7.98 7.84
N LEU C 331 4.77 8.27 8.45
CA LEU C 331 4.31 9.64 8.62
C LEU C 331 4.82 10.26 9.91
N ARG C 332 5.64 9.50 10.65
CA ARG C 332 6.28 10.00 11.87
C ARG C 332 5.32 10.47 12.96
N ARG C 333 4.29 9.67 13.21
CA ARG C 333 3.26 10.03 14.16
C ARG C 333 3.69 9.56 15.53
N LYS C 334 3.30 10.32 16.55
CA LYS C 334 3.69 10.05 17.93
C LYS C 334 2.97 8.80 18.39
N ASN C 335 1.83 8.53 17.75
CA ASN C 335 1.05 7.34 18.03
C ASN C 335 1.72 6.02 17.64
N LYS C 336 2.86 6.11 16.99
CA LYS C 336 3.54 4.91 16.53
C LYS C 336 3.75 3.95 17.70
N GLU C 337 3.95 4.49 18.89
CA GLU C 337 4.19 3.66 20.07
C GLU C 337 2.95 2.83 20.36
N ARG C 338 1.83 3.33 19.89
CA ARG C 338 0.53 2.72 20.16
C ARG C 338 0.24 1.64 19.12
N SER C 339 0.46 1.97 17.85
CA SER C 339 0.18 1.03 16.78
C SER C 339 1.04 -0.19 16.99
N LEU C 340 2.25 0.02 17.47
CA LEU C 340 3.13 -1.09 17.79
C LEU C 340 2.52 -1.87 18.93
N TYR C 341 2.25 -1.19 20.03
CA TYR C 341 1.62 -1.84 21.18
C TYR C 341 0.46 -2.73 20.77
N ASP C 342 -0.24 -2.35 19.71
CA ASP C 342 -1.47 -2.99 19.31
C ASP C 342 -1.20 -4.26 18.52
N LEU C 343 -0.15 -4.23 17.71
CA LEU C 343 0.28 -5.42 16.98
C LEU C 343 0.86 -6.46 17.94
N THR C 344 1.74 -6.01 18.82
CA THR C 344 2.54 -6.89 19.68
C THR C 344 1.81 -7.38 20.92
N ASP C 345 0.61 -6.85 21.18
CA ASP C 345 -0.08 -7.20 22.42
C ASP C 345 -0.67 -8.60 22.36
N LYS C 346 -0.29 -9.43 23.32
CA LYS C 346 -0.73 -10.82 23.37
C LYS C 346 -0.76 -11.32 24.80
N GLU C 347 -1.61 -12.29 25.06
CA GLU C 347 -1.81 -12.84 26.40
C GLU C 347 -0.50 -13.29 27.06
N ASP C 348 0.46 -13.75 26.26
CA ASP C 348 1.73 -14.26 26.77
C ASP C 348 2.62 -13.17 27.33
N ASN C 349 2.15 -11.94 27.27
CA ASN C 349 2.99 -10.82 27.69
C ASN C 349 2.94 -10.57 29.19
N VAL C 350 1.92 -11.12 29.84
CA VAL C 350 1.59 -10.75 31.21
C VAL C 350 2.55 -11.35 32.22
N LYS C 351 3.08 -10.49 33.10
CA LYS C 351 3.89 -10.95 34.21
C LYS C 351 3.00 -10.92 35.44
N PRO C 352 2.53 -12.09 35.88
CA PRO C 352 1.57 -12.19 36.99
C PRO C 352 1.85 -11.28 38.19
N LYS C 353 3.11 -10.93 38.43
CA LYS C 353 3.37 -10.04 39.54
C LYS C 353 3.72 -8.59 39.15
N THR C 354 3.23 -8.13 38.00
CA THR C 354 3.32 -6.70 37.67
C THR C 354 1.95 -6.05 37.80
N ILE C 355 1.90 -5.00 38.61
CA ILE C 355 0.68 -4.24 38.83
C ILE C 355 0.86 -2.76 38.46
N VAL C 356 -0.08 -2.19 37.71
CA VAL C 356 -0.01 -0.76 37.37
C VAL C 356 -1.02 0.12 38.07
N PHE C 357 -0.56 1.25 38.58
CA PHE C 357 -1.43 2.21 39.24
C PHE C 357 -1.48 3.49 38.42
N GLU C 358 -2.67 4.03 38.25
CA GLU C 358 -2.82 5.36 37.68
C GLU C 358 -3.97 5.99 38.41
N SER C 359 -3.87 7.28 38.71
CA SER C 359 -5.01 7.93 39.31
C SER C 359 -5.38 9.21 38.55
N PHE C 360 -6.68 9.50 38.49
CA PHE C 360 -7.20 10.58 37.65
C PHE C 360 -6.34 10.68 36.42
N GLY C 361 -6.49 9.71 35.51
CA GLY C 361 -5.78 9.68 34.25
C GLY C 361 -4.32 10.07 34.29
N GLY C 362 -3.66 9.84 35.42
CA GLY C 362 -2.24 10.09 35.56
C GLY C 362 -1.77 11.52 35.88
N LYS C 363 -2.60 12.31 36.56
CA LYS C 363 -2.20 13.67 36.84
C LYS C 363 -1.48 13.74 38.17
N ASN C 364 -1.64 12.69 38.98
CA ASN C 364 -1.40 12.83 40.39
C ASN C 364 -0.85 11.55 40.92
N TYR C 365 -0.23 11.62 42.11
CA TYR C 365 -0.08 10.44 42.95
C TYR C 365 -1.05 10.63 44.10
N SER C 366 -2.21 9.96 44.01
CA SER C 366 -3.33 10.36 44.85
C SER C 366 -4.47 9.37 44.95
N ASP C 367 -5.38 9.66 45.87
CA ASP C 367 -6.62 8.91 46.02
C ASP C 367 -6.40 7.43 46.29
N SER C 368 -7.43 6.65 45.98
CA SER C 368 -7.47 5.25 46.36
C SER C 368 -6.33 4.41 45.80
N PRO C 369 -5.80 4.78 44.63
CA PRO C 369 -4.62 4.04 44.20
C PRO C 369 -3.42 4.27 45.12
N LYS C 370 -3.14 5.52 45.47
CA LYS C 370 -2.03 5.82 46.37
C LYS C 370 -2.05 4.89 47.58
N TYR C 371 -3.22 4.76 48.19
CA TYR C 371 -3.38 4.02 49.43
C TYR C 371 -3.35 2.51 49.24
N ILE C 372 -4.06 2.01 48.23
CA ILE C 372 -4.03 0.59 47.89
C ILE C 372 -2.60 0.15 47.65
N TYR C 373 -1.80 1.07 47.10
CA TYR C 373 -0.39 0.80 46.78
C TYR C 373 0.55 0.98 47.96
N GLU C 374 0.24 1.93 48.83
CA GLU C 374 1.06 2.16 50.02
C GLU C 374 0.92 0.98 50.98
N TYR C 375 -0.27 0.39 50.99
CA TYR C 375 -0.52 -0.84 51.74
C TYR C 375 0.30 -1.98 51.16
N MET C 376 0.26 -2.13 49.85
CA MET C 376 0.96 -3.23 49.20
C MET C 376 2.47 -3.08 49.29
N GLN C 377 2.94 -1.84 49.42
CA GLN C 377 4.37 -1.63 49.57
C GLN C 377 4.86 -2.27 50.86
N LYS C 378 4.11 -2.02 51.93
CA LYS C 378 4.48 -2.46 53.28
C LYS C 378 4.37 -3.97 53.48
N TYR C 379 3.35 -4.59 52.89
CA TYR C 379 3.04 -5.99 53.11
C TYR C 379 3.34 -6.93 51.92
N TYR C 380 4.06 -6.45 50.92
CA TYR C 380 4.37 -7.25 49.73
C TYR C 380 5.46 -6.58 48.92
N PRO C 381 6.62 -6.31 49.53
CA PRO C 381 7.58 -5.65 48.66
C PRO C 381 8.07 -6.54 47.52
N ASN C 382 7.51 -7.74 47.39
CA ASN C 382 7.95 -8.72 46.40
C ASN C 382 7.63 -8.37 44.92
N TYR C 383 6.56 -7.60 44.71
CA TYR C 383 6.01 -7.39 43.36
C TYR C 383 6.57 -6.17 42.57
N ARG C 384 6.37 -6.21 41.25
CA ARG C 384 6.74 -5.09 40.40
C ARG C 384 5.58 -4.11 40.31
N TYR C 385 5.78 -2.92 40.86
CA TYR C 385 4.77 -1.88 40.86
C TYR C 385 5.13 -0.76 39.89
N ILE C 386 4.26 -0.49 38.93
CA ILE C 386 4.46 0.62 38.01
C ILE C 386 3.36 1.66 38.17
N TRP C 387 3.74 2.93 38.36
CA TRP C 387 2.77 4.03 38.32
C TRP C 387 2.78 4.76 36.98
N SER C 388 1.62 5.23 36.56
CA SER C 388 1.51 5.97 35.32
C SER C 388 1.29 7.45 35.58
N PHE C 389 1.98 8.28 34.80
CA PHE C 389 1.89 9.73 34.94
C PHE C 389 1.92 10.47 33.60
N LYS C 390 1.20 11.59 33.52
CA LYS C 390 1.30 12.48 32.39
C LYS C 390 2.73 12.96 32.33
N ASN C 391 3.25 13.38 33.49
CA ASN C 391 4.65 13.80 33.66
C ASN C 391 5.24 13.13 34.88
N PRO C 392 5.89 11.98 34.69
CA PRO C 392 6.41 11.22 35.84
C PRO C 392 7.51 11.98 36.59
N ASP C 393 8.05 13.02 35.99
CA ASP C 393 9.06 13.82 36.68
C ASP C 393 8.45 14.64 37.80
N LYS C 394 7.29 15.22 37.53
CA LYS C 394 6.66 16.13 38.48
C LYS C 394 5.94 15.42 39.64
N ASN C 395 6.01 14.10 39.66
CA ASN C 395 5.37 13.34 40.74
C ASN C 395 6.34 12.52 41.56
N VAL C 396 6.13 12.51 42.87
CA VAL C 396 6.99 11.77 43.79
C VAL C 396 6.33 10.46 44.21
N VAL C 397 7.00 9.33 44.00
CA VAL C 397 6.41 8.07 44.44
C VAL C 397 7.26 7.35 45.50
N PRO C 398 6.68 7.15 46.71
CA PRO C 398 7.37 6.46 47.81
C PRO C 398 7.48 4.96 47.54
N GLY C 399 8.69 4.42 47.57
CA GLY C 399 8.88 2.99 47.51
C GLY C 399 9.48 2.40 46.24
N SER C 400 9.14 1.15 45.99
CA SER C 400 9.80 0.35 44.96
C SER C 400 9.32 0.66 43.56
N ALA C 401 8.11 1.21 43.45
CA ALA C 401 7.45 1.41 42.16
C ALA C 401 8.27 2.24 41.16
N GLU C 402 8.16 1.89 39.88
CA GLU C 402 8.79 2.66 38.82
C GLU C 402 7.77 3.52 38.05
N LYS C 403 8.21 4.69 37.62
CA LYS C 403 7.32 5.59 36.93
C LYS C 403 7.33 5.36 35.41
N VAL C 404 6.18 5.55 34.75
CA VAL C 404 6.09 5.48 33.31
C VAL C 404 5.26 6.62 32.74
N LYS C 405 5.78 7.26 31.70
CA LYS C 405 5.07 8.38 31.09
C LYS C 405 4.00 7.87 30.12
N ARG C 406 2.80 8.40 30.24
CA ARG C 406 1.70 8.08 29.32
C ARG C 406 2.07 8.18 27.84
N ASN C 407 1.78 7.13 27.09
CA ASN C 407 2.04 7.13 25.65
C ASN C 407 3.48 6.90 25.20
N SER C 408 4.35 6.51 26.13
CA SER C 408 5.69 6.07 25.80
C SER C 408 5.67 4.56 25.71
N ALA C 409 6.71 3.97 25.13
CA ALA C 409 6.71 2.53 24.98
C ALA C 409 6.56 1.86 26.34
N GLU C 410 7.26 2.39 27.33
CA GLU C 410 7.19 1.92 28.71
C GLU C 410 5.73 1.77 29.16
N TYR C 411 4.97 2.85 28.98
CA TYR C 411 3.54 2.88 29.33
C TYR C 411 2.81 1.67 28.78
N TYR C 412 2.90 1.46 27.47
CA TYR C 412 2.24 0.32 26.87
C TYR C 412 2.85 -1.01 27.29
N GLN C 413 4.16 -1.07 27.47
CA GLN C 413 4.77 -2.29 27.98
C GLN C 413 4.09 -2.58 29.29
N ALA C 414 4.01 -1.56 30.13
CA ALA C 414 3.54 -1.73 31.48
C ALA C 414 2.12 -2.29 31.46
N TYR C 415 1.26 -1.71 30.62
CA TYR C 415 -0.13 -2.13 30.63
C TYR C 415 -0.34 -3.44 29.92
N SER C 416 0.61 -3.81 29.06
CA SER C 416 0.49 -5.09 28.39
C SER C 416 0.92 -6.15 29.35
N GLU C 417 1.98 -5.86 30.10
CA GLU C 417 2.63 -6.82 30.99
C GLU C 417 1.89 -7.04 32.30
N ALA C 418 1.10 -6.07 32.72
CA ALA C 418 0.51 -6.10 34.07
C ALA C 418 -0.57 -7.16 34.22
N SER C 419 -0.59 -7.83 35.38
CA SER C 419 -1.59 -8.85 35.67
C SER C 419 -2.79 -8.19 36.31
N HIS C 420 -2.55 -6.97 36.80
CA HIS C 420 -3.54 -6.14 37.44
C HIS C 420 -3.44 -4.66 37.05
N TRP C 421 -4.59 -4.01 36.88
CA TRP C 421 -4.69 -2.57 36.67
C TRP C 421 -5.47 -1.96 37.81
N VAL C 422 -4.86 -1.07 38.57
CA VAL C 422 -5.59 -0.36 39.60
C VAL C 422 -5.81 1.06 39.10
N SER C 423 -7.05 1.52 39.14
CA SER C 423 -7.36 2.89 38.76
C SER C 423 -8.63 3.43 39.42
N ASN C 424 -8.79 4.75 39.38
CA ASN C 424 -9.92 5.40 40.00
C ASN C 424 -10.62 6.29 39.01
N ALA C 425 -10.35 6.05 37.73
CA ALA C 425 -10.98 6.82 36.66
C ALA C 425 -10.87 6.04 35.39
N ARG C 426 -11.71 6.36 34.42
CA ARG C 426 -11.71 5.64 33.15
C ARG C 426 -10.32 5.54 32.57
N THR C 427 -9.90 4.33 32.21
CA THR C 427 -8.66 4.18 31.47
C THR C 427 -9.01 4.00 29.98
N PRO C 428 -8.13 4.47 29.09
CA PRO C 428 -8.42 4.63 27.67
C PRO C 428 -8.86 3.34 26.97
N LEU C 429 -9.82 3.43 26.06
CA LEU C 429 -10.26 2.27 25.31
C LEU C 429 -9.17 1.69 24.38
N TYR C 430 -8.18 2.48 23.97
CA TYR C 430 -7.11 1.94 23.13
C TYR C 430 -6.25 0.87 23.82
N LEU C 431 -6.05 0.97 25.13
CA LEU C 431 -5.36 -0.08 25.88
C LEU C 431 -6.20 -1.35 25.89
N ASN C 432 -5.56 -2.49 25.75
CA ASN C 432 -6.29 -3.75 25.71
C ASN C 432 -6.34 -4.47 27.04
N LYS C 433 -7.53 -4.57 27.61
CA LYS C 433 -7.69 -5.38 28.81
C LYS C 433 -7.93 -6.83 28.40
N LYS C 434 -6.86 -7.64 28.41
CA LYS C 434 -6.95 -9.03 27.96
C LYS C 434 -7.85 -9.86 28.87
N GLU C 435 -8.25 -11.04 28.39
CA GLU C 435 -9.04 -11.99 29.18
C GLU C 435 -8.20 -12.42 30.36
N ASN C 436 -6.96 -11.95 30.34
CA ASN C 436 -5.86 -12.45 31.13
C ASN C 436 -5.61 -11.58 32.38
N GLN C 437 -5.95 -10.30 32.29
CA GLN C 437 -5.66 -9.36 33.37
C GLN C 437 -6.91 -8.95 34.15
N THR C 438 -6.70 -8.61 35.42
CA THR C 438 -7.77 -8.17 36.29
C THR C 438 -7.72 -6.66 36.41
N TYR C 439 -8.80 -5.98 36.04
CA TYR C 439 -8.84 -4.52 36.08
C TYR C 439 -9.72 -4.04 37.24
N ILE C 440 -9.11 -3.71 38.38
CA ILE C 440 -9.90 -3.19 39.51
C ILE C 440 -10.13 -1.68 39.42
N GLN C 441 -11.41 -1.29 39.43
CA GLN C 441 -11.83 0.10 39.34
C GLN C 441 -12.38 0.60 40.66
N THR C 442 -11.65 1.50 41.32
CA THR C 442 -12.08 2.06 42.61
C THR C 442 -13.10 3.17 42.45
N TRP C 443 -13.11 3.81 41.28
CA TRP C 443 -13.87 5.03 41.05
C TRP C 443 -13.45 6.11 42.03
N ASN C 444 -14.10 7.26 41.98
CA ASN C 444 -13.63 8.39 42.76
C ASN C 444 -14.62 9.00 43.77
N GLY C 445 -15.75 8.33 44.04
CA GLY C 445 -16.65 8.77 45.09
C GLY C 445 -18.15 8.68 44.86
N THR C 446 -18.92 8.68 45.96
CA THR C 446 -20.38 8.64 45.95
C THR C 446 -20.96 9.73 45.09
N PRO C 447 -21.93 9.38 44.23
CA PRO C 447 -22.43 10.37 43.28
C PRO C 447 -23.53 11.22 43.89
N LEU C 448 -23.53 12.49 43.50
CA LEU C 448 -24.62 13.38 43.80
C LEU C 448 -25.19 13.78 42.43
N LYS C 449 -24.31 14.13 41.50
CA LYS C 449 -24.75 14.41 40.15
C LYS C 449 -24.86 13.09 39.39
N ARG C 450 -25.87 12.98 38.53
CA ARG C 450 -26.08 11.72 37.81
C ARG C 450 -25.06 11.56 36.69
N LEU C 451 -24.50 10.35 36.60
CA LEU C 451 -23.39 10.08 35.69
C LEU C 451 -23.66 9.00 34.65
N ALA C 452 -22.64 8.80 33.80
CA ALA C 452 -22.64 7.76 32.81
C ALA C 452 -24.00 7.59 32.16
N ASN C 453 -24.60 6.43 32.33
CA ASN C 453 -25.88 6.14 31.68
C ASN C 453 -27.01 7.04 32.14
N ASP C 454 -27.10 7.24 33.44
CA ASP C 454 -28.23 7.94 34.03
C ASP C 454 -28.32 9.40 33.60
N MET C 455 -27.34 9.87 32.83
CA MET C 455 -27.37 11.25 32.35
C MET C 455 -28.44 11.38 31.31
N LYS C 456 -28.97 12.60 31.15
CA LYS C 456 -30.03 12.84 30.18
C LYS C 456 -29.49 13.33 28.83
N VAL C 457 -28.82 14.48 28.84
CA VAL C 457 -28.16 15.00 27.64
C VAL C 457 -26.76 15.53 28.02
N VAL C 458 -25.80 15.39 27.10
CA VAL C 458 -24.37 15.59 27.40
C VAL C 458 -23.60 16.24 26.23
N ARG C 459 -24.04 17.43 25.81
CA ARG C 459 -23.56 18.04 24.56
C ARG C 459 -22.11 18.55 24.54
N MET C 460 -21.16 17.74 25.00
CA MET C 460 -19.74 18.09 24.93
C MET C 460 -19.19 17.84 23.54
N PRO C 461 -19.09 18.90 22.71
CA PRO C 461 -18.71 18.75 21.31
C PRO C 461 -17.63 17.70 21.10
N GLY C 462 -17.65 17.08 19.93
CA GLY C 462 -16.78 15.95 19.64
C GLY C 462 -17.53 14.64 19.77
N THR C 463 -18.65 14.66 20.49
CA THR C 463 -19.41 13.44 20.74
C THR C 463 -20.89 13.69 21.07
N THR C 464 -21.76 12.79 20.60
CA THR C 464 -23.19 12.83 20.93
C THR C 464 -23.52 11.98 22.14
N THR C 465 -24.68 12.25 22.74
CA THR C 465 -25.10 11.54 23.94
C THR C 465 -25.10 10.01 23.78
N PRO C 466 -25.60 9.49 22.65
CA PRO C 466 -25.51 8.03 22.59
C PRO C 466 -24.09 7.53 22.34
N LYS C 467 -23.26 8.28 21.60
CA LYS C 467 -21.88 7.83 21.40
C LYS C 467 -21.16 7.83 22.75
N TYR C 468 -21.23 8.94 23.45
CA TYR C 468 -20.64 9.04 24.78
C TYR C 468 -20.96 7.84 25.68
N LYS C 469 -22.24 7.57 25.85
CA LYS C 469 -22.71 6.40 26.60
C LYS C 469 -22.17 5.07 26.08
N ARG C 470 -22.14 4.89 24.77
CA ARG C 470 -21.59 3.66 24.22
C ARG C 470 -20.16 3.51 24.71
N ASN C 471 -19.39 4.56 24.54
CA ASN C 471 -17.99 4.53 24.95
C ASN C 471 -17.83 4.21 26.42
N PHE C 472 -18.70 4.80 27.27
CA PHE C 472 -18.68 4.52 28.71
C PHE C 472 -18.99 3.04 29.00
N ASN C 473 -20.08 2.52 28.44
CA ASN C 473 -20.45 1.14 28.64
C ASN C 473 -19.28 0.22 28.28
N ARG C 474 -18.66 0.45 27.12
CA ARG C 474 -17.48 -0.33 26.74
C ARG C 474 -16.47 -0.40 27.86
N GLU C 475 -16.08 0.75 28.40
CA GLU C 475 -15.08 0.84 29.47
C GLU C 475 -15.46 0.12 30.77
N THR C 476 -16.73 0.16 31.15
CA THR C 476 -17.17 -0.52 32.38
C THR C 476 -17.38 -2.02 32.19
N SER C 477 -17.65 -2.46 30.96
CA SER C 477 -17.73 -3.89 30.72
C SER C 477 -16.36 -4.51 30.99
N ARG C 478 -15.33 -3.67 30.99
CA ARG C 478 -13.97 -4.11 31.22
C ARG C 478 -13.65 -4.19 32.70
N TRP C 479 -14.42 -3.45 33.51
CA TRP C 479 -14.22 -3.43 34.96
C TRP C 479 -14.54 -4.79 35.56
N ASP C 480 -13.52 -5.41 36.12
CA ASP C 480 -13.70 -6.69 36.79
C ASP C 480 -14.20 -6.44 38.20
N TYR C 481 -13.69 -5.40 38.83
CA TYR C 481 -14.12 -5.08 40.18
C TYR C 481 -14.38 -3.59 40.33
N LEU C 482 -15.46 -3.24 41.03
CA LEU C 482 -15.90 -1.86 41.16
C LEU C 482 -16.19 -1.52 42.62
N ILE C 483 -15.24 -0.94 43.33
CA ILE C 483 -15.44 -0.56 44.72
C ILE C 483 -16.69 0.32 44.95
N SER C 484 -17.42 0.07 46.02
CA SER C 484 -18.58 0.91 46.37
C SER C 484 -18.45 1.45 47.79
N PRO C 485 -18.83 2.72 48.01
CA PRO C 485 -18.66 3.30 49.33
C PRO C 485 -19.89 3.02 50.17
N ASN C 486 -20.93 2.47 49.55
CA ASN C 486 -22.20 2.30 50.24
C ASN C 486 -23.26 1.78 49.29
N ARG C 487 -24.38 1.33 49.85
CA ARG C 487 -25.45 0.72 49.06
C ARG C 487 -26.10 1.76 48.17
N TYR C 488 -26.11 3.00 48.63
CA TYR C 488 -26.64 4.11 47.83
C TYR C 488 -25.99 4.15 46.48
N SER C 489 -24.67 4.04 46.48
CA SER C 489 -23.89 4.03 45.25
C SER C 489 -24.12 2.73 44.49
N THR C 490 -24.13 1.61 45.20
CA THR C 490 -24.38 0.31 44.57
C THR C 490 -25.69 0.33 43.78
N GLU C 491 -26.76 0.76 44.42
CA GLU C 491 -28.01 0.99 43.71
C GLU C 491 -27.71 1.69 42.39
N ILE C 492 -27.13 2.88 42.50
CA ILE C 492 -26.84 3.74 41.36
C ILE C 492 -25.91 3.09 40.36
N PHE C 493 -24.71 2.72 40.82
CA PHE C 493 -23.72 2.08 39.96
C PHE C 493 -24.37 1.04 39.04
N ARG C 494 -25.02 0.04 39.63
CA ARG C 494 -25.68 -1.00 38.85
C ARG C 494 -26.35 -0.43 37.57
N SER C 495 -27.02 0.72 37.69
CA SER C 495 -27.68 1.31 36.52
C SER C 495 -26.77 2.20 35.67
N ALA C 496 -26.21 3.21 36.31
CA ALA C 496 -25.40 4.21 35.64
C ALA C 496 -24.23 3.58 34.89
N PHE C 497 -23.66 2.52 35.43
CA PHE C 497 -22.45 1.91 34.88
C PHE C 497 -22.70 0.58 34.16
N TRP C 498 -23.97 0.20 34.05
CA TRP C 498 -24.29 -1.11 33.50
C TRP C 498 -23.48 -2.18 34.25
N MET C 499 -23.65 -2.27 35.57
CA MET C 499 -22.91 -3.22 36.38
C MET C 499 -23.70 -4.45 36.78
N ASP C 500 -22.99 -5.56 36.97
CA ASP C 500 -23.58 -6.77 37.52
C ASP C 500 -23.16 -6.80 38.97
N GLU C 501 -24.12 -6.83 39.89
CA GLU C 501 -23.82 -6.69 41.31
C GLU C 501 -22.64 -7.55 41.77
N GLU C 502 -22.45 -8.69 41.10
CA GLU C 502 -21.35 -9.59 41.44
C GLU C 502 -20.01 -8.89 41.51
N ARG C 503 -19.81 -7.91 40.65
CA ARG C 503 -18.52 -7.27 40.47
C ARG C 503 -18.25 -6.09 41.42
N ILE C 504 -19.31 -5.56 42.02
CA ILE C 504 -19.21 -4.45 42.95
C ILE C 504 -18.67 -4.91 44.31
N LEU C 505 -17.69 -4.18 44.86
CA LEU C 505 -17.10 -4.53 46.15
C LEU C 505 -17.35 -3.46 47.20
N GLU C 506 -18.52 -3.50 47.85
CA GLU C 506 -18.81 -2.54 48.92
C GLU C 506 -17.84 -2.69 50.07
N ILE C 507 -16.75 -1.94 50.04
CA ILE C 507 -15.73 -2.04 51.08
C ILE C 507 -15.38 -0.67 51.63
N GLY C 508 -15.90 0.36 50.97
CA GLY C 508 -15.56 1.74 51.29
C GLY C 508 -14.31 2.16 50.52
N TYR C 509 -14.12 3.46 50.36
CA TYR C 509 -12.97 3.96 49.61
C TYR C 509 -11.68 3.88 50.39
N PRO C 510 -10.65 3.30 49.76
CA PRO C 510 -9.31 3.18 50.34
C PRO C 510 -8.74 4.53 50.79
N ARG C 511 -8.94 5.57 49.99
CA ARG C 511 -8.49 6.92 50.35
C ARG C 511 -9.09 7.36 51.69
N ASN C 512 -10.30 6.87 51.96
CA ASN C 512 -11.00 7.20 53.19
C ASN C 512 -10.46 6.46 54.41
N ASP C 513 -9.65 5.42 54.17
CA ASP C 513 -9.03 4.68 55.27
C ASP C 513 -8.58 5.60 56.39
N VAL C 514 -7.64 6.50 56.10
CA VAL C 514 -7.06 7.37 57.11
C VAL C 514 -8.09 8.23 57.82
N LEU C 515 -9.32 8.25 57.30
CA LEU C 515 -10.37 9.02 57.93
C LEU C 515 -10.94 8.26 59.13
N VAL C 516 -10.38 7.09 59.39
CA VAL C 516 -10.86 6.24 60.47
C VAL C 516 -9.69 5.92 61.36
N ASN C 517 -8.73 5.20 60.78
CA ASN C 517 -7.55 4.75 61.49
C ASN C 517 -6.78 5.90 62.15
N ARG C 518 -6.89 7.10 61.60
CA ARG C 518 -6.02 8.19 62.03
C ARG C 518 -6.72 9.50 62.44
N ALA C 519 -7.98 9.40 62.85
CA ALA C 519 -8.72 10.61 63.24
C ALA C 519 -8.17 11.20 64.53
N ASN C 520 -7.36 10.43 65.24
CA ASN C 520 -6.84 10.85 66.55
C ASN C 520 -5.33 11.04 66.60
N ASP C 521 -4.62 10.52 65.61
CA ASP C 521 -3.15 10.57 65.62
C ASP C 521 -2.62 12.00 65.73
N GLN C 522 -2.57 12.50 66.95
CA GLN C 522 -2.27 13.91 67.21
C GLN C 522 -0.85 14.33 66.83
N GLU C 523 0.00 13.38 66.45
CA GLU C 523 1.29 13.72 65.88
C GLU C 523 1.16 13.82 64.37
N TYR C 524 0.13 13.15 63.86
CA TYR C 524 -0.18 13.17 62.45
C TYR C 524 -0.91 14.46 62.12
N LEU C 525 -2.01 14.72 62.83
CA LEU C 525 -2.70 15.99 62.65
C LEU C 525 -1.67 17.12 62.70
N ASP C 526 -0.80 17.08 63.71
CA ASP C 526 0.18 18.13 63.88
C ASP C 526 1.18 18.21 62.73
N GLU C 527 1.50 17.07 62.11
CA GLU C 527 2.41 17.08 60.97
C GLU C 527 1.79 17.77 59.77
N ILE C 528 0.53 17.44 59.49
CA ILE C 528 -0.17 18.12 58.41
C ILE C 528 -0.24 19.60 58.73
N ARG C 529 -0.76 19.91 59.92
CA ARG C 529 -1.00 21.28 60.34
C ARG C 529 0.22 22.17 60.20
N THR C 530 1.38 21.66 60.59
CA THR C 530 2.60 22.47 60.49
C THR C 530 3.22 22.41 59.10
N HIS C 531 2.71 21.53 58.25
CA HIS C 531 3.16 21.49 56.87
C HIS C 531 2.60 22.70 56.15
N LEU C 532 1.37 23.06 56.51
CA LEU C 532 0.64 24.17 55.91
C LEU C 532 0.89 25.51 56.61
N ASN C 533 1.81 25.51 57.58
CA ASN C 533 2.11 26.73 58.32
C ASN C 533 0.89 27.34 58.99
N LEU C 534 -0.05 26.48 59.40
CA LEU C 534 -1.26 26.94 60.06
C LEU C 534 -1.00 27.43 61.48
N PRO C 535 -1.51 28.64 61.80
CA PRO C 535 -1.46 29.23 63.15
C PRO C 535 -1.71 28.18 64.23
N SER C 536 -1.07 28.37 65.38
CA SER C 536 -1.14 27.41 66.48
C SER C 536 -2.51 27.41 67.14
N ASP C 537 -3.15 28.58 67.19
CA ASP C 537 -4.32 28.77 68.02
C ASP C 537 -5.59 29.00 67.23
N LYS C 538 -5.73 28.35 66.09
CA LYS C 538 -6.90 28.60 65.27
C LYS C 538 -7.56 27.35 64.70
N LYS C 539 -8.89 27.34 64.72
CA LYS C 539 -9.65 26.24 64.14
C LYS C 539 -9.66 26.35 62.62
N VAL C 540 -10.04 25.25 61.96
CA VAL C 540 -9.93 25.17 60.52
C VAL C 540 -11.27 24.94 59.82
N ILE C 541 -11.63 25.90 58.98
CA ILE C 541 -12.74 25.77 58.07
C ILE C 541 -12.15 25.40 56.72
N MET C 542 -12.81 24.52 56.00
CA MET C 542 -12.38 24.25 54.64
C MET C 542 -13.52 24.50 53.68
N TYR C 543 -13.34 25.46 52.78
CA TYR C 543 -14.29 25.73 51.71
C TYR C 543 -13.82 24.88 50.54
N ALA C 544 -14.77 24.43 49.71
CA ALA C 544 -14.46 23.52 48.61
C ALA C 544 -15.62 23.46 47.60
N PRO C 545 -15.89 24.59 46.94
CA PRO C 545 -16.98 24.68 45.97
C PRO C 545 -16.63 23.79 44.81
N THR C 546 -17.62 23.37 44.03
CA THR C 546 -17.32 22.70 42.76
C THR C 546 -17.07 23.73 41.68
N TRP C 547 -16.66 23.25 40.51
CA TRP C 547 -16.41 24.15 39.41
C TRP C 547 -17.73 24.60 38.81
N ARG C 548 -17.80 25.89 38.48
CA ARG C 548 -18.92 26.45 37.73
C ARG C 548 -18.40 27.32 36.60
N ASP C 549 -18.84 27.03 35.37
CA ASP C 549 -18.33 27.65 34.15
C ASP C 549 -18.74 29.12 34.01
N ASP C 550 -19.86 29.45 34.66
CA ASP C 550 -20.43 30.80 34.69
C ASP C 550 -19.39 31.90 34.93
N GLU C 551 -18.33 31.56 35.65
CA GLU C 551 -17.41 32.56 36.19
C GLU C 551 -16.12 32.77 35.38
N PHE C 552 -15.87 31.91 34.40
CA PHE C 552 -14.68 32.04 33.56
C PHE C 552 -14.85 33.19 32.58
N VAL C 553 -13.99 34.20 32.69
CA VAL C 553 -14.01 35.36 31.79
C VAL C 553 -12.65 36.06 31.74
N SER C 554 -12.36 36.69 30.60
CA SER C 554 -11.19 37.54 30.43
C SER C 554 -9.85 36.79 30.48
N LYS C 555 -9.72 35.75 29.66
CA LYS C 555 -8.52 34.91 29.64
C LYS C 555 -8.33 34.14 30.95
N GLY C 556 -9.15 34.44 31.94
CA GLY C 556 -8.97 33.88 33.27
C GLY C 556 -7.84 34.57 33.98
N LYS C 557 -7.47 35.75 33.48
CA LYS C 557 -6.41 36.55 34.10
C LYS C 557 -6.83 37.09 35.47
N TYR C 558 -7.90 37.87 35.50
CA TYR C 558 -8.42 38.41 36.77
C TYR C 558 -9.86 37.99 37.02
N LEU C 559 -10.08 37.25 38.12
CA LEU C 559 -11.42 36.79 38.46
C LEU C 559 -12.13 37.77 39.38
N PHE C 560 -13.43 37.54 39.57
CA PHE C 560 -14.16 38.24 40.61
C PHE C 560 -14.03 37.48 41.91
N GLU C 561 -13.56 38.17 42.95
CA GLU C 561 -13.41 37.60 44.27
C GLU C 561 -14.55 36.66 44.61
N LEU C 562 -14.28 35.74 45.52
CA LEU C 562 -15.24 34.70 45.88
C LEU C 562 -16.54 35.28 46.40
N LYS C 563 -17.65 34.62 46.04
CA LYS C 563 -18.96 35.07 46.48
C LYS C 563 -19.08 35.03 47.99
N ILE C 564 -18.43 34.04 48.59
CA ILE C 564 -18.50 33.83 50.04
C ILE C 564 -18.03 35.06 50.81
N ASP C 565 -17.40 36.00 50.11
CA ASP C 565 -16.96 37.24 50.73
C ASP C 565 -15.87 36.97 51.77
N LEU C 566 -14.62 37.00 51.35
CA LEU C 566 -13.51 36.76 52.29
C LEU C 566 -13.39 37.89 53.29
N ASP C 567 -13.39 39.11 52.77
CA ASP C 567 -13.25 40.30 53.59
C ASP C 567 -14.20 40.25 54.79
N ASN C 568 -15.36 39.65 54.59
CA ASN C 568 -16.33 39.45 55.68
C ASN C 568 -15.82 38.38 56.61
N LEU C 569 -15.64 37.18 56.10
CA LEU C 569 -15.22 36.04 56.91
C LEU C 569 -14.06 36.41 57.86
N TYR C 570 -13.23 37.35 57.40
CA TYR C 570 -12.12 37.89 58.19
C TYR C 570 -12.66 38.63 59.40
N LYS C 571 -13.41 39.70 59.16
CA LYS C 571 -14.01 40.48 60.24
C LYS C 571 -14.68 39.61 61.29
N GLU C 572 -15.37 38.57 60.85
CA GLU C 572 -16.23 37.74 61.70
C GLU C 572 -15.52 36.57 62.39
N LEU C 573 -14.68 35.88 61.63
CA LEU C 573 -14.09 34.65 62.09
C LEU C 573 -12.60 34.77 62.31
N GLY C 574 -12.00 35.85 61.82
CA GLY C 574 -10.56 36.02 61.85
C GLY C 574 -9.86 35.72 63.16
N ASP C 575 -10.49 36.10 64.26
CA ASP C 575 -9.86 35.99 65.56
C ASP C 575 -9.95 34.57 66.11
N ASP C 576 -10.54 33.67 65.34
CA ASP C 576 -10.79 32.31 65.82
C ASP C 576 -10.71 31.23 64.74
N TYR C 577 -10.65 31.64 63.49
CA TYR C 577 -10.60 30.68 62.39
C TYR C 577 -9.50 30.94 61.39
N VAL C 578 -9.10 29.88 60.72
CA VAL C 578 -8.31 30.00 59.52
C VAL C 578 -9.13 29.21 58.51
N ILE C 579 -9.38 29.80 57.33
CA ILE C 579 -10.18 29.11 56.31
C ILE C 579 -9.34 28.55 55.16
N LEU C 580 -9.33 27.22 55.01
CA LEU C 580 -8.68 26.58 53.88
C LEU C 580 -9.55 26.65 52.64
N LEU C 581 -8.99 27.19 51.56
CA LEU C 581 -9.72 27.33 50.31
C LEU C 581 -9.21 26.30 49.33
N ARG C 582 -10.00 25.27 49.06
CA ARG C 582 -9.68 24.32 48.01
C ARG C 582 -10.56 24.56 46.79
N MET C 583 -10.08 25.43 45.90
CA MET C 583 -10.79 25.79 44.67
C MET C 583 -10.37 24.93 43.50
N HIS C 584 -10.90 25.24 42.31
CA HIS C 584 -10.46 24.58 41.10
C HIS C 584 -9.07 25.08 40.76
N TYR C 585 -8.34 24.36 39.90
CA TYR C 585 -6.96 24.72 39.61
C TYR C 585 -6.87 26.07 38.87
N LEU C 586 -7.92 26.40 38.12
CA LEU C 586 -7.93 27.64 37.33
C LEU C 586 -8.26 28.86 38.17
N ILE C 587 -9.13 28.70 39.16
CA ILE C 587 -9.44 29.79 40.09
C ILE C 587 -8.27 30.09 41.01
N SER C 588 -7.48 29.07 41.34
CA SER C 588 -6.37 29.21 42.27
C SER C 588 -5.29 30.14 41.73
N ASN C 589 -4.54 29.68 40.73
CA ASN C 589 -3.49 30.51 40.13
C ASN C 589 -4.08 31.70 39.39
N ALA C 590 -4.99 32.40 40.08
CA ALA C 590 -5.69 33.55 39.55
C ALA C 590 -6.53 34.19 40.67
N LEU C 591 -6.02 34.07 41.89
CA LEU C 591 -6.74 34.44 43.12
C LEU C 591 -5.75 35.15 44.02
N ASP C 592 -5.97 36.43 44.28
CA ASP C 592 -5.00 37.18 45.08
C ASP C 592 -5.40 37.20 46.54
N LEU C 593 -4.74 36.38 47.36
CA LEU C 593 -5.04 36.33 48.79
C LEU C 593 -4.12 37.23 49.60
N SER C 594 -3.90 38.44 49.08
CA SER C 594 -3.06 39.42 49.76
C SER C 594 -3.82 40.17 50.82
N GLY C 595 -3.27 40.15 52.03
CA GLY C 595 -3.88 40.83 53.16
C GLY C 595 -4.79 39.85 53.86
N TYR C 596 -4.80 38.62 53.37
CA TYR C 596 -5.60 37.59 54.00
C TYR C 596 -4.69 36.54 54.56
N GLU C 597 -3.39 36.75 54.35
CA GLU C 597 -2.34 35.90 54.89
C GLU C 597 -2.60 35.52 56.35
N ASN C 598 -2.55 34.22 56.62
CA ASN C 598 -2.82 33.68 57.94
C ASN C 598 -4.31 33.60 58.33
N PHE C 599 -5.15 33.99 57.39
CA PHE C 599 -6.57 33.69 57.50
C PHE C 599 -6.99 32.74 56.40
N ALA C 600 -6.84 33.18 55.16
CA ALA C 600 -7.19 32.33 54.04
C ALA C 600 -5.93 31.72 53.43
N ILE C 601 -5.81 30.40 53.53
CA ILE C 601 -4.68 29.68 52.98
C ILE C 601 -5.11 28.94 51.74
N ASP C 602 -4.57 29.31 50.58
CA ASP C 602 -4.86 28.60 49.34
C ASP C 602 -4.39 27.17 49.49
N VAL C 603 -5.22 26.21 49.08
CA VAL C 603 -4.91 24.82 49.34
C VAL C 603 -5.31 23.92 48.16
N SER C 604 -5.53 24.52 47.00
CA SER C 604 -6.06 23.77 45.86
C SER C 604 -5.06 22.79 45.28
N ASN C 605 -3.79 22.94 45.64
CA ASN C 605 -2.70 22.12 45.07
C ASN C 605 -2.37 20.88 45.87
N TYR C 606 -2.53 20.96 47.18
CA TYR C 606 -2.22 19.88 48.12
C TYR C 606 -2.61 18.52 47.54
N ASN C 607 -1.70 17.55 47.63
CA ASN C 607 -1.90 16.26 46.97
C ASN C 607 -2.98 15.39 47.61
N ASP C 608 -3.02 15.39 48.94
CA ASP C 608 -3.92 14.48 49.65
C ASP C 608 -5.04 15.17 50.41
N VAL C 609 -6.25 15.14 49.85
CA VAL C 609 -7.41 15.82 50.41
C VAL C 609 -7.93 15.13 51.66
N SER C 610 -7.78 13.81 51.73
CA SER C 610 -8.19 13.09 52.91
C SER C 610 -7.52 13.69 54.15
N GLU C 611 -6.24 14.03 54.02
CA GLU C 611 -5.48 14.68 55.09
C GLU C 611 -6.10 16.04 55.44
N LEU C 612 -6.53 16.77 54.43
CA LEU C 612 -7.18 18.07 54.64
C LEU C 612 -8.43 17.95 55.51
N PHE C 613 -9.15 16.85 55.38
CA PHE C 613 -10.35 16.64 56.16
C PHE C 613 -9.99 16.38 57.62
N LEU C 614 -9.04 15.48 57.82
CA LEU C 614 -8.63 15.09 59.15
C LEU C 614 -8.42 16.27 60.06
N ILE C 615 -8.07 17.40 59.47
CA ILE C 615 -7.68 18.58 60.23
C ILE C 615 -8.69 19.69 60.08
N SER C 616 -9.91 19.37 59.63
CA SER C 616 -10.90 20.40 59.41
C SER C 616 -12.09 20.29 60.37
N ASP C 617 -12.46 21.43 60.94
CA ASP C 617 -13.51 21.49 61.95
C ASP C 617 -14.88 21.55 61.32
N CYS C 618 -15.04 22.38 60.30
CA CYS C 618 -16.17 22.16 59.42
C CYS C 618 -15.78 22.21 57.94
N LEU C 619 -16.76 21.96 57.09
CA LEU C 619 -16.52 21.88 55.67
C LEU C 619 -17.63 22.62 54.94
N ILE C 620 -17.34 23.82 54.46
CA ILE C 620 -18.28 24.53 53.61
C ILE C 620 -18.09 24.03 52.20
N THR C 621 -19.10 23.39 51.63
CA THR C 621 -19.09 23.07 50.21
C THR C 621 -20.44 23.41 49.58
N ASP C 622 -20.72 22.91 48.38
CA ASP C 622 -22.06 23.05 47.82
C ASP C 622 -22.59 21.76 47.22
N TYR C 623 -22.48 21.62 45.91
CA TYR C 623 -22.86 20.37 45.29
C TYR C 623 -21.62 19.57 44.90
N SER C 624 -21.05 18.84 45.86
CA SER C 624 -19.85 18.07 45.55
C SER C 624 -19.86 16.68 46.15
N SER C 625 -19.16 15.75 45.51
CA SER C 625 -19.10 14.38 45.98
C SER C 625 -18.28 14.27 47.25
N VAL C 626 -17.89 15.40 47.80
CA VAL C 626 -17.01 15.43 48.96
C VAL C 626 -17.77 15.32 50.26
N MET C 627 -18.98 15.88 50.32
CA MET C 627 -19.77 15.84 51.56
C MET C 627 -19.84 14.40 52.09
N PHE C 628 -19.78 13.44 51.19
CA PHE C 628 -19.88 12.04 51.55
C PHE C 628 -18.63 11.56 52.25
N ASP C 629 -17.47 11.82 51.65
CA ASP C 629 -16.20 11.47 52.28
C ASP C 629 -16.03 12.12 53.67
N TYR C 630 -16.40 13.38 53.76
CA TYR C 630 -16.24 14.13 55.00
C TYR C 630 -17.21 13.59 56.06
N GLY C 631 -18.41 13.23 55.62
CA GLY C 631 -19.46 12.75 56.51
C GLY C 631 -18.96 11.70 57.49
N ILE C 632 -17.89 11.03 57.11
CA ILE C 632 -17.28 9.96 57.91
C ILE C 632 -16.84 10.45 59.29
N LEU C 633 -16.57 11.75 59.40
CA LEU C 633 -16.04 12.34 60.62
C LEU C 633 -17.13 12.92 61.52
N LYS C 634 -18.37 12.80 61.08
CA LYS C 634 -19.50 13.27 61.88
C LYS C 634 -19.25 14.69 62.38
N ARG C 635 -18.79 15.53 61.46
CA ARG C 635 -18.58 16.96 61.73
C ARG C 635 -19.64 17.81 61.08
N PRO C 636 -19.77 19.07 61.51
CA PRO C 636 -20.79 19.94 60.91
C PRO C 636 -20.47 20.23 59.45
N GLN C 637 -21.49 20.35 58.62
CA GLN C 637 -21.26 20.79 57.26
C GLN C 637 -22.19 21.94 56.99
N PHE C 638 -21.82 22.79 56.05
CA PHE C 638 -22.67 23.88 55.57
C PHE C 638 -22.64 23.80 54.07
N PHE C 639 -23.77 24.05 53.44
CA PHE C 639 -23.84 23.97 52.01
C PHE C 639 -24.21 25.33 51.43
N PHE C 640 -23.17 26.11 51.15
CA PHE C 640 -23.30 27.44 50.60
C PHE C 640 -23.58 27.36 49.11
N ALA C 641 -24.86 27.31 48.75
CA ALA C 641 -25.27 27.11 47.37
C ALA C 641 -25.83 28.38 46.73
N TYR C 642 -24.99 29.41 46.61
CA TYR C 642 -25.42 30.76 46.24
C TYR C 642 -26.17 30.90 44.92
N ASP C 643 -26.21 29.82 44.14
CA ASP C 643 -26.84 29.85 42.83
C ASP C 643 -27.80 28.68 42.65
N ILE C 644 -28.41 28.25 43.75
CA ILE C 644 -29.29 27.09 43.70
C ILE C 644 -30.54 27.38 42.89
N ASP C 645 -31.06 28.60 43.03
CA ASP C 645 -32.25 29.00 42.30
C ASP C 645 -31.93 29.30 40.85
N LYS C 646 -30.98 28.53 40.32
CA LYS C 646 -30.73 28.42 38.89
C LYS C 646 -30.85 26.95 38.52
N TYR C 647 -30.20 26.09 39.32
CA TYR C 647 -30.23 24.65 39.12
C TYR C 647 -31.64 24.03 39.22
N ASP C 648 -32.32 23.90 38.09
CA ASP C 648 -33.55 23.11 37.97
C ASP C 648 -34.77 23.64 38.73
N LYS C 649 -34.56 24.55 39.67
CA LYS C 649 -35.61 24.93 40.62
C LYS C 649 -35.88 23.75 41.57
N GLY C 650 -36.52 22.71 41.04
CA GLY C 650 -36.64 21.44 41.73
C GLY C 650 -35.81 20.40 41.01
N LEU C 651 -34.65 20.05 41.58
CA LEU C 651 -33.60 19.36 40.82
C LEU C 651 -33.60 17.84 40.90
N ARG C 652 -33.84 17.21 39.75
CA ARG C 652 -33.80 15.76 39.58
C ARG C 652 -32.47 15.35 38.98
N GLY C 653 -31.59 16.31 38.78
CA GLY C 653 -30.25 16.04 38.29
C GLY C 653 -29.39 15.46 39.39
N PHE C 654 -29.92 15.42 40.61
CA PHE C 654 -29.24 14.83 41.77
C PHE C 654 -29.96 13.55 42.17
N TYR C 655 -29.21 12.55 42.61
CA TYR C 655 -29.81 11.28 43.00
C TYR C 655 -30.52 11.44 44.33
N MET C 656 -29.80 11.94 45.33
CA MET C 656 -30.38 12.15 46.65
C MET C 656 -31.31 13.36 46.67
N ASN C 657 -32.11 13.44 47.74
CA ASN C 657 -32.96 14.60 47.95
C ASN C 657 -32.19 15.71 48.66
N TYR C 658 -31.82 16.73 47.89
CA TYR C 658 -30.92 17.79 48.36
C TYR C 658 -31.51 18.65 49.45
N MET C 659 -32.72 19.15 49.21
CA MET C 659 -33.36 20.04 50.16
C MET C 659 -33.64 19.39 51.53
N GLU C 660 -33.30 18.12 51.67
CA GLU C 660 -33.71 17.37 52.85
C GLU C 660 -32.56 16.65 53.56
N ASP C 661 -32.04 15.60 52.95
CA ASP C 661 -31.13 14.70 53.66
C ASP C 661 -29.63 14.95 53.50
N LEU C 662 -29.21 16.19 53.65
CA LEU C 662 -27.79 16.51 53.88
C LEU C 662 -27.58 17.09 55.30
N PRO C 663 -26.35 17.00 55.81
CA PRO C 663 -26.04 17.04 57.25
C PRO C 663 -25.84 18.44 57.82
N GLY C 664 -26.25 19.47 57.08
CA GLY C 664 -26.08 20.85 57.51
C GLY C 664 -27.06 21.75 56.79
N PRO C 665 -27.02 23.03 57.11
CA PRO C 665 -28.00 23.96 56.53
C PRO C 665 -27.59 24.42 55.15
N ILE C 666 -28.56 24.77 54.32
CA ILE C 666 -28.26 25.42 53.04
C ILE C 666 -28.32 26.95 53.13
N TYR C 667 -27.23 27.61 52.78
CA TYR C 667 -27.20 29.08 52.71
C TYR C 667 -27.08 29.54 51.25
N THR C 668 -27.72 30.65 50.94
CA THR C 668 -27.69 31.21 49.58
C THR C 668 -26.93 32.53 49.63
N GLU C 669 -26.84 33.07 50.83
CA GLU C 669 -26.06 34.25 51.11
C GLU C 669 -24.97 33.86 52.10
N PRO C 670 -23.79 34.48 52.00
CA PRO C 670 -22.63 34.14 52.82
C PRO C 670 -22.78 34.63 54.25
N TYR C 671 -23.51 35.73 54.40
CA TYR C 671 -23.48 36.53 55.63
C TYR C 671 -23.98 35.87 56.90
N GLY C 672 -24.99 35.01 56.76
CA GLY C 672 -25.57 34.31 57.90
C GLY C 672 -24.86 32.99 58.12
N LEU C 673 -24.26 32.49 57.05
CA LEU C 673 -23.36 31.35 57.14
C LEU C 673 -22.25 31.79 58.09
N ALA C 674 -21.59 32.88 57.74
CA ALA C 674 -20.50 33.41 58.55
C ALA C 674 -20.86 33.55 60.03
N LYS C 675 -22.02 34.11 60.34
CA LYS C 675 -22.41 34.25 61.74
C LYS C 675 -22.59 32.87 62.36
N GLU C 676 -23.64 32.16 61.93
CA GLU C 676 -23.95 30.81 62.42
C GLU C 676 -22.69 29.96 62.55
N LEU C 677 -21.70 30.25 61.71
CA LEU C 677 -20.43 29.52 61.64
C LEU C 677 -19.50 29.92 62.80
N LYS C 678 -19.98 30.82 63.64
CA LYS C 678 -19.21 31.37 64.75
C LYS C 678 -19.12 30.34 65.88
N ASN C 679 -20.28 29.95 66.38
CA ASN C 679 -20.36 28.88 67.37
C ASN C 679 -20.56 27.53 66.67
N LEU C 680 -19.47 26.79 66.47
CA LEU C 680 -19.52 25.47 65.87
C LEU C 680 -20.31 24.43 66.66
N ASP C 681 -20.17 24.49 67.98
CA ASP C 681 -20.77 23.52 68.87
C ASP C 681 -22.29 23.60 68.87
N LYS C 682 -22.82 24.79 68.65
CA LYS C 682 -24.26 24.99 68.59
C LYS C 682 -24.83 24.46 67.27
N VAL C 683 -23.95 24.28 66.28
CA VAL C 683 -24.36 23.69 65.00
C VAL C 683 -24.20 22.18 65.04
N GLN C 684 -23.06 21.76 65.58
CA GLN C 684 -22.78 20.35 65.81
C GLN C 684 -23.89 19.72 66.63
N GLN C 685 -24.47 20.50 67.54
CA GLN C 685 -25.60 20.06 68.37
C GLN C 685 -26.95 20.17 67.67
N GLN C 686 -27.25 21.36 67.18
CA GLN C 686 -28.51 21.61 66.51
C GLN C 686 -28.67 20.69 65.30
N TYR C 687 -27.55 20.29 64.72
CA TYR C 687 -27.55 19.47 63.51
C TYR C 687 -27.10 18.03 63.71
N GLN C 688 -26.64 17.70 64.91
CA GLN C 688 -26.22 16.33 65.20
C GLN C 688 -27.28 15.40 64.70
N GLU C 689 -28.53 15.85 64.77
CA GLU C 689 -29.66 15.12 64.21
C GLU C 689 -29.32 14.63 62.81
N LYS C 690 -29.37 15.52 61.84
CA LYS C 690 -29.11 15.16 60.47
C LYS C 690 -27.71 14.57 60.24
N ILE C 691 -26.71 15.07 60.95
CA ILE C 691 -25.31 14.64 60.75
C ILE C 691 -25.09 13.16 60.94
N ASP C 692 -25.75 12.60 61.95
CA ASP C 692 -25.65 11.17 62.24
C ASP C 692 -26.37 10.33 61.18
N ALA C 693 -27.64 10.66 60.93
CA ALA C 693 -28.46 9.94 59.95
C ALA C 693 -27.85 9.97 58.55
N PHE C 694 -27.12 11.04 58.26
CA PHE C 694 -26.34 11.15 57.04
C PHE C 694 -25.23 10.13 57.06
N TYR C 695 -24.53 10.03 58.18
CA TYR C 695 -23.46 9.06 58.34
C TYR C 695 -23.96 7.63 58.14
N ASP C 696 -25.10 7.31 58.73
CA ASP C 696 -25.65 5.95 58.67
C ASP C 696 -26.02 5.54 57.23
N ARG C 697 -26.34 6.51 56.39
CA ARG C 697 -26.76 6.21 55.02
C ARG C 697 -25.58 6.06 54.06
N PHE C 698 -24.47 6.73 54.34
CA PHE C 698 -23.38 6.82 53.39
C PHE C 698 -22.02 6.40 53.94
N CYS C 699 -21.81 6.63 55.22
CA CYS C 699 -20.47 6.52 55.75
C CYS C 699 -20.30 5.31 56.65
N SER C 700 -21.39 4.56 56.81
CA SER C 700 -21.44 3.43 57.74
C SER C 700 -20.66 2.25 57.23
N VAL C 701 -20.30 2.28 55.95
CA VAL C 701 -19.70 1.12 55.31
C VAL C 701 -18.17 1.17 55.29
N ASP C 702 -17.58 2.31 55.63
CA ASP C 702 -16.12 2.41 55.68
C ASP C 702 -15.60 1.88 56.99
N ASN C 703 -14.49 1.16 56.94
CA ASN C 703 -13.89 0.57 58.13
C ASN C 703 -12.37 0.75 58.16
N GLY C 704 -11.86 1.49 57.20
CA GLY C 704 -10.43 1.78 57.16
C GLY C 704 -9.61 0.59 56.69
N LYS C 705 -10.28 -0.44 56.21
CA LYS C 705 -9.58 -1.63 55.73
C LYS C 705 -9.69 -1.78 54.20
N ALA C 706 -10.37 -0.82 53.57
CA ALA C 706 -10.51 -0.82 52.11
C ALA C 706 -9.19 -1.05 51.36
N SER C 707 -8.16 -0.29 51.70
CA SER C 707 -6.86 -0.45 51.05
C SER C 707 -6.40 -1.89 51.18
N GLN C 708 -6.52 -2.42 52.40
CA GLN C 708 -6.09 -3.78 52.72
C GLN C 708 -6.93 -4.83 52.00
N TYR C 709 -8.23 -4.61 51.88
CA TYR C 709 -9.07 -5.56 51.16
C TYR C 709 -8.68 -5.67 49.67
N ILE C 710 -8.29 -4.55 49.07
CA ILE C 710 -7.88 -4.52 47.66
C ILE C 710 -6.44 -5.01 47.55
N GLY C 711 -5.63 -4.74 48.56
CA GLY C 711 -4.27 -5.23 48.55
C GLY C 711 -4.30 -6.75 48.51
N ASP C 712 -5.11 -7.31 49.41
CA ASP C 712 -5.16 -8.76 49.60
C ASP C 712 -5.83 -9.48 48.44
N LEU C 713 -6.85 -8.86 47.85
CA LEU C 713 -7.49 -9.46 46.69
C LEU C 713 -6.50 -9.60 45.55
N ILE C 714 -5.70 -8.56 45.32
CA ILE C 714 -4.70 -8.61 44.27
C ILE C 714 -3.68 -9.72 44.55
N HIS C 715 -3.13 -9.72 45.75
CA HIS C 715 -2.18 -10.75 46.17
C HIS C 715 -2.77 -12.13 45.96
N LYS C 716 -3.94 -12.37 46.55
CA LYS C 716 -4.64 -13.65 46.38
C LYS C 716 -4.87 -13.99 44.91
N ASP C 717 -4.89 -12.95 44.06
CA ASP C 717 -5.04 -13.15 42.63
C ASP C 717 -3.72 -13.60 42.00
N ILE C 718 -2.62 -12.94 42.33
CA ILE C 718 -1.33 -13.28 41.75
C ILE C 718 -0.58 -14.31 42.57
N LYS C 719 -1.34 -15.24 43.14
CA LYS C 719 -0.82 -16.44 43.80
C LYS C 719 -1.46 -17.60 43.06
N GLU C 720 -2.67 -17.37 42.60
CA GLU C 720 -3.40 -18.29 41.74
C GLU C 720 -2.83 -18.26 40.34
N GLN C 721 -2.58 -17.05 39.82
CA GLN C 721 -1.95 -16.88 38.52
C GLN C 721 -0.48 -17.29 38.59
N LEU C 722 -0.12 -17.99 39.67
CA LEU C 722 1.22 -18.57 39.82
C LEU C 722 1.18 -20.10 39.84
N GLU C 723 0.64 -20.66 38.75
CA GLU C 723 0.57 -22.11 38.50
C GLU C 723 0.27 -22.38 37.03
N ALA D 313 10.82 15.34 -0.64
CA ALA D 313 9.55 15.82 -1.15
C ALA D 313 8.49 14.72 -1.15
N PHE D 314 8.29 14.10 0.01
CA PHE D 314 7.33 13.01 0.17
C PHE D 314 5.91 13.54 0.02
N LYS D 315 5.15 13.04 -0.95
CA LYS D 315 3.76 13.45 -1.09
C LYS D 315 2.86 12.75 -0.05
N VAL D 316 2.58 13.45 1.04
CA VAL D 316 2.01 12.83 2.26
C VAL D 316 0.54 12.45 2.11
N ASN D 317 -0.20 13.18 1.26
CA ASN D 317 -1.58 12.84 1.06
C ASN D 317 -1.74 11.59 0.20
N GLN D 318 -1.13 11.63 -0.98
CA GLN D 318 -1.12 10.49 -1.87
C GLN D 318 -0.86 9.18 -1.12
N PHE D 319 0.10 9.23 -0.19
CA PHE D 319 0.48 8.04 0.57
C PHE D 319 -0.70 7.53 1.39
N ARG D 320 -1.49 8.46 1.95
CA ARG D 320 -2.65 8.08 2.73
C ARG D 320 -3.76 7.49 1.86
N LYS D 321 -3.97 8.09 0.69
CA LYS D 321 -5.01 7.61 -0.21
C LYS D 321 -4.67 6.21 -0.71
N THR D 322 -3.37 5.94 -0.82
CA THR D 322 -2.89 4.63 -1.27
C THR D 322 -3.21 3.55 -0.26
N LEU D 323 -2.66 3.70 0.95
CA LEU D 323 -2.93 2.77 2.05
C LEU D 323 -4.42 2.50 2.17
N ARG D 324 -5.21 3.56 2.19
CA ARG D 324 -6.66 3.40 2.20
C ARG D 324 -7.08 2.43 1.09
N HIS D 325 -6.79 2.79 -0.16
CA HIS D 325 -7.17 1.98 -1.31
C HIS D 325 -6.64 0.55 -1.22
N VAL D 326 -5.41 0.39 -0.73
CA VAL D 326 -4.82 -0.94 -0.62
C VAL D 326 -5.56 -1.73 0.44
N LYS D 327 -6.24 -1.02 1.34
CA LYS D 327 -6.97 -1.70 2.40
C LYS D 327 -8.39 -1.97 1.99
N ASN D 328 -9.00 -1.05 1.26
CA ASN D 328 -10.30 -1.33 0.68
C ASN D 328 -10.25 -2.52 -0.30
N ILE D 329 -9.12 -2.69 -0.98
CA ILE D 329 -9.00 -3.75 -1.96
C ILE D 329 -8.89 -5.10 -1.26
N VAL D 330 -7.98 -5.19 -0.30
CA VAL D 330 -7.73 -6.48 0.34
C VAL D 330 -8.93 -7.00 1.14
N LEU D 331 -9.60 -6.12 1.88
CA LEU D 331 -10.74 -6.53 2.72
C LEU D 331 -12.03 -6.52 1.90
N ARG D 332 -11.90 -6.34 0.59
CA ARG D 332 -13.03 -6.38 -0.35
C ARG D 332 -14.21 -5.46 0.03
N ARG D 333 -13.90 -4.25 0.46
CA ARG D 333 -14.92 -3.24 0.76
C ARG D 333 -15.63 -2.67 -0.49
N LYS D 334 -16.87 -2.26 -0.34
CA LYS D 334 -17.62 -1.71 -1.47
C LYS D 334 -17.00 -0.39 -1.93
N ASN D 335 -16.36 0.31 -0.99
CA ASN D 335 -15.75 1.58 -1.30
C ASN D 335 -14.47 1.50 -2.12
N LYS D 336 -14.09 0.29 -2.54
CA LYS D 336 -12.90 0.18 -3.38
C LYS D 336 -13.02 1.10 -4.58
N GLU D 337 -14.23 1.21 -5.10
CA GLU D 337 -14.50 2.15 -6.17
C GLU D 337 -14.03 3.55 -5.84
N ARG D 338 -14.34 3.98 -4.62
CA ARG D 338 -14.11 5.35 -4.18
C ARG D 338 -12.64 5.70 -3.96
N SER D 339 -11.90 4.78 -3.34
CA SER D 339 -10.50 4.99 -3.00
C SER D 339 -9.62 4.98 -4.24
N LEU D 340 -10.03 4.21 -5.24
CA LEU D 340 -9.46 4.27 -6.58
C LEU D 340 -9.63 5.70 -7.11
N TYR D 341 -10.87 6.08 -7.35
CA TYR D 341 -11.21 7.43 -7.82
C TYR D 341 -10.39 8.49 -7.10
N ASP D 342 -10.28 8.38 -5.77
CA ASP D 342 -9.62 9.39 -4.96
C ASP D 342 -8.11 9.39 -5.22
N LEU D 343 -7.55 8.21 -5.52
CA LEU D 343 -6.13 8.08 -5.82
C LEU D 343 -5.81 8.60 -7.21
N THR D 344 -6.53 8.04 -8.18
CA THR D 344 -6.32 8.34 -9.59
C THR D 344 -6.72 9.75 -10.00
N ASP D 345 -7.76 10.30 -9.37
CA ASP D 345 -8.39 11.55 -9.83
C ASP D 345 -7.46 12.74 -10.02
N LYS D 346 -7.19 13.07 -11.27
CA LYS D 346 -6.37 14.23 -11.63
C LYS D 346 -7.19 15.24 -12.42
N GLU D 347 -6.84 16.51 -12.27
CA GLU D 347 -7.43 17.62 -13.02
C GLU D 347 -7.47 17.40 -14.55
N ASP D 348 -6.67 16.46 -15.02
CA ASP D 348 -6.55 16.19 -16.46
C ASP D 348 -7.68 15.33 -16.99
N ASN D 349 -8.41 14.70 -16.08
CA ASN D 349 -9.50 13.83 -16.48
C ASN D 349 -10.71 14.61 -16.97
N VAL D 350 -10.66 15.94 -16.84
CA VAL D 350 -11.85 16.76 -17.07
C VAL D 350 -12.13 17.00 -18.54
N LYS D 351 -13.27 16.49 -19.02
CA LYS D 351 -13.71 16.71 -20.40
C LYS D 351 -14.64 17.91 -20.46
N PRO D 352 -14.22 19.00 -21.08
CA PRO D 352 -15.01 20.24 -21.12
C PRO D 352 -16.46 20.03 -21.51
N LYS D 353 -16.72 19.10 -22.41
CA LYS D 353 -18.06 18.93 -22.96
C LYS D 353 -18.91 17.91 -22.18
N THR D 354 -18.58 17.68 -20.92
CA THR D 354 -19.27 16.70 -20.11
C THR D 354 -19.90 17.31 -18.85
N ILE D 355 -21.22 17.12 -18.71
CA ILE D 355 -22.01 17.74 -17.66
C ILE D 355 -22.81 16.69 -16.88
N VAL D 356 -22.69 16.67 -15.56
CA VAL D 356 -23.51 15.75 -14.75
C VAL D 356 -24.66 16.40 -14.00
N PHE D 357 -25.71 15.62 -13.81
CA PHE D 357 -26.93 16.05 -13.15
C PHE D 357 -27.25 15.05 -12.05
N GLU D 358 -27.49 15.55 -10.85
CA GLU D 358 -28.06 14.70 -9.84
C GLU D 358 -29.16 15.51 -9.21
N SER D 359 -30.30 14.87 -8.97
CA SER D 359 -31.40 15.53 -8.30
C SER D 359 -31.78 14.84 -7.00
N PHE D 360 -31.70 15.59 -5.90
CA PHE D 360 -32.02 15.05 -4.58
C PHE D 360 -31.21 13.79 -4.28
N GLY D 361 -29.89 13.92 -4.32
CA GLY D 361 -29.02 12.79 -4.02
C GLY D 361 -29.36 11.57 -4.86
N GLY D 362 -29.99 11.82 -6.00
CA GLY D 362 -30.21 10.79 -6.99
C GLY D 362 -31.35 9.84 -6.72
N LYS D 363 -32.50 10.37 -6.30
CA LYS D 363 -33.71 9.56 -6.25
C LYS D 363 -34.57 9.77 -7.49
N ASN D 364 -34.43 10.94 -8.12
CA ASN D 364 -35.36 11.36 -9.16
C ASN D 364 -34.74 11.84 -10.44
N TYR D 365 -35.57 11.83 -11.48
CA TYR D 365 -35.35 12.70 -12.61
C TYR D 365 -36.36 13.80 -12.42
N SER D 366 -35.92 14.87 -11.76
CA SER D 366 -36.87 15.86 -11.27
C SER D 366 -36.26 17.22 -11.03
N ASP D 367 -37.13 18.20 -10.80
CA ASP D 367 -36.71 19.47 -10.28
C ASP D 367 -35.77 20.25 -11.20
N SER D 368 -35.15 21.29 -10.63
CA SER D 368 -34.39 22.24 -11.42
C SER D 368 -33.33 21.58 -12.30
N PRO D 369 -32.74 20.46 -11.85
CA PRO D 369 -31.77 19.84 -12.75
C PRO D 369 -32.42 19.21 -14.00
N LYS D 370 -33.58 18.57 -13.82
CA LYS D 370 -34.34 18.03 -14.92
C LYS D 370 -34.56 19.15 -15.93
N TYR D 371 -35.17 20.24 -15.50
CA TYR D 371 -35.50 21.33 -16.41
C TYR D 371 -34.27 21.98 -17.04
N ILE D 372 -33.23 22.17 -16.25
CA ILE D 372 -31.99 22.73 -16.78
C ILE D 372 -31.51 21.78 -17.85
N TYR D 373 -31.61 20.50 -17.57
CA TYR D 373 -31.17 19.48 -18.53
C TYR D 373 -32.10 19.37 -19.75
N GLU D 374 -33.41 19.42 -19.53
CA GLU D 374 -34.37 19.35 -20.65
C GLU D 374 -34.21 20.54 -21.58
N TYR D 375 -33.83 21.69 -21.04
CA TYR D 375 -33.52 22.86 -21.87
C TYR D 375 -32.25 22.65 -22.69
N MET D 376 -31.15 22.33 -21.99
CA MET D 376 -29.86 22.14 -22.64
C MET D 376 -29.89 21.06 -23.72
N GLN D 377 -30.74 20.06 -23.52
CA GLN D 377 -30.95 19.00 -24.50
C GLN D 377 -31.43 19.49 -25.85
N LYS D 378 -32.19 20.60 -25.86
CA LYS D 378 -32.79 21.08 -27.10
C LYS D 378 -31.91 22.12 -27.83
N TYR D 379 -31.23 22.97 -27.08
CA TYR D 379 -30.43 24.05 -27.65
C TYR D 379 -28.90 23.76 -27.74
N TYR D 380 -28.39 22.88 -26.89
CA TYR D 380 -26.98 22.51 -26.96
C TYR D 380 -26.81 20.99 -26.94
N PRO D 381 -27.29 20.30 -27.98
CA PRO D 381 -27.46 18.84 -27.97
C PRO D 381 -26.17 18.07 -28.22
N ASN D 382 -25.08 18.78 -28.46
CA ASN D 382 -23.82 18.12 -28.79
C ASN D 382 -22.98 17.69 -27.59
N TYR D 383 -23.27 18.27 -26.42
CA TYR D 383 -22.50 17.98 -25.21
C TYR D 383 -22.87 16.59 -24.65
N ARG D 384 -21.94 15.98 -23.93
CA ARG D 384 -22.17 14.65 -23.34
C ARG D 384 -22.84 14.78 -22.00
N TYR D 385 -24.03 14.19 -21.88
CA TYR D 385 -24.81 14.37 -20.66
C TYR D 385 -24.82 13.11 -19.79
N ILE D 386 -24.53 13.29 -18.51
CA ILE D 386 -24.60 12.17 -17.57
C ILE D 386 -25.57 12.47 -16.44
N TRP D 387 -26.44 11.52 -16.14
CA TRP D 387 -27.30 11.62 -14.96
C TRP D 387 -26.92 10.62 -13.88
N SER D 388 -26.98 11.05 -12.63
CA SER D 388 -26.64 10.19 -11.52
C SER D 388 -27.89 9.80 -10.78
N PHE D 389 -28.07 8.49 -10.56
CA PHE D 389 -29.23 7.95 -9.86
C PHE D 389 -28.77 6.90 -8.87
N LYS D 390 -29.57 6.68 -7.81
CA LYS D 390 -29.32 5.61 -6.87
C LYS D 390 -29.55 4.30 -7.56
N ASN D 391 -30.68 4.20 -8.23
CA ASN D 391 -31.02 3.05 -9.05
C ASN D 391 -31.42 3.50 -10.45
N PRO D 392 -30.46 3.53 -11.39
CA PRO D 392 -30.75 3.99 -12.75
C PRO D 392 -31.89 3.24 -13.45
N ASP D 393 -32.06 1.96 -13.17
CA ASP D 393 -33.04 1.17 -13.92
C ASP D 393 -34.48 1.54 -13.63
N LYS D 394 -34.71 2.22 -12.51
CA LYS D 394 -36.05 2.66 -12.12
C LYS D 394 -36.32 4.11 -12.50
N ASN D 395 -35.39 4.70 -13.23
CA ASN D 395 -35.55 6.07 -13.70
C ASN D 395 -35.49 6.17 -15.24
N VAL D 396 -36.39 6.92 -15.83
CA VAL D 396 -36.42 7.06 -17.28
C VAL D 396 -36.01 8.46 -17.70
N VAL D 397 -34.94 8.57 -18.49
CA VAL D 397 -34.47 9.91 -18.86
C VAL D 397 -34.50 10.15 -20.37
N PRO D 398 -35.22 11.20 -20.81
CA PRO D 398 -35.32 11.62 -22.21
C PRO D 398 -33.95 12.00 -22.77
N GLY D 399 -33.67 11.72 -24.04
CA GLY D 399 -32.46 12.22 -24.69
C GLY D 399 -31.16 11.45 -24.51
N SER D 400 -30.10 12.02 -25.08
CA SER D 400 -28.80 11.37 -25.20
C SER D 400 -28.10 11.10 -23.87
N ALA D 401 -28.65 11.63 -22.79
CA ALA D 401 -28.07 11.45 -21.47
C ALA D 401 -27.95 9.97 -21.11
N GLU D 402 -26.82 9.59 -20.54
CA GLU D 402 -26.64 8.22 -20.06
C GLU D 402 -26.75 8.24 -18.55
N LYS D 403 -27.30 7.16 -17.99
CA LYS D 403 -27.46 7.04 -16.55
C LYS D 403 -26.24 6.35 -15.91
N VAL D 404 -25.96 6.68 -14.64
CA VAL D 404 -24.88 6.06 -13.87
C VAL D 404 -25.34 5.77 -12.44
N LYS D 405 -25.13 4.53 -11.97
CA LYS D 405 -25.54 4.20 -10.61
C LYS D 405 -24.55 4.77 -9.62
N ARG D 406 -25.02 5.24 -8.48
CA ARG D 406 -24.15 5.85 -7.48
C ARG D 406 -23.12 4.88 -6.95
N ASN D 407 -22.02 5.40 -6.42
CA ASN D 407 -20.99 4.55 -5.82
C ASN D 407 -20.49 3.46 -6.73
N SER D 408 -20.73 3.63 -8.03
CA SER D 408 -20.29 2.69 -9.04
C SER D 408 -19.19 3.36 -9.81
N ALA D 409 -18.23 2.57 -10.32
CA ALA D 409 -17.07 3.10 -11.04
C ALA D 409 -17.43 4.13 -12.11
N GLU D 410 -18.60 3.93 -12.70
CA GLU D 410 -19.15 4.83 -13.71
C GLU D 410 -19.56 6.17 -13.10
N TYR D 411 -20.10 6.15 -11.88
CA TYR D 411 -20.41 7.36 -11.11
C TYR D 411 -19.17 8.24 -10.90
N TYR D 412 -18.09 7.64 -10.40
CA TYR D 412 -16.89 8.41 -10.12
C TYR D 412 -16.21 8.92 -11.39
N GLN D 413 -16.09 8.06 -12.39
CA GLN D 413 -15.51 8.53 -13.62
C GLN D 413 -16.27 9.77 -14.05
N ALA D 414 -17.61 9.67 -14.02
CA ALA D 414 -18.53 10.73 -14.47
C ALA D 414 -18.29 12.04 -13.77
N TYR D 415 -18.22 11.98 -12.45
CA TYR D 415 -17.99 13.17 -11.67
C TYR D 415 -16.56 13.69 -11.79
N SER D 416 -15.59 12.78 -11.98
CA SER D 416 -14.20 13.19 -12.22
C SER D 416 -14.00 13.89 -13.57
N GLU D 417 -14.67 13.39 -14.60
CA GLU D 417 -14.53 13.94 -15.94
C GLU D 417 -15.33 15.22 -16.12
N ALA D 418 -16.52 15.25 -15.53
CA ALA D 418 -17.46 16.35 -15.72
C ALA D 418 -16.84 17.72 -15.52
N SER D 419 -17.18 18.66 -16.39
CA SER D 419 -16.64 20.02 -16.30
C SER D 419 -17.59 20.89 -15.51
N HIS D 420 -18.79 20.37 -15.33
CA HIS D 420 -19.87 21.05 -14.62
C HIS D 420 -20.69 20.03 -13.81
N TRP D 421 -20.93 20.36 -12.54
CA TRP D 421 -21.85 19.58 -11.73
C TRP D 421 -23.10 20.38 -11.56
N VAL D 422 -24.24 19.76 -11.79
CA VAL D 422 -25.51 20.42 -11.59
C VAL D 422 -26.33 19.62 -10.60
N SER D 423 -26.60 20.23 -9.46
CA SER D 423 -27.42 19.60 -8.44
C SER D 423 -28.28 20.61 -7.71
N ASN D 424 -29.25 20.06 -6.97
CA ASN D 424 -30.24 20.84 -6.26
C ASN D 424 -30.23 20.44 -4.80
N ALA D 425 -29.23 19.64 -4.46
CA ALA D 425 -29.00 19.21 -3.09
C ALA D 425 -27.51 19.19 -2.86
N ARG D 426 -27.08 18.56 -1.77
CA ARG D 426 -25.68 18.49 -1.48
C ARG D 426 -25.11 17.29 -2.17
N THR D 427 -24.02 17.49 -2.88
CA THR D 427 -23.28 16.36 -3.41
C THR D 427 -22.24 16.01 -2.35
N PRO D 428 -21.91 14.73 -2.23
CA PRO D 428 -21.04 14.16 -1.17
C PRO D 428 -19.62 14.72 -1.12
N LEU D 429 -19.04 14.74 0.08
CA LEU D 429 -17.73 15.36 0.22
C LEU D 429 -16.58 14.44 -0.22
N TYR D 430 -16.84 13.14 -0.37
CA TYR D 430 -15.80 12.27 -0.87
C TYR D 430 -15.59 12.51 -2.35
N LEU D 431 -16.48 13.27 -2.97
CA LEU D 431 -16.28 13.66 -4.37
C LEU D 431 -15.45 14.93 -4.44
N ASN D 432 -14.46 14.95 -5.34
CA ASN D 432 -13.52 16.06 -5.41
C ASN D 432 -13.89 17.10 -6.46
N LYS D 433 -14.09 18.34 -6.01
CA LYS D 433 -14.46 19.43 -6.91
C LYS D 433 -13.26 20.29 -7.26
N LYS D 434 -12.62 19.94 -8.38
CA LYS D 434 -11.33 20.50 -8.78
C LYS D 434 -11.39 21.98 -9.16
N GLU D 435 -10.22 22.62 -9.26
CA GLU D 435 -10.20 24.06 -9.51
C GLU D 435 -10.70 24.40 -10.93
N ASN D 436 -10.76 23.37 -11.77
CA ASN D 436 -11.14 23.51 -13.19
C ASN D 436 -12.52 22.92 -13.51
N GLN D 437 -13.25 22.58 -12.46
CA GLN D 437 -14.62 22.11 -12.57
C GLN D 437 -15.57 23.14 -11.96
N THR D 438 -16.77 23.26 -12.53
CA THR D 438 -17.74 24.28 -12.12
C THR D 438 -18.98 23.64 -11.54
N TYR D 439 -19.16 23.78 -10.23
CA TYR D 439 -20.24 23.14 -9.48
C TYR D 439 -21.39 24.10 -9.24
N ILE D 440 -22.43 24.00 -10.06
CA ILE D 440 -23.62 24.85 -9.93
C ILE D 440 -24.68 24.29 -8.96
N GLN D 441 -24.97 25.01 -7.88
CA GLN D 441 -25.98 24.57 -6.93
C GLN D 441 -27.28 25.35 -7.09
N THR D 442 -28.38 24.65 -7.34
CA THR D 442 -29.67 25.31 -7.50
C THR D 442 -30.47 25.36 -6.22
N TRP D 443 -30.05 24.55 -5.25
CA TRP D 443 -30.82 24.34 -4.03
C TRP D 443 -32.28 24.00 -4.35
N ASN D 444 -33.16 24.07 -3.36
CA ASN D 444 -34.42 23.44 -3.56
C ASN D 444 -35.61 24.12 -2.91
N GLY D 445 -35.64 25.45 -2.96
CA GLY D 445 -36.81 26.18 -2.54
C GLY D 445 -36.48 27.43 -1.76
N THR D 446 -37.50 28.22 -1.48
CA THR D 446 -37.35 29.40 -0.64
C THR D 446 -37.55 28.98 0.81
N PRO D 447 -36.57 29.25 1.67
CA PRO D 447 -36.52 28.73 3.05
C PRO D 447 -37.61 29.28 3.96
N LEU D 448 -38.17 28.41 4.79
CA LEU D 448 -39.00 28.88 5.88
C LEU D 448 -38.25 28.61 7.15
N LYS D 449 -38.22 27.34 7.54
CA LYS D 449 -37.50 26.94 8.75
C LYS D 449 -36.02 27.26 8.57
N ARG D 450 -35.32 27.53 9.68
CA ARG D 450 -33.92 27.91 9.58
C ARG D 450 -33.12 26.76 8.99
N LEU D 451 -32.01 27.06 8.34
CA LEU D 451 -31.18 26.02 7.73
C LEU D 451 -29.71 26.28 7.87
N ALA D 452 -28.92 25.23 7.65
CA ALA D 452 -27.47 25.37 7.62
C ALA D 452 -26.94 26.13 8.82
N ASN D 453 -26.14 27.15 8.55
CA ASN D 453 -25.54 27.97 9.60
C ASN D 453 -26.56 28.48 10.62
N ASP D 454 -27.63 29.11 10.16
CA ASP D 454 -28.54 29.80 11.05
C ASP D 454 -29.20 28.91 12.12
N MET D 455 -29.01 27.60 12.04
CA MET D 455 -29.66 26.69 12.99
C MET D 455 -29.11 26.86 14.41
N LYS D 456 -29.96 26.66 15.41
CA LYS D 456 -29.57 26.82 16.80
C LYS D 456 -29.01 25.52 17.40
N VAL D 457 -29.87 24.52 17.55
CA VAL D 457 -29.42 23.16 17.87
C VAL D 457 -29.93 22.18 16.82
N VAL D 458 -29.13 21.15 16.56
CA VAL D 458 -29.48 20.12 15.58
C VAL D 458 -28.89 18.79 16.01
N ARG D 459 -29.54 18.12 16.97
CA ARG D 459 -29.03 16.85 17.48
C ARG D 459 -29.29 15.71 16.49
N MET D 460 -28.91 15.93 15.23
CA MET D 460 -29.06 14.93 14.17
C MET D 460 -28.46 13.58 14.56
N PRO D 461 -28.76 12.55 13.76
CA PRO D 461 -28.23 11.21 14.00
C PRO D 461 -26.70 11.18 13.97
N GLY D 462 -26.09 10.75 15.07
CA GLY D 462 -24.66 10.53 15.13
C GLY D 462 -23.80 11.69 14.65
N THR D 463 -24.30 12.92 14.83
CA THR D 463 -23.51 14.15 14.59
C THR D 463 -23.80 15.32 15.57
N THR D 464 -22.78 16.13 15.82
CA THR D 464 -22.89 17.29 16.72
C THR D 464 -23.24 18.58 15.95
N THR D 465 -23.81 19.55 16.64
CA THR D 465 -24.19 20.80 15.99
C THR D 465 -23.06 21.44 15.17
N PRO D 466 -21.83 21.48 15.72
CA PRO D 466 -20.71 21.99 14.92
C PRO D 466 -20.23 21.02 13.85
N LYS D 467 -19.91 19.78 14.19
CA LYS D 467 -19.42 18.84 13.17
C LYS D 467 -20.40 18.77 12.00
N TYR D 468 -21.66 19.12 12.24
CA TYR D 468 -22.65 19.16 11.17
C TYR D 468 -22.54 20.43 10.37
N LYS D 469 -22.27 21.53 11.03
CA LYS D 469 -22.13 22.80 10.34
C LYS D 469 -20.77 22.85 9.68
N ARG D 470 -19.74 22.36 10.38
CA ARG D 470 -18.40 22.34 9.81
C ARG D 470 -18.48 21.72 8.44
N ASN D 471 -19.36 20.75 8.31
CA ASN D 471 -19.48 20.04 7.06
C ASN D 471 -20.31 20.76 6.04
N PHE D 472 -21.42 21.37 6.46
CA PHE D 472 -22.20 22.12 5.50
C PHE D 472 -21.27 23.13 4.80
N ASN D 473 -20.44 23.79 5.61
CA ASN D 473 -19.57 24.85 5.12
C ASN D 473 -18.60 24.31 4.09
N ARG D 474 -18.07 23.12 4.35
CA ARG D 474 -17.20 22.46 3.40
C ARG D 474 -17.92 22.21 2.11
N GLU D 475 -19.22 21.96 2.20
CA GLU D 475 -20.04 21.74 1.00
C GLU D 475 -20.30 23.07 0.28
N THR D 476 -20.85 24.05 0.99
CA THR D 476 -21.25 25.31 0.36
C THR D 476 -20.08 26.09 -0.23
N SER D 477 -18.87 25.80 0.22
CA SER D 477 -17.71 26.49 -0.32
C SER D 477 -17.43 25.96 -1.72
N ARG D 478 -17.81 24.72 -1.96
CA ARG D 478 -17.57 24.11 -3.24
C ARG D 478 -18.50 24.68 -4.30
N TRP D 479 -19.62 25.24 -3.84
CA TRP D 479 -20.59 25.81 -4.76
C TRP D 479 -20.02 27.03 -5.44
N ASP D 480 -19.92 26.97 -6.77
CA ASP D 480 -19.43 28.07 -7.59
C ASP D 480 -20.55 29.06 -7.85
N TYR D 481 -21.69 28.54 -8.26
CA TYR D 481 -22.87 29.36 -8.47
C TYR D 481 -24.02 28.81 -7.65
N LEU D 482 -24.75 29.68 -6.96
CA LEU D 482 -25.89 29.27 -6.16
C LEU D 482 -27.08 30.04 -6.66
N ILE D 483 -28.14 29.33 -7.02
CA ILE D 483 -29.32 29.96 -7.59
C ILE D 483 -30.27 30.47 -6.53
N SER D 484 -30.74 31.70 -6.67
CA SER D 484 -31.64 32.30 -5.69
C SER D 484 -32.97 32.71 -6.30
N PRO D 485 -34.06 32.56 -5.55
CA PRO D 485 -35.44 32.75 -6.03
C PRO D 485 -35.99 34.15 -5.80
N ASN D 486 -35.36 34.92 -4.93
CA ASN D 486 -35.98 36.13 -4.40
C ASN D 486 -35.11 36.78 -3.34
N ARG D 487 -35.07 38.12 -3.33
CA ARG D 487 -34.18 38.84 -2.44
C ARG D 487 -34.22 38.28 -1.02
N TYR D 488 -35.42 38.09 -0.49
CA TYR D 488 -35.60 37.48 0.82
C TYR D 488 -34.61 36.32 1.03
N SER D 489 -34.54 35.43 0.05
CA SER D 489 -33.70 34.23 0.13
C SER D 489 -32.20 34.50 0.07
N THR D 490 -31.80 35.40 -0.82
CA THR D 490 -30.39 35.76 -1.00
C THR D 490 -29.79 36.27 0.31
N GLU D 491 -30.55 37.09 1.02
CA GLU D 491 -30.14 37.61 2.32
C GLU D 491 -29.92 36.46 3.28
N ILE D 492 -30.83 35.50 3.25
CA ILE D 492 -30.76 34.33 4.10
C ILE D 492 -29.60 33.43 3.69
N PHE D 493 -29.58 33.06 2.40
CA PHE D 493 -28.46 32.28 1.86
C PHE D 493 -27.10 32.82 2.31
N ARG D 494 -26.85 34.10 2.09
CA ARG D 494 -25.56 34.69 2.43
C ARG D 494 -25.07 34.35 3.86
N SER D 495 -26.00 34.22 4.79
CA SER D 495 -25.66 33.82 6.17
C SER D 495 -25.76 32.32 6.35
N ALA D 496 -26.89 31.75 5.92
CA ALA D 496 -27.17 30.32 6.05
C ALA D 496 -26.06 29.46 5.46
N PHE D 497 -25.58 29.86 4.29
CA PHE D 497 -24.65 29.05 3.50
C PHE D 497 -23.24 29.61 3.39
N TRP D 498 -22.90 30.60 4.21
CA TRP D 498 -21.55 31.14 4.21
C TRP D 498 -21.15 31.82 2.89
N MET D 499 -22.13 31.99 2.01
CA MET D 499 -21.93 32.47 0.64
C MET D 499 -21.57 33.94 0.48
N ASP D 500 -20.94 34.28 -0.64
CA ASP D 500 -20.69 35.67 -1.00
C ASP D 500 -21.67 36.01 -2.12
N GLU D 501 -22.26 37.19 -2.07
CA GLU D 501 -23.32 37.54 -3.02
C GLU D 501 -22.88 37.41 -4.49
N GLU D 502 -21.58 37.44 -4.74
CA GLU D 502 -21.08 37.34 -6.11
C GLU D 502 -21.57 36.05 -6.76
N ARG D 503 -21.46 34.96 -6.01
CA ARG D 503 -21.72 33.62 -6.54
C ARG D 503 -23.21 33.31 -6.66
N ILE D 504 -24.03 34.17 -6.09
CA ILE D 504 -25.48 34.02 -6.12
C ILE D 504 -26.15 34.51 -7.41
N LEU D 505 -27.26 33.87 -7.75
CA LEU D 505 -27.96 34.17 -9.00
C LEU D 505 -29.46 34.32 -8.77
N GLU D 506 -29.91 35.54 -8.51
CA GLU D 506 -31.34 35.83 -8.34
C GLU D 506 -32.07 35.79 -9.66
N ILE D 507 -32.41 34.58 -10.10
CA ILE D 507 -32.98 34.34 -11.42
C ILE D 507 -34.17 33.39 -11.36
N GLY D 508 -34.72 33.19 -10.16
CA GLY D 508 -35.82 32.24 -9.97
C GLY D 508 -35.34 30.82 -10.11
N TYR D 509 -36.23 29.85 -9.90
CA TYR D 509 -35.83 28.44 -10.03
C TYR D 509 -36.19 27.90 -11.39
N PRO D 510 -35.26 27.19 -12.01
CA PRO D 510 -35.59 26.48 -13.27
C PRO D 510 -36.82 25.59 -13.10
N ARG D 511 -36.98 24.96 -11.95
CA ARG D 511 -38.08 24.02 -11.75
C ARG D 511 -39.42 24.73 -11.89
N ASN D 512 -39.44 26.03 -11.63
CA ASN D 512 -40.70 26.75 -11.66
C ASN D 512 -41.03 27.30 -13.06
N ASP D 513 -40.07 27.20 -13.98
CA ASP D 513 -40.26 27.57 -15.38
C ASP D 513 -41.70 27.46 -15.88
N VAL D 514 -42.29 26.27 -15.74
CA VAL D 514 -43.59 26.01 -16.31
C VAL D 514 -44.67 26.81 -15.63
N LEU D 515 -44.46 27.15 -14.36
CA LEU D 515 -45.45 27.92 -13.61
C LEU D 515 -45.64 29.32 -14.15
N VAL D 516 -44.90 29.69 -15.19
CA VAL D 516 -45.11 30.97 -15.83
C VAL D 516 -45.41 30.79 -17.32
N ASN D 517 -44.62 29.95 -17.98
CA ASN D 517 -44.74 29.77 -19.42
C ASN D 517 -45.92 28.90 -19.89
N ARG D 518 -46.46 28.09 -18.98
CA ARG D 518 -47.42 27.04 -19.31
C ARG D 518 -48.66 27.05 -18.43
N ALA D 519 -48.91 28.16 -17.75
CA ALA D 519 -50.00 28.23 -16.77
C ALA D 519 -51.36 28.23 -17.45
N ASN D 520 -51.38 28.52 -18.74
CA ASN D 520 -52.64 28.66 -19.48
C ASN D 520 -52.68 27.78 -20.73
N ASP D 521 -51.51 27.32 -21.17
CA ASP D 521 -51.42 26.30 -22.19
C ASP D 521 -52.28 25.10 -21.78
N GLN D 522 -53.50 25.04 -22.31
CA GLN D 522 -54.52 24.12 -21.80
C GLN D 522 -54.35 22.65 -22.19
N GLU D 523 -54.03 22.39 -23.45
CA GLU D 523 -53.84 21.01 -23.88
C GLU D 523 -52.90 20.31 -22.92
N TYR D 524 -51.94 21.07 -22.41
CA TYR D 524 -50.94 20.57 -21.47
C TYR D 524 -51.55 20.23 -20.13
N LEU D 525 -52.34 21.16 -19.59
CA LEU D 525 -53.03 20.91 -18.33
C LEU D 525 -53.90 19.67 -18.45
N ASP D 526 -54.43 19.42 -19.65
CA ASP D 526 -55.33 18.30 -19.92
C ASP D 526 -54.59 16.96 -20.07
N GLU D 527 -53.31 17.01 -20.44
CA GLU D 527 -52.47 15.81 -20.50
C GLU D 527 -52.01 15.37 -19.12
N ILE D 528 -51.78 16.34 -18.23
CA ILE D 528 -51.39 16.04 -16.86
C ILE D 528 -52.54 15.35 -16.14
N ARG D 529 -53.72 15.98 -16.17
CA ARG D 529 -54.90 15.50 -15.45
C ARG D 529 -55.28 14.08 -15.84
N THR D 530 -55.22 13.76 -17.13
CA THR D 530 -55.58 12.42 -17.62
C THR D 530 -54.42 11.44 -17.50
N HIS D 531 -53.23 11.93 -17.17
CA HIS D 531 -52.07 11.08 -16.92
C HIS D 531 -52.16 10.59 -15.49
N LEU D 532 -53.01 11.23 -14.70
CA LEU D 532 -53.20 10.92 -13.29
C LEU D 532 -54.50 10.16 -13.03
N ASN D 533 -55.46 10.25 -13.96
CA ASN D 533 -56.78 9.62 -13.82
C ASN D 533 -57.74 10.40 -12.91
N LEU D 534 -57.96 11.67 -13.25
CA LEU D 534 -58.77 12.55 -12.41
C LEU D 534 -60.15 12.82 -12.99
N PRO D 535 -61.17 12.80 -12.14
CA PRO D 535 -62.57 13.10 -12.48
C PRO D 535 -62.71 14.46 -13.16
N SER D 536 -63.39 14.47 -14.30
CA SER D 536 -63.49 15.66 -15.15
C SER D 536 -64.36 16.76 -14.54
N ASP D 537 -65.07 16.41 -13.46
CA ASP D 537 -66.07 17.29 -12.86
C ASP D 537 -65.65 17.88 -11.51
N LYS D 538 -64.37 17.81 -11.20
CA LYS D 538 -63.89 18.22 -9.89
C LYS D 538 -62.73 19.21 -9.89
N LYS D 539 -62.83 20.19 -8.99
CA LYS D 539 -61.71 21.06 -8.65
C LYS D 539 -60.66 20.20 -7.95
N VAL D 540 -59.42 20.69 -7.87
CA VAL D 540 -58.36 19.88 -7.31
C VAL D 540 -57.68 20.54 -6.10
N ILE D 541 -57.71 19.85 -4.96
CA ILE D 541 -57.03 20.34 -3.78
C ILE D 541 -55.77 19.53 -3.62
N MET D 542 -54.63 20.17 -3.42
CA MET D 542 -53.38 19.46 -3.22
C MET D 542 -52.87 19.64 -1.80
N TYR D 543 -52.74 18.53 -1.07
CA TYR D 543 -52.33 18.59 0.31
C TYR D 543 -50.91 18.13 0.35
N ALA D 544 -50.00 19.03 0.73
CA ALA D 544 -48.57 18.72 0.79
C ALA D 544 -48.02 19.00 2.17
N PRO D 545 -48.39 18.16 3.15
CA PRO D 545 -47.93 18.39 4.52
C PRO D 545 -46.43 18.37 4.54
N THR D 546 -45.85 18.16 5.71
CA THR D 546 -44.39 18.08 5.80
C THR D 546 -43.95 17.56 7.16
N TRP D 547 -43.40 16.35 7.13
CA TRP D 547 -42.27 15.91 8.00
C TRP D 547 -42.38 14.97 9.24
N ARG D 548 -42.30 13.67 8.90
CA ARG D 548 -41.85 12.54 9.75
C ARG D 548 -42.70 11.28 9.59
N LEU D 562 -53.84 11.48 7.61
CA LEU D 562 -54.74 11.13 8.73
C LEU D 562 -55.19 12.36 9.50
N LYS D 563 -54.29 13.30 9.73
CA LYS D 563 -54.58 14.45 10.57
C LYS D 563 -55.75 15.31 10.08
N ILE D 564 -55.86 15.44 8.75
CA ILE D 564 -56.85 16.29 8.08
C ILE D 564 -58.28 15.72 8.06
N ASP D 565 -58.45 14.52 8.60
CA ASP D 565 -59.72 13.79 8.59
C ASP D 565 -60.31 13.58 7.19
N LEU D 566 -59.83 12.54 6.50
CA LEU D 566 -60.32 12.20 5.15
C LEU D 566 -61.82 11.91 5.15
N ASP D 567 -62.25 11.09 6.09
CA ASP D 567 -63.65 10.77 6.20
C ASP D 567 -64.48 12.05 6.17
N ASN D 568 -63.98 13.11 6.79
CA ASN D 568 -64.75 14.34 6.90
C ASN D 568 -64.63 15.16 5.63
N LEU D 569 -63.46 15.17 5.02
CA LEU D 569 -63.28 15.94 3.80
C LEU D 569 -64.13 15.33 2.68
N TYR D 570 -64.35 14.02 2.77
CA TYR D 570 -65.16 13.27 1.80
C TYR D 570 -66.65 13.60 1.95
N LYS D 571 -67.13 13.66 3.19
CA LYS D 571 -68.52 14.07 3.46
C LYS D 571 -68.73 15.57 3.20
N GLU D 572 -67.65 16.35 3.19
CA GLU D 572 -67.78 17.79 3.05
C GLU D 572 -67.50 18.27 1.64
N LEU D 573 -66.60 17.58 0.97
CA LEU D 573 -66.01 18.10 -0.25
C LEU D 573 -66.08 17.17 -1.46
N GLY D 574 -66.59 15.96 -1.25
CA GLY D 574 -66.58 14.92 -2.27
C GLY D 574 -67.31 15.22 -3.58
N ASP D 575 -68.17 16.22 -3.54
CA ASP D 575 -69.02 16.59 -4.67
C ASP D 575 -68.41 17.68 -5.57
N ASP D 576 -67.50 18.49 -5.03
CA ASP D 576 -66.87 19.53 -5.84
C ASP D 576 -65.41 19.21 -6.05
N TYR D 577 -64.84 18.42 -5.16
CA TYR D 577 -63.40 18.26 -5.15
C TYR D 577 -62.89 16.83 -5.16
N VAL D 578 -61.64 16.74 -5.57
CA VAL D 578 -60.82 15.57 -5.39
C VAL D 578 -59.59 16.15 -4.70
N ILE D 579 -58.91 15.35 -3.88
CA ILE D 579 -57.74 15.86 -3.14
C ILE D 579 -56.48 15.03 -3.37
N LEU D 580 -55.43 15.69 -3.85
CA LEU D 580 -54.12 15.08 -4.05
C LEU D 580 -53.30 15.12 -2.76
N LEU D 581 -52.83 13.95 -2.33
CA LEU D 581 -52.01 13.85 -1.12
C LEU D 581 -50.56 13.63 -1.52
N ARG D 582 -49.69 14.54 -1.14
CA ARG D 582 -48.28 14.36 -1.48
C ARG D 582 -47.39 14.49 -0.26
N MET D 583 -46.54 13.49 -0.07
CA MET D 583 -45.55 13.49 1.02
C MET D 583 -44.16 13.92 0.53
N HIS D 584 -43.24 14.10 1.47
CA HIS D 584 -41.84 14.36 1.17
C HIS D 584 -41.06 13.05 1.37
N TYR D 585 -41.53 12.23 2.32
CA TYR D 585 -40.85 10.98 2.70
C TYR D 585 -41.73 9.86 3.26
N LEU D 586 -41.97 8.84 2.44
CA LEU D 586 -42.12 7.45 2.93
C LEU D 586 -43.44 7.03 3.61
N ILE D 587 -44.10 7.94 4.32
CA ILE D 587 -45.36 7.61 5.01
C ILE D 587 -46.36 6.99 4.03
N SER D 588 -46.17 7.29 2.74
CA SER D 588 -47.15 6.98 1.69
C SER D 588 -47.77 5.58 1.77
N ASN D 589 -46.95 4.53 1.74
CA ASN D 589 -47.47 3.16 1.74
C ASN D 589 -48.10 2.74 3.07
N ALA D 590 -48.69 3.72 3.76
CA ALA D 590 -49.48 3.47 4.97
C ALA D 590 -50.86 4.10 4.82
N LEU D 591 -51.02 4.94 3.80
CA LEU D 591 -52.31 5.58 3.53
C LEU D 591 -53.21 4.62 2.77
N ASP D 592 -53.84 3.69 3.48
CA ASP D 592 -54.82 2.79 2.86
C ASP D 592 -56.08 3.57 2.46
N LEU D 593 -56.02 4.24 1.31
CA LEU D 593 -57.08 5.14 0.87
C LEU D 593 -58.35 4.42 0.37
N SER D 594 -58.54 3.16 0.76
CA SER D 594 -59.72 2.40 0.38
C SER D 594 -61.01 3.10 0.79
N GLY D 595 -61.95 3.17 -0.12
CA GLY D 595 -63.21 3.84 0.14
C GLY D 595 -63.10 5.34 -0.02
N TYR D 596 -61.98 5.77 -0.60
CA TYR D 596 -61.75 7.18 -0.88
C TYR D 596 -61.24 7.28 -2.30
N GLU D 597 -61.36 6.17 -3.00
CA GLU D 597 -61.02 6.10 -4.42
C GLU D 597 -61.84 7.13 -5.20
N ASN D 598 -61.20 7.80 -6.14
CA ASN D 598 -61.87 8.84 -6.93
C ASN D 598 -62.07 10.10 -6.10
N PHE D 599 -61.56 10.09 -4.87
CA PHE D 599 -61.62 11.28 -4.06
C PHE D 599 -60.27 11.67 -3.48
N ALA D 600 -59.68 10.75 -2.74
CA ALA D 600 -58.33 10.97 -2.27
C ALA D 600 -57.38 10.25 -3.20
N ILE D 601 -56.61 11.01 -3.97
CA ILE D 601 -55.65 10.40 -4.87
C ILE D 601 -54.28 10.56 -4.28
N ASP D 602 -53.62 9.44 -4.01
CA ASP D 602 -52.24 9.49 -3.58
C ASP D 602 -51.34 9.85 -4.75
N VAL D 603 -50.64 10.97 -4.62
CA VAL D 603 -49.82 11.50 -5.70
C VAL D 603 -48.40 11.64 -5.15
N SER D 604 -48.07 10.81 -4.17
CA SER D 604 -46.81 10.92 -3.47
C SER D 604 -45.61 10.63 -4.38
N ASN D 605 -45.74 9.63 -5.23
CA ASN D 605 -44.58 9.13 -5.99
C ASN D 605 -44.48 9.69 -7.39
N TYR D 606 -45.27 10.71 -7.67
CA TYR D 606 -45.30 11.38 -8.97
C TYR D 606 -44.01 12.18 -9.10
N ASN D 607 -43.51 12.39 -10.31
CA ASN D 607 -42.19 12.98 -10.44
C ASN D 607 -42.14 14.49 -10.36
N ASP D 608 -42.79 15.14 -11.32
CA ASP D 608 -42.70 16.59 -11.40
C ASP D 608 -43.78 17.32 -10.59
N VAL D 609 -43.39 17.81 -9.42
CA VAL D 609 -44.29 18.53 -8.52
C VAL D 609 -44.87 19.79 -9.17
N SER D 610 -44.06 20.49 -9.94
CA SER D 610 -44.49 21.74 -10.54
C SER D 610 -45.74 21.52 -11.37
N GLU D 611 -45.85 20.36 -12.01
CA GLU D 611 -47.01 20.03 -12.83
C GLU D 611 -48.24 19.97 -11.94
N LEU D 612 -48.16 19.16 -10.88
CA LEU D 612 -49.20 19.13 -9.85
C LEU D 612 -49.74 20.52 -9.50
N PHE D 613 -48.86 21.49 -9.26
CA PHE D 613 -49.35 22.83 -8.93
C PHE D 613 -50.26 23.36 -10.02
N LEU D 614 -49.88 23.14 -11.28
CA LEU D 614 -50.59 23.73 -12.44
C LEU D 614 -52.07 23.33 -12.52
N ILE D 615 -52.35 22.12 -12.06
CA ILE D 615 -53.66 21.53 -12.11
C ILE D 615 -54.33 21.61 -10.74
N SER D 616 -53.71 22.36 -9.83
CA SER D 616 -54.22 22.51 -8.47
C SER D 616 -54.89 23.86 -8.27
N ASP D 617 -56.16 23.81 -7.84
CA ASP D 617 -56.98 24.99 -7.66
C ASP D 617 -56.73 25.70 -6.35
N CYS D 618 -56.32 24.95 -5.34
CA CYS D 618 -55.80 25.53 -4.11
C CYS D 618 -54.83 24.51 -3.56
N LEU D 619 -54.00 24.92 -2.60
CA LEU D 619 -53.03 24.01 -2.00
C LEU D 619 -53.07 24.07 -0.49
N ILE D 620 -53.27 22.93 0.16
CA ILE D 620 -53.15 22.86 1.61
C ILE D 620 -51.75 22.39 2.01
N THR D 621 -51.05 23.20 2.78
CA THR D 621 -49.74 22.84 3.33
C THR D 621 -49.61 23.28 4.77
N ASP D 622 -48.42 23.12 5.34
CA ASP D 622 -48.16 23.68 6.67
C ASP D 622 -46.88 24.54 6.75
N TYR D 623 -45.72 23.90 6.65
CA TYR D 623 -44.46 24.64 6.77
C TYR D 623 -43.51 24.38 5.61
N SER D 624 -44.04 23.87 4.50
CA SER D 624 -43.20 23.53 3.35
C SER D 624 -42.77 24.78 2.60
N SER D 625 -41.79 24.63 1.73
CA SER D 625 -41.31 25.74 0.92
C SER D 625 -42.03 25.68 -0.42
N VAL D 626 -42.88 24.68 -0.60
CA VAL D 626 -43.70 24.61 -1.80
C VAL D 626 -44.62 25.80 -1.80
N MET D 627 -44.87 26.34 -0.62
CA MET D 627 -45.83 27.43 -0.49
C MET D 627 -45.35 28.69 -1.22
N PHE D 628 -44.05 28.81 -1.47
CA PHE D 628 -43.52 29.95 -2.20
C PHE D 628 -43.53 29.68 -3.70
N ASP D 629 -43.17 28.47 -4.09
CA ASP D 629 -43.23 28.12 -5.48
C ASP D 629 -44.68 28.28 -5.96
N TYR D 630 -45.59 27.60 -5.27
CA TYR D 630 -47.01 27.59 -5.65
C TYR D 630 -47.63 28.98 -5.72
N GLY D 631 -47.27 29.84 -4.77
CA GLY D 631 -47.81 31.19 -4.71
C GLY D 631 -47.66 31.94 -6.02
N ILE D 632 -46.71 31.51 -6.84
CA ILE D 632 -46.45 32.11 -8.15
C ILE D 632 -47.69 32.19 -9.03
N LEU D 633 -48.63 31.27 -8.82
CA LEU D 633 -49.87 31.18 -9.61
C LEU D 633 -51.01 32.02 -9.03
N LYS D 634 -50.73 32.71 -7.92
CA LYS D 634 -51.68 33.62 -7.29
C LYS D 634 -53.04 32.94 -6.99
N ARG D 635 -52.97 31.64 -6.70
CA ARG D 635 -54.11 30.84 -6.27
C ARG D 635 -54.20 30.92 -4.75
N PRO D 636 -55.29 30.39 -4.16
CA PRO D 636 -55.45 30.39 -2.70
C PRO D 636 -54.61 29.33 -2.00
N GLN D 637 -54.19 29.61 -0.77
CA GLN D 637 -53.50 28.62 0.03
C GLN D 637 -54.08 28.56 1.42
N PHE D 638 -54.04 27.37 2.02
CA PHE D 638 -54.51 27.12 3.36
C PHE D 638 -53.39 26.49 4.16
N PHE D 639 -53.13 27.03 5.35
CA PHE D 639 -52.06 26.49 6.16
C PHE D 639 -52.57 25.72 7.37
N PHE D 640 -52.66 24.40 7.22
CA PHE D 640 -53.19 23.50 8.24
C PHE D 640 -52.08 23.11 9.20
N ALA D 641 -51.89 23.95 10.22
CA ALA D 641 -50.83 23.74 11.20
C ALA D 641 -51.36 23.05 12.44
N TYR D 642 -51.63 21.74 12.32
CA TYR D 642 -52.14 20.98 13.44
C TYR D 642 -51.12 20.99 14.59
N ASP D 643 -49.84 20.97 14.26
CA ASP D 643 -48.80 21.02 15.29
C ASP D 643 -48.14 22.40 15.48
N ILE D 644 -48.95 23.47 15.51
CA ILE D 644 -48.40 24.81 15.75
C ILE D 644 -48.19 25.06 17.24
N ASP D 645 -49.07 24.50 18.07
CA ASP D 645 -48.96 24.59 19.52
C ASP D 645 -47.64 24.02 20.02
N LYS D 646 -47.22 22.90 19.44
CA LYS D 646 -45.99 22.21 19.82
C LYS D 646 -44.80 22.71 18.97
N TYR D 647 -44.73 24.03 18.77
CA TYR D 647 -43.68 24.67 17.99
C TYR D 647 -43.37 26.07 18.56
N ASP D 648 -43.46 26.19 19.88
CA ASP D 648 -43.16 27.45 20.57
C ASP D 648 -44.31 28.46 20.47
N GLY D 653 -38.57 31.79 15.00
CA GLY D 653 -37.84 30.61 14.58
C GLY D 653 -37.91 30.33 13.08
N PHE D 654 -38.85 30.99 12.40
CA PHE D 654 -38.89 30.98 10.94
C PHE D 654 -38.29 32.28 10.43
N TYR D 655 -37.83 32.27 9.18
CA TYR D 655 -37.16 33.42 8.59
C TYR D 655 -38.10 34.57 8.26
N MET D 656 -39.40 34.26 8.25
CA MET D 656 -40.39 35.31 8.08
C MET D 656 -41.43 35.19 9.16
N ASN D 657 -42.22 36.25 9.32
CA ASN D 657 -43.24 36.25 10.36
C ASN D 657 -44.40 35.39 9.91
N TYR D 658 -44.48 34.18 10.45
CA TYR D 658 -45.40 33.15 9.93
C TYR D 658 -46.84 33.34 10.32
N MET D 659 -47.07 33.81 11.55
CA MET D 659 -48.41 33.97 12.03
C MET D 659 -49.08 35.11 11.29
N GLU D 660 -48.29 36.12 10.94
CA GLU D 660 -48.81 37.35 10.37
C GLU D 660 -49.12 37.24 8.87
N ASP D 661 -48.08 37.30 8.04
CA ASP D 661 -48.28 37.50 6.61
C ASP D 661 -47.94 36.30 5.71
N LEU D 662 -48.96 35.49 5.44
CA LEU D 662 -48.91 34.48 4.37
C LEU D 662 -50.26 34.44 3.61
N PRO D 663 -50.29 33.78 2.44
CA PRO D 663 -51.38 34.07 1.51
C PRO D 663 -52.73 33.49 1.91
N GLY D 664 -52.80 32.84 3.07
CA GLY D 664 -54.01 32.14 3.43
C GLY D 664 -54.27 32.04 4.91
N PRO D 665 -55.42 31.45 5.28
CA PRO D 665 -55.86 31.21 6.65
C PRO D 665 -55.01 30.15 7.34
N ILE D 666 -54.74 30.32 8.63
CA ILE D 666 -54.03 29.31 9.38
C ILE D 666 -54.99 28.50 10.24
N TYR D 667 -55.30 27.27 9.83
CA TYR D 667 -56.20 26.41 10.59
C TYR D 667 -55.44 25.39 11.43
N THR D 668 -55.89 25.18 12.67
CA THR D 668 -55.27 24.18 13.55
C THR D 668 -56.12 22.92 13.69
N GLU D 669 -57.41 23.04 13.37
CA GLU D 669 -58.25 21.87 13.20
C GLU D 669 -58.70 21.82 11.75
N PRO D 670 -59.13 20.64 11.28
CA PRO D 670 -59.45 20.44 9.87
C PRO D 670 -60.90 20.75 9.56
N TYR D 671 -61.71 20.90 10.60
CA TYR D 671 -63.15 20.91 10.39
C TYR D 671 -63.69 22.24 9.90
N GLY D 672 -62.95 23.31 10.19
CA GLY D 672 -63.31 24.63 9.70
C GLY D 672 -62.56 24.93 8.41
N LEU D 673 -61.54 24.11 8.15
CA LEU D 673 -60.76 24.18 6.93
C LEU D 673 -61.68 23.65 5.84
N ALA D 674 -62.31 22.52 6.15
CA ALA D 674 -63.24 21.88 5.22
C ALA D 674 -64.34 22.82 4.81
N LYS D 675 -64.99 23.47 5.78
CA LYS D 675 -66.14 24.29 5.47
C LYS D 675 -65.74 25.50 4.64
N GLU D 676 -64.59 26.09 4.98
CA GLU D 676 -64.13 27.28 4.27
C GLU D 676 -63.51 26.94 2.93
N LEU D 677 -63.25 25.65 2.72
CA LEU D 677 -62.68 25.15 1.48
C LEU D 677 -63.82 24.79 0.53
N LYS D 678 -65.05 24.93 1.01
CA LYS D 678 -66.26 24.52 0.29
C LYS D 678 -66.59 25.53 -0.80
N ASN D 679 -66.29 26.81 -0.54
CA ASN D 679 -66.37 27.85 -1.54
C ASN D 679 -65.01 28.51 -1.72
N LEU D 680 -64.36 28.23 -2.85
CA LEU D 680 -62.99 28.69 -3.07
C LEU D 680 -62.86 30.17 -3.41
N ASP D 681 -63.95 30.78 -3.87
CA ASP D 681 -63.88 32.14 -4.41
C ASP D 681 -64.00 33.23 -3.35
N LYS D 682 -64.65 32.90 -2.24
CA LYS D 682 -64.72 33.82 -1.11
C LYS D 682 -63.36 33.90 -0.45
N VAL D 683 -62.65 32.77 -0.43
CA VAL D 683 -61.31 32.69 0.14
C VAL D 683 -60.33 33.48 -0.72
N GLN D 684 -60.57 33.47 -2.02
CA GLN D 684 -59.74 34.19 -2.98
C GLN D 684 -59.78 35.70 -2.76
N GLN D 685 -60.99 36.27 -2.75
CA GLN D 685 -61.18 37.71 -2.53
C GLN D 685 -60.71 38.11 -1.14
N GLN D 686 -61.18 37.36 -0.15
CA GLN D 686 -60.86 37.58 1.26
C GLN D 686 -59.36 37.64 1.49
N TYR D 687 -58.60 37.11 0.54
CA TYR D 687 -57.15 37.00 0.68
C TYR D 687 -56.40 37.52 -0.54
N GLN D 688 -57.11 38.10 -1.50
CA GLN D 688 -56.47 38.52 -2.75
C GLN D 688 -55.45 39.62 -2.49
N GLU D 689 -55.52 40.21 -1.31
CA GLU D 689 -54.55 41.24 -0.94
C GLU D 689 -53.31 40.60 -0.34
N LYS D 690 -53.54 39.69 0.60
CA LYS D 690 -52.47 38.93 1.24
C LYS D 690 -51.76 38.02 0.24
N ILE D 691 -52.48 37.63 -0.82
CA ILE D 691 -51.90 36.80 -1.87
C ILE D 691 -50.91 37.60 -2.71
N ASP D 692 -51.33 38.79 -3.12
CA ASP D 692 -50.49 39.66 -3.94
C ASP D 692 -49.25 40.13 -3.17
N ALA D 693 -49.43 40.38 -1.89
CA ALA D 693 -48.35 40.86 -1.04
C ALA D 693 -47.25 39.81 -1.02
N PHE D 694 -47.70 38.55 -0.98
CA PHE D 694 -46.86 37.36 -0.99
C PHE D 694 -46.18 37.15 -2.35
N TYR D 695 -46.97 37.15 -3.42
CA TYR D 695 -46.42 37.05 -4.77
C TYR D 695 -45.35 38.09 -4.99
N ASP D 696 -45.62 39.31 -4.57
CA ASP D 696 -44.71 40.44 -4.80
C ASP D 696 -43.45 40.40 -3.95
N ARG D 697 -43.40 39.53 -2.95
CA ARG D 697 -42.20 39.37 -2.13
C ARG D 697 -41.34 38.20 -2.60
N PHE D 698 -41.99 37.07 -2.88
CA PHE D 698 -41.28 35.81 -3.11
C PHE D 698 -41.30 35.30 -4.56
N CYS D 699 -42.27 35.74 -5.34
CA CYS D 699 -42.45 35.19 -6.68
C CYS D 699 -42.32 36.24 -7.77
N SER D 700 -41.84 37.41 -7.38
CA SER D 700 -41.71 38.56 -8.27
C SER D 700 -40.45 38.48 -9.11
N VAL D 701 -39.72 37.37 -8.96
CA VAL D 701 -38.40 37.22 -9.56
C VAL D 701 -38.37 36.13 -10.64
N ASP D 702 -39.22 35.12 -10.49
CA ASP D 702 -39.30 34.05 -11.46
C ASP D 702 -39.74 34.55 -12.84
N ASN D 703 -38.93 34.28 -13.86
CA ASN D 703 -39.25 34.60 -15.25
C ASN D 703 -39.81 33.40 -15.97
N GLY D 704 -39.10 32.29 -15.89
CA GLY D 704 -39.37 31.13 -16.72
C GLY D 704 -38.20 31.05 -17.66
N LYS D 705 -37.48 32.15 -17.74
CA LYS D 705 -36.23 32.18 -18.49
C LYS D 705 -35.12 31.51 -17.70
N ALA D 706 -35.35 31.30 -16.41
CA ALA D 706 -34.33 30.76 -15.50
C ALA D 706 -33.60 29.54 -16.07
N SER D 707 -34.34 28.45 -16.25
CA SER D 707 -33.84 27.24 -16.89
C SER D 707 -32.89 27.59 -18.06
N GLN D 708 -33.37 28.46 -18.95
CA GLN D 708 -32.57 28.98 -20.06
C GLN D 708 -31.26 29.57 -19.58
N TYR D 709 -31.35 30.51 -18.64
CA TYR D 709 -30.16 31.23 -18.15
C TYR D 709 -29.05 30.35 -17.60
N ILE D 710 -29.41 29.26 -16.92
CA ILE D 710 -28.40 28.31 -16.48
C ILE D 710 -27.81 27.61 -17.71
N GLY D 711 -28.66 26.99 -18.52
CA GLY D 711 -28.22 26.34 -19.74
C GLY D 711 -27.19 27.16 -20.51
N ASP D 712 -27.48 28.44 -20.70
CA ASP D 712 -26.56 29.36 -21.36
C ASP D 712 -25.26 29.49 -20.58
N LEU D 713 -25.36 29.94 -19.33
CA LEU D 713 -24.21 30.09 -18.47
C LEU D 713 -23.25 28.95 -18.73
N ILE D 714 -23.71 27.71 -18.56
CA ILE D 714 -22.86 26.53 -18.79
C ILE D 714 -22.23 26.53 -20.17
N HIS D 715 -23.04 26.60 -21.22
CA HIS D 715 -22.53 26.66 -22.59
C HIS D 715 -21.41 27.69 -22.76
N LYS D 716 -21.69 28.92 -22.35
CA LYS D 716 -20.65 29.94 -22.25
C LYS D 716 -19.46 29.40 -21.46
N ASP D 717 -19.68 29.05 -20.20
CA ASP D 717 -18.62 28.52 -19.33
C ASP D 717 -17.86 27.32 -19.93
N ILE D 718 -18.33 26.82 -21.06
CA ILE D 718 -17.68 25.67 -21.67
C ILE D 718 -17.28 25.95 -23.12
N LYS D 719 -17.16 27.24 -23.44
CA LYS D 719 -16.42 27.68 -24.61
C LYS D 719 -15.07 28.18 -24.13
N GLU D 720 -15.07 29.05 -23.13
CA GLU D 720 -13.83 29.44 -22.48
C GLU D 720 -12.97 28.21 -22.25
N GLN D 721 -13.50 27.28 -21.46
CA GLN D 721 -12.80 26.05 -21.11
C GLN D 721 -12.81 25.07 -22.27
N LEU D 722 -12.61 25.59 -23.49
CA LEU D 722 -12.59 24.77 -24.71
C LEU D 722 -11.81 25.50 -25.81
N GLU D 723 -10.90 26.38 -25.38
CA GLU D 723 -10.21 27.27 -26.30
C GLU D 723 -8.73 27.44 -25.92
N HIS D 724 -8.33 28.67 -25.60
CA HIS D 724 -6.92 29.03 -25.37
C HIS D 724 -6.05 27.88 -24.86
#